data_8A71
# 
_entry.id   8A71 
# 
_audit_conform.dict_name       mmcif_pdbx.dic 
_audit_conform.dict_version    5.385 
_audit_conform.dict_location   http://mmcif.pdb.org/dictionaries/ascii/mmcif_pdbx.dic 
# 
loop_
_database_2.database_id 
_database_2.database_code 
_database_2.pdbx_database_accession 
_database_2.pdbx_DOI 
PDB   8A71         pdb_00008a71 10.2210/pdb8a71/pdb 
WWPDB D_1292123551 ?            ?                   
# 
loop_
_pdbx_audit_revision_history.ordinal 
_pdbx_audit_revision_history.data_content_type 
_pdbx_audit_revision_history.major_revision 
_pdbx_audit_revision_history.minor_revision 
_pdbx_audit_revision_history.revision_date 
1 'Structure model' 1 0 2023-02-22 
2 'Structure model' 1 1 2024-02-07 
# 
_pdbx_audit_revision_details.ordinal             1 
_pdbx_audit_revision_details.revision_ordinal    1 
_pdbx_audit_revision_details.data_content_type   'Structure model' 
_pdbx_audit_revision_details.provider            repository 
_pdbx_audit_revision_details.type                'Initial release' 
_pdbx_audit_revision_details.description         ? 
_pdbx_audit_revision_details.details             ? 
# 
loop_
_pdbx_audit_revision_group.ordinal 
_pdbx_audit_revision_group.revision_ordinal 
_pdbx_audit_revision_group.data_content_type 
_pdbx_audit_revision_group.group 
1 2 'Structure model' 'Data collection'        
2 2 'Structure model' 'Refinement description' 
# 
loop_
_pdbx_audit_revision_category.ordinal 
_pdbx_audit_revision_category.revision_ordinal 
_pdbx_audit_revision_category.data_content_type 
_pdbx_audit_revision_category.category 
1 2 'Structure model' chem_comp_atom                
2 2 'Structure model' chem_comp_bond                
3 2 'Structure model' pdbx_initial_refinement_model 
# 
_pdbx_database_status.status_code                     REL 
_pdbx_database_status.status_code_sf                  REL 
_pdbx_database_status.status_code_mr                  ? 
_pdbx_database_status.entry_id                        8A71 
_pdbx_database_status.recvd_initial_deposition_date   2022-06-20 
_pdbx_database_status.SG_entry                        N 
_pdbx_database_status.deposit_site                    PDBE 
_pdbx_database_status.process_site                    PDBE 
_pdbx_database_status.status_code_cs                  ? 
_pdbx_database_status.status_code_nmr_data            ? 
_pdbx_database_status.methods_development_category    ? 
_pdbx_database_status.pdb_format_compatible           Y 
# 
loop_
_pdbx_database_related.db_name 
_pdbx_database_related.details 
_pdbx_database_related.db_id 
_pdbx_database_related.content_type 
PDB . 7atg unspecified 
PDB . 4hig unspecified 
PDB . 4hif unspecified 
PDB . 4r15 unspecified 
PDB . 5jzq unspecified 
# 
loop_
_pdbx_contact_author.id 
_pdbx_contact_author.email 
_pdbx_contact_author.name_first 
_pdbx_contact_author.name_last 
_pdbx_contact_author.name_mi 
_pdbx_contact_author.role 
_pdbx_contact_author.identifier_ORCID 
2 mariuszj@amu.edu.pl Mariusz  Jaskolski ? 'principal investigator/group leader' 0000-0003-1587-6489 
3 mirek@amu.edu.pl    Miroslaw Gilski    ? 'principal investigator/group leader' 0000-0002-3941-9947 
# 
loop_
_audit_author.name 
_audit_author.pdbx_ordinal 
_audit_author.identifier_ORCID 
'Drozdzal, P.'   1 0000-0001-8431-1305 
'Manszewski, T.' 2 0000-0003-4128-3652 
'Gilski, M.'     3 0000-0002-3941-9947 
'Brzezinski, K.' 4 0000-0001-9339-7745 
'Jaskolski, M.'  5 0000-0003-1587-6489 
# 
_citation.abstract                  ? 
_citation.abstract_id_CAS           ? 
_citation.book_id_ISBN              ? 
_citation.book_publisher            ? 
_citation.book_publisher_city       ? 
_citation.book_title                ? 
_citation.coordinate_linkage        ? 
_citation.country                   ? 
_citation.database_id_Medline       ? 
_citation.details                   ? 
_citation.id                        primary 
_citation.journal_abbrev            'Acta Crystallogr D Struct Biol' 
_citation.journal_id_ASTM           ? 
_citation.journal_id_CSD            ? 
_citation.journal_id_ISSN           2059-7983 
_citation.journal_full              ? 
_citation.journal_issue             ? 
_citation.journal_volume            79 
_citation.language                  ? 
_citation.page_first                133 
_citation.page_last                 139 
_citation.title                     
'Right-handed Z-DNA at ultrahigh resolution: a tale of two hands and the power of the crystallographic method.' 
_citation.year                      2023 
_citation.database_id_CSD           ? 
_citation.pdbx_database_id_DOI      10.1107/S2059798322011937 
_citation.pdbx_database_id_PubMed   36762859 
_citation.pdbx_database_id_patent   ? 
_citation.unpublished_flag          ? 
# 
loop_
_citation_author.citation_id 
_citation_author.name 
_citation_author.ordinal 
_citation_author.identifier_ORCID 
primary 'Drozdzal, P.'   1 0000-0001-8431-1305 
primary 'Manszewski, T.' 2 0000-0003-4128-3652 
primary 'Gilski, M.'     3 0000-0002-3941-9947 
primary 'Brzezinski, K.' 4 0000-0001-9339-7745 
primary 'Jaskolski, M.'  5 0000-0003-1587-6489 
# 
loop_
_entity.id 
_entity.type 
_entity.src_method 
_entity.pdbx_description 
_entity.formula_weight 
_entity.pdbx_number_of_molecules 
_entity.pdbx_ec 
_entity.pdbx_mutation 
_entity.pdbx_fragment 
_entity.details 
1 polymer     syn 'Right-handed Z-DNA'     1810.205 2   ? ? ? 
'Since oligonucleotides contained the enantiomeric 2-deoxy-L-ribose, the Z-DNA duplex is right-handed.' 
2 non-polymer syn 5-azaniumylpentylazanium 104.194  1   ? ? ? ? 
3 non-polymer syn 'POTASSIUM ION'          39.098   1   ? ? ? ? 
4 water       nat water                    18.015   121 ? ? ? ? 
# 
_entity_poly.entity_id                      1 
_entity_poly.type                           polydeoxyribonucleotide 
_entity_poly.nstd_linkage                   no 
_entity_poly.nstd_monomer                   yes 
_entity_poly.pdbx_seq_one_letter_code       '(0DC)(0DG)(0DC)(0DG)(0DC)(0DG)' 
_entity_poly.pdbx_seq_one_letter_code_can   CGCGCG 
_entity_poly.pdbx_strand_id                 A,B 
_entity_poly.pdbx_target_identifier         ? 
# 
loop_
_pdbx_entity_nonpoly.entity_id 
_pdbx_entity_nonpoly.name 
_pdbx_entity_nonpoly.comp_id 
2 5-azaniumylpentylazanium LB9 
3 'POTASSIUM ION'          K   
4 water                    HOH 
# 
loop_
_entity_poly_seq.entity_id 
_entity_poly_seq.num 
_entity_poly_seq.mon_id 
_entity_poly_seq.hetero 
1 1 0DC n 
1 2 0DG n 
1 3 0DC n 
1 4 0DG n 
1 5 0DC n 
1 6 0DG n 
# 
_pdbx_entity_src_syn.entity_id              1 
_pdbx_entity_src_syn.pdbx_src_id            1 
_pdbx_entity_src_syn.pdbx_alt_source_flag   sample 
_pdbx_entity_src_syn.pdbx_beg_seq_num       1 
_pdbx_entity_src_syn.pdbx_end_seq_num       6 
_pdbx_entity_src_syn.organism_scientific    'synthetic construct' 
_pdbx_entity_src_syn.organism_common_name   ? 
_pdbx_entity_src_syn.ncbi_taxonomy_id       32630 
_pdbx_entity_src_syn.details                ? 
# 
loop_
_chem_comp.id 
_chem_comp.type 
_chem_comp.mon_nstd_flag 
_chem_comp.name 
_chem_comp.pdbx_synonyms 
_chem_comp.formula 
_chem_comp.formula_weight 
0DC 'L-DNA linking' . 
;2'-DEOXY-L-RIBO-FURANOSYL CYTOSINE-5'-MONOPHOSPHATE
;
?                         'C9 H14 N3 O7 P'  307.197 
0DG 'L-DNA linking' . 
;2'-DEOXY-L-RIBO-FURANOSYL GUANINE-5'-MONOPHOSPHATE
;
?                         'C10 H14 N5 O7 P' 347.221 
HOH non-polymer     . WATER                                                 ?                         'H2 O'            18.015  
K   non-polymer     . 'POTASSIUM ION'                                       ?                         'K 1'             39.098  
LB9 non-polymer     n 5-azaniumylpentylazanium                              'cadaverine (protonated)' 'C5 H16 N2 2'     104.194 
# 
loop_
_pdbx_poly_seq_scheme.asym_id 
_pdbx_poly_seq_scheme.entity_id 
_pdbx_poly_seq_scheme.seq_id 
_pdbx_poly_seq_scheme.mon_id 
_pdbx_poly_seq_scheme.ndb_seq_num 
_pdbx_poly_seq_scheme.pdb_seq_num 
_pdbx_poly_seq_scheme.auth_seq_num 
_pdbx_poly_seq_scheme.pdb_mon_id 
_pdbx_poly_seq_scheme.auth_mon_id 
_pdbx_poly_seq_scheme.pdb_strand_id 
_pdbx_poly_seq_scheme.pdb_ins_code 
_pdbx_poly_seq_scheme.hetero 
A 1 1 0DC 1 1  1  0DC 0DC A . n 
A 1 2 0DG 2 2  2  0DG 0DG A . n 
A 1 3 0DC 3 3  3  0DC 0DC A . n 
A 1 4 0DG 4 4  4  0DG 0DG A . n 
A 1 5 0DC 5 5  5  0DC 0DC A . n 
A 1 6 0DG 6 6  6  0DG 0DG A . n 
B 1 1 0DC 1 7  7  0DC 0DC B . n 
B 1 2 0DG 2 8  8  0DG 0DG B . n 
B 1 3 0DC 3 9  9  0DC 0DC B . n 
B 1 4 0DG 4 10 10 0DG 0DG B . n 
B 1 5 0DC 5 11 11 0DC 0DC B . n 
B 1 6 0DG 6 12 12 0DG 0DG B . n 
# 
loop_
_pdbx_nonpoly_scheme.asym_id 
_pdbx_nonpoly_scheme.entity_id 
_pdbx_nonpoly_scheme.mon_id 
_pdbx_nonpoly_scheme.ndb_seq_num 
_pdbx_nonpoly_scheme.pdb_seq_num 
_pdbx_nonpoly_scheme.auth_seq_num 
_pdbx_nonpoly_scheme.pdb_mon_id 
_pdbx_nonpoly_scheme.auth_mon_id 
_pdbx_nonpoly_scheme.pdb_strand_id 
_pdbx_nonpoly_scheme.pdb_ins_code 
C 2 LB9 1  101 1000 LB9 N2P A . 
D 3 K   1  102 1200 K   K   A . 
E 4 HOH 1  201 50   HOH HOH A . 
E 4 HOH 2  202 44   HOH HOH A . 
E 4 HOH 3  203 119  HOH HOH A . 
E 4 HOH 4  204 113  HOH HOH A . 
E 4 HOH 5  205 47   HOH HOH A . 
E 4 HOH 6  206 68   HOH HOH A . 
E 4 HOH 7  207 104  HOH HOH A . 
E 4 HOH 8  208 11   HOH HOH A . 
E 4 HOH 9  209 92   HOH HOH A . 
E 4 HOH 10 210 69   HOH HOH A . 
E 4 HOH 11 211 115  HOH HOH A . 
E 4 HOH 12 212 28   HOH HOH A . 
E 4 HOH 13 213 121  HOH HOH A . 
E 4 HOH 14 214 38   HOH HOH A . 
E 4 HOH 15 215 72   HOH HOH A . 
E 4 HOH 16 216 116  HOH HOH A . 
E 4 HOH 17 217 91   HOH HOH A . 
E 4 HOH 18 218 12   HOH HOH A . 
E 4 HOH 19 219 76   HOH HOH A . 
E 4 HOH 20 220 9    HOH HOH A . 
E 4 HOH 21 221 23   HOH HOH A . 
E 4 HOH 22 222 3    HOH HOH A . 
E 4 HOH 23 223 8    HOH HOH A . 
E 4 HOH 24 224 78   HOH HOH A . 
E 4 HOH 25 225 82   HOH HOH A . 
E 4 HOH 26 226 15   HOH HOH A . 
E 4 HOH 27 227 4    HOH HOH A . 
E 4 HOH 28 228 98   HOH HOH A . 
E 4 HOH 29 229 6    HOH HOH A . 
E 4 HOH 30 230 20   HOH HOH A . 
E 4 HOH 31 231 13   HOH HOH A . 
E 4 HOH 32 232 21   HOH HOH A . 
E 4 HOH 33 233 95   HOH HOH A . 
E 4 HOH 34 234 93   HOH HOH A . 
E 4 HOH 35 235 27   HOH HOH A . 
E 4 HOH 36 236 43   HOH HOH A . 
E 4 HOH 37 237 32   HOH HOH A . 
E 4 HOH 38 238 120  HOH HOH A . 
E 4 HOH 39 239 56   HOH HOH A . 
E 4 HOH 40 240 101  HOH HOH A . 
E 4 HOH 41 241 24   HOH HOH A . 
E 4 HOH 42 242 26   HOH HOH A . 
E 4 HOH 43 243 96   HOH HOH A . 
E 4 HOH 44 244 81   HOH HOH A . 
E 4 HOH 45 245 35   HOH HOH A . 
E 4 HOH 46 246 105  HOH HOH A . 
E 4 HOH 47 247 87   HOH HOH A . 
E 4 HOH 48 248 18   HOH HOH A . 
E 4 HOH 49 249 75   HOH HOH A . 
E 4 HOH 50 250 84   HOH HOH A . 
E 4 HOH 51 251 25   HOH HOH A . 
E 4 HOH 52 252 31   HOH HOH A . 
E 4 HOH 53 253 100  HOH HOH A . 
E 4 HOH 54 254 71   HOH HOH A . 
E 4 HOH 55 255 29   HOH HOH A . 
E 4 HOH 56 256 99   HOH HOH A . 
E 4 HOH 57 257 111  HOH HOH A . 
E 4 HOH 58 258 83   HOH HOH A . 
E 4 HOH 59 259 85   HOH HOH A . 
E 4 HOH 60 260 45   HOH HOH A . 
E 4 HOH 61 261 80   HOH HOH A . 
E 4 HOH 62 262 117  HOH HOH A . 
E 4 HOH 63 263 107  HOH HOH A . 
E 4 HOH 64 264 52   HOH HOH A . 
E 4 HOH 65 265 51   HOH HOH A . 
E 4 HOH 66 266 118  HOH HOH A . 
E 4 HOH 67 267 88   HOH HOH A . 
E 4 HOH 68 268 55   HOH HOH A . 
F 4 HOH 1  101 67   HOH HOH B . 
F 4 HOH 2  102 70   HOH HOH B . 
F 4 HOH 3  103 61   HOH HOH B . 
F 4 HOH 4  104 73   HOH HOH B . 
F 4 HOH 5  105 60   HOH HOH B . 
F 4 HOH 6  106 5    HOH HOH B . 
F 4 HOH 7  107 14   HOH HOH B . 
F 4 HOH 8  108 19   HOH HOH B . 
F 4 HOH 9  109 1    HOH HOH B . 
F 4 HOH 10 110 112  HOH HOH B . 
F 4 HOH 11 111 39   HOH HOH B . 
F 4 HOH 12 112 62   HOH HOH B . 
F 4 HOH 13 113 7    HOH HOH B . 
F 4 HOH 14 114 106  HOH HOH B . 
F 4 HOH 15 115 22   HOH HOH B . 
F 4 HOH 16 116 2    HOH HOH B . 
F 4 HOH 17 117 46   HOH HOH B . 
F 4 HOH 18 118 34   HOH HOH B . 
F 4 HOH 19 119 10   HOH HOH B . 
F 4 HOH 20 120 36   HOH HOH B . 
F 4 HOH 21 121 33   HOH HOH B . 
F 4 HOH 22 122 40   HOH HOH B . 
F 4 HOH 23 123 59   HOH HOH B . 
F 4 HOH 24 124 66   HOH HOH B . 
F 4 HOH 25 125 114  HOH HOH B . 
F 4 HOH 26 126 103  HOH HOH B . 
F 4 HOH 27 127 53   HOH HOH B . 
F 4 HOH 28 128 58   HOH HOH B . 
F 4 HOH 29 129 64   HOH HOH B . 
F 4 HOH 30 130 77   HOH HOH B . 
F 4 HOH 31 131 90   HOH HOH B . 
F 4 HOH 32 132 110  HOH HOH B . 
F 4 HOH 33 133 30   HOH HOH B . 
F 4 HOH 34 134 48   HOH HOH B . 
F 4 HOH 35 135 79   HOH HOH B . 
F 4 HOH 36 136 41   HOH HOH B . 
F 4 HOH 37 137 57   HOH HOH B . 
F 4 HOH 38 138 17   HOH HOH B . 
F 4 HOH 39 139 108  HOH HOH B . 
F 4 HOH 40 140 37   HOH HOH B . 
F 4 HOH 41 141 42   HOH HOH B . 
F 4 HOH 42 142 63   HOH HOH B . 
F 4 HOH 43 143 49   HOH HOH B . 
F 4 HOH 44 144 74   HOH HOH B . 
F 4 HOH 45 145 54   HOH HOH B . 
F 4 HOH 46 146 94   HOH HOH B . 
F 4 HOH 47 147 16   HOH HOH B . 
F 4 HOH 48 148 65   HOH HOH B . 
F 4 HOH 49 149 97   HOH HOH B . 
F 4 HOH 50 150 86   HOH HOH B . 
F 4 HOH 51 151 109  HOH HOH B . 
F 4 HOH 52 152 102  HOH HOH B . 
F 4 HOH 53 153 89   HOH HOH B . 
# 
loop_
_software.citation_id 
_software.classification 
_software.compiler_name 
_software.compiler_version 
_software.contact_author 
_software.contact_author_email 
_software.date 
_software.description 
_software.dependencies 
_software.hardware 
_software.language 
_software.location 
_software.mods 
_software.name 
_software.os 
_software.os_version 
_software.type 
_software.version 
_software.pdbx_ordinal 
? refinement        ? ? ?                 ?                                       ?               ? ? ? ?   ? ? SHELX       ? ? ? 
.    1 
? 'data reduction'  ? ? 'Wolfgang Kabsch' Wolfgang.Kabsch@mpimf-heidelberg.mpg.de ?               ? ? ? ?   
http://www.mpimf-heidelberg.mpg.de/~kabsch/xds/                             ? XDS         ? ? package .    2 
? 'data scaling'    ? ? 'Wolfgang Kabsch' ?                                       ?               ? ? ? ?   
http://www.mpimf-heidelberg.mpg.de/~kabsch/xds/html_doc/xscale_program.html ? XSCALE      ? ? package .    3 
? phasing           ? ? 'Randy J. Read'   cimr-phaser@lists.cam.ac.uk             ?               ? ? ? ?   
http://www-structmed.cimr.cam.ac.uk/phaser/                                 ? PHASER      ? ? program .    4 
? 'data extraction' ? ? PDB               deposit@deposit.rcsb.org                'Oct. 31, 2020' ? ? ? C++ 
http://sw-tools.pdb.org/apps/PDB_EXTRACT/                                   ? PDB_EXTRACT ? ? package 3.27 5 
# 
_cell.angle_alpha                  90.000 
_cell.angle_alpha_esd              ? 
_cell.angle_beta                   90.000 
_cell.angle_beta_esd               ? 
_cell.angle_gamma                  90.000 
_cell.angle_gamma_esd              ? 
_cell.entry_id                     8A71 
_cell.details                      ? 
_cell.formula_units_Z              ? 
_cell.length_a                     17.914 
_cell.length_a_esd                 ? 
_cell.length_b                     31.127 
_cell.length_b_esd                 ? 
_cell.length_c                     44.106 
_cell.length_c_esd                 ? 
_cell.volume                       ? 
_cell.volume_esd                   ? 
_cell.Z_PDB                        8 
_cell.reciprocal_angle_alpha       ? 
_cell.reciprocal_angle_beta        ? 
_cell.reciprocal_angle_gamma       ? 
_cell.reciprocal_angle_alpha_esd   ? 
_cell.reciprocal_angle_beta_esd    ? 
_cell.reciprocal_angle_gamma_esd   ? 
_cell.reciprocal_length_a          ? 
_cell.reciprocal_length_b          ? 
_cell.reciprocal_length_c          ? 
_cell.reciprocal_length_a_esd      ? 
_cell.reciprocal_length_b_esd      ? 
_cell.reciprocal_length_c_esd      ? 
_cell.pdbx_unique_axis             ? 
_cell.pdbx_esd_method              ? 
# 
_symmetry.entry_id                         8A71 
_symmetry.cell_setting                     ? 
_symmetry.Int_Tables_number                19 
_symmetry.space_group_name_Hall            ? 
_symmetry.space_group_name_H-M             'P 21 21 21' 
_symmetry.pdbx_full_space_group_name_H-M   ? 
# 
_exptl.absorpt_coefficient_mu     ? 
_exptl.absorpt_correction_T_max   ? 
_exptl.absorpt_correction_T_min   ? 
_exptl.absorpt_correction_type    ? 
_exptl.absorpt_process_details    ? 
_exptl.entry_id                   8A71 
_exptl.crystals_number            1 
_exptl.details                    ? 
_exptl.method                     'X-RAY DIFFRACTION' 
_exptl.method_details             ? 
# 
_exptl_crystal.colour                       ? 
_exptl_crystal.density_diffrn               ? 
_exptl_crystal.density_Matthews             1.70 
_exptl_crystal.density_method               ? 
_exptl_crystal.density_percent_sol          27.57 
_exptl_crystal.description                  ? 
_exptl_crystal.F_000                        ? 
_exptl_crystal.id                           1 
_exptl_crystal.preparation                  ? 
_exptl_crystal.size_max                     ? 
_exptl_crystal.size_mid                     ? 
_exptl_crystal.size_min                     ? 
_exptl_crystal.size_rad                     ? 
_exptl_crystal.colour_lustre                ? 
_exptl_crystal.colour_modifier              ? 
_exptl_crystal.colour_primary               ? 
_exptl_crystal.density_meas                 ? 
_exptl_crystal.density_meas_esd             ? 
_exptl_crystal.density_meas_gt              ? 
_exptl_crystal.density_meas_lt              ? 
_exptl_crystal.density_meas_temp            ? 
_exptl_crystal.density_meas_temp_esd        ? 
_exptl_crystal.density_meas_temp_gt         ? 
_exptl_crystal.density_meas_temp_lt         ? 
_exptl_crystal.pdbx_crystal_image_url       ? 
_exptl_crystal.pdbx_crystal_image_format    ? 
_exptl_crystal.pdbx_mosaicity               ? 
_exptl_crystal.pdbx_mosaicity_esd           ? 
_exptl_crystal.pdbx_mosaic_method           ? 
_exptl_crystal.pdbx_mosaic_block_size       ? 
_exptl_crystal.pdbx_mosaic_block_size_esd   ? 
# 
_exptl_crystal_grow.apparatus       ? 
_exptl_crystal_grow.atmosphere      ? 
_exptl_crystal_grow.crystal_id      1 
_exptl_crystal_grow.details         ? 
_exptl_crystal_grow.method          'VAPOR DIFFUSION, HANGING DROP' 
_exptl_crystal_grow.method_ref      ? 
_exptl_crystal_grow.pH              6 
_exptl_crystal_grow.pressure        ? 
_exptl_crystal_grow.pressure_esd    ? 
_exptl_crystal_grow.seeding         ? 
_exptl_crystal_grow.seeding_ref     ? 
_exptl_crystal_grow.temp            292 
_exptl_crystal_grow.temp_details    ? 
_exptl_crystal_grow.temp_esd        ? 
_exptl_crystal_grow.time            ? 
_exptl_crystal_grow.pdbx_details    
;1.5 MM DNA WATER SOLUTION MIXED 1:1 V/   
V WITH 10% MPD, 14 MM CADAVERINE DI-HCL, 12 MM NACL, 80 MM KCL, 40 MM SODIUM CACODYLATE
AND EQUILIBRATED AGAINST 80% MPD
;
_exptl_crystal_grow.pdbx_pH_range   ? 
# 
_diffrn.ambient_environment              ? 
_diffrn.ambient_temp                     100 
_diffrn.ambient_temp_details             ? 
_diffrn.ambient_temp_esd                 ? 
_diffrn.crystal_id                       1 
_diffrn.crystal_support                  ? 
_diffrn.crystal_treatment                ? 
_diffrn.details                          ? 
_diffrn.id                               1 
_diffrn.ambient_pressure                 ? 
_diffrn.ambient_pressure_esd             ? 
_diffrn.ambient_pressure_gt              ? 
_diffrn.ambient_pressure_lt              ? 
_diffrn.ambient_temp_gt                  ? 
_diffrn.ambient_temp_lt                  ? 
_diffrn.pdbx_serial_crystal_experiment   N 
# 
_diffrn_detector.details                      ? 
_diffrn_detector.detector                     PIXEL 
_diffrn_detector.diffrn_id                    1 
_diffrn_detector.type                         'DECTRIS PILATUS 6M' 
_diffrn_detector.area_resol_mean              ? 
_diffrn_detector.dtime                        ? 
_diffrn_detector.pdbx_frames_total            ? 
_diffrn_detector.pdbx_collection_time_total   ? 
_diffrn_detector.pdbx_collection_date         2016-11-08 
_diffrn_detector.pdbx_frequency               ? 
# 
_diffrn_radiation.collimation                      ? 
_diffrn_radiation.diffrn_id                        1 
_diffrn_radiation.filter_edge                      ? 
_diffrn_radiation.inhomogeneity                    ? 
_diffrn_radiation.monochromator                    ? 
_diffrn_radiation.polarisn_norm                    ? 
_diffrn_radiation.polarisn_ratio                   ? 
_diffrn_radiation.probe                            ? 
_diffrn_radiation.type                             ? 
_diffrn_radiation.xray_symbol                      ? 
_diffrn_radiation.wavelength_id                    1 
_diffrn_radiation.pdbx_monochromatic_or_laue_m_l   M 
_diffrn_radiation.pdbx_wavelength_list             ? 
_diffrn_radiation.pdbx_wavelength                  ? 
_diffrn_radiation.pdbx_diffrn_protocol             'SINGLE WAVELENGTH' 
_diffrn_radiation.pdbx_analyzer                    ? 
_diffrn_radiation.pdbx_scattering_type             x-ray 
# 
_diffrn_radiation_wavelength.id           1 
_diffrn_radiation_wavelength.wavelength   0.7085 
_diffrn_radiation_wavelength.wt           1.0 
# 
_diffrn_source.current                     ? 
_diffrn_source.details                     ? 
_diffrn_source.diffrn_id                   1 
_diffrn_source.power                       ? 
_diffrn_source.size                        ? 
_diffrn_source.source                      SYNCHROTRON 
_diffrn_source.target                      ? 
_diffrn_source.type                        'PETRA III, EMBL c/o DESY BEAMLINE P13 (MX1)' 
_diffrn_source.voltage                     ? 
_diffrn_source.take-off_angle              ? 
_diffrn_source.pdbx_wavelength_list        0.7085 
_diffrn_source.pdbx_wavelength             ? 
_diffrn_source.pdbx_synchrotron_beamline   'P13 (MX1)' 
_diffrn_source.pdbx_synchrotron_site       'PETRA III, EMBL c/o DESY' 
# 
_reflns.B_iso_Wilson_estimate                          5.963 
_reflns.entry_id                                       8A71 
_reflns.data_reduction_details                         ? 
_reflns.data_reduction_method                          ? 
_reflns.d_resolution_high                              0.69 
_reflns.d_resolution_low                               25.43 
_reflns.details                                        ? 
_reflns.limit_h_max                                    ? 
_reflns.limit_h_min                                    ? 
_reflns.limit_k_max                                    ? 
_reflns.limit_k_min                                    ? 
_reflns.limit_l_max                                    ? 
_reflns.limit_l_min                                    ? 
_reflns.number_all                                     ? 
_reflns.number_obs                                     73968 
_reflns.observed_criterion                             ? 
_reflns.observed_criterion_F_max                       ? 
_reflns.observed_criterion_F_min                       ? 
_reflns.observed_criterion_I_max                       ? 
_reflns.observed_criterion_I_min                       ? 
_reflns.observed_criterion_sigma_F                     ? 
_reflns.observed_criterion_sigma_I                     ? 
_reflns.percent_possible_obs                           96.3 
_reflns.R_free_details                                 ? 
_reflns.Rmerge_F_all                                   ? 
_reflns.Rmerge_F_obs                                   ? 
_reflns.Friedel_coverage                               ? 
_reflns.number_gt                                      ? 
_reflns.threshold_expression                           ? 
_reflns.pdbx_redundancy                                3.7 
_reflns.pdbx_Rmerge_I_obs                              0.081 
_reflns.pdbx_Rmerge_I_all                              ? 
_reflns.pdbx_Rsym_value                                ? 
_reflns.pdbx_netI_over_av_sigmaI                       ? 
_reflns.pdbx_netI_over_sigmaI                          7.92 
_reflns.pdbx_res_netI_over_av_sigmaI_2                 ? 
_reflns.pdbx_res_netI_over_sigmaI_2                    ? 
_reflns.pdbx_chi_squared                               ? 
_reflns.pdbx_scaling_rejects                           ? 
_reflns.pdbx_d_res_high_opt                            ? 
_reflns.pdbx_d_res_low_opt                             ? 
_reflns.pdbx_d_res_opt_method                          ? 
_reflns.phase_calculation_details                      ? 
_reflns.pdbx_Rrim_I_all                                0.095 
_reflns.pdbx_Rpim_I_all                                ? 
_reflns.pdbx_d_opt                                     ? 
_reflns.pdbx_number_measured_all                       ? 
_reflns.pdbx_diffrn_id                                 1 
_reflns.pdbx_ordinal                                   1 
_reflns.pdbx_CC_half                                   0.992 
_reflns.pdbx_CC_star                                   ? 
_reflns.pdbx_R_split                                   ? 
_reflns.pdbx_aniso_diffraction_limit_axis_1_ortho[1]   ? 
_reflns.pdbx_aniso_diffraction_limit_axis_1_ortho[2]   ? 
_reflns.pdbx_aniso_diffraction_limit_axis_1_ortho[3]   ? 
_reflns.pdbx_aniso_diffraction_limit_axis_2_ortho[1]   ? 
_reflns.pdbx_aniso_diffraction_limit_axis_2_ortho[2]   ? 
_reflns.pdbx_aniso_diffraction_limit_axis_2_ortho[3]   ? 
_reflns.pdbx_aniso_diffraction_limit_axis_3_ortho[1]   ? 
_reflns.pdbx_aniso_diffraction_limit_axis_3_ortho[2]   ? 
_reflns.pdbx_aniso_diffraction_limit_axis_3_ortho[3]   ? 
_reflns.pdbx_aniso_diffraction_limit_1                 ? 
_reflns.pdbx_aniso_diffraction_limit_2                 ? 
_reflns.pdbx_aniso_diffraction_limit_3                 ? 
_reflns.pdbx_aniso_B_tensor_eigenvector_1_ortho[1]     ? 
_reflns.pdbx_aniso_B_tensor_eigenvector_1_ortho[2]     ? 
_reflns.pdbx_aniso_B_tensor_eigenvector_1_ortho[3]     ? 
_reflns.pdbx_aniso_B_tensor_eigenvector_2_ortho[1]     ? 
_reflns.pdbx_aniso_B_tensor_eigenvector_2_ortho[2]     ? 
_reflns.pdbx_aniso_B_tensor_eigenvector_2_ortho[3]     ? 
_reflns.pdbx_aniso_B_tensor_eigenvector_3_ortho[1]     ? 
_reflns.pdbx_aniso_B_tensor_eigenvector_3_ortho[2]     ? 
_reflns.pdbx_aniso_B_tensor_eigenvector_3_ortho[3]     ? 
_reflns.pdbx_aniso_B_tensor_eigenvalue_1               ? 
_reflns.pdbx_aniso_B_tensor_eigenvalue_2               ? 
_reflns.pdbx_aniso_B_tensor_eigenvalue_3               ? 
_reflns.pdbx_orthogonalization_convention              ? 
_reflns.pdbx_percent_possible_ellipsoidal              ? 
_reflns.pdbx_percent_possible_spherical                ? 
_reflns.pdbx_percent_possible_ellipsoidal_anomalous    ? 
_reflns.pdbx_percent_possible_spherical_anomalous      ? 
_reflns.pdbx_redundancy_anomalous                      ? 
_reflns.pdbx_CC_half_anomalous                         ? 
_reflns.pdbx_absDiff_over_sigma_anomalous              ? 
_reflns.pdbx_percent_possible_anomalous                ? 
_reflns.pdbx_observed_signal_threshold                 ? 
_reflns.pdbx_signal_type                               ? 
_reflns.pdbx_signal_details                            ? 
_reflns.pdbx_signal_software_id                        ? 
_reflns.pdbx_CC_split_method                           ? 
# 
_reflns_shell.d_res_high                                    0.69 
_reflns_shell.d_res_low                                     0.74 
_reflns_shell.meanI_over_sigI_all                           ? 
_reflns_shell.meanI_over_sigI_obs                           2.02 
_reflns_shell.number_measured_all                           ? 
_reflns_shell.number_measured_obs                           ? 
_reflns_shell.number_possible                               ? 
_reflns_shell.number_unique_all                             ? 
_reflns_shell.number_unique_obs                             10347 
_reflns_shell.percent_possible_all                          ? 
_reflns_shell.percent_possible_obs                          ? 
_reflns_shell.Rmerge_F_all                                  ? 
_reflns_shell.Rmerge_F_obs                                  ? 
_reflns_shell.Rmerge_I_all                                  ? 
_reflns_shell.Rmerge_I_obs                                  0.395 
_reflns_shell.meanI_over_sigI_gt                            ? 
_reflns_shell.meanI_over_uI_all                             ? 
_reflns_shell.meanI_over_uI_gt                              ? 
_reflns_shell.number_measured_gt                            ? 
_reflns_shell.number_unique_gt                              ? 
_reflns_shell.percent_possible_gt                           ? 
_reflns_shell.Rmerge_F_gt                                   ? 
_reflns_shell.Rmerge_I_gt                                   ? 
_reflns_shell.pdbx_redundancy                               ? 
_reflns_shell.pdbx_Rsym_value                               ? 
_reflns_shell.pdbx_chi_squared                              ? 
_reflns_shell.pdbx_netI_over_sigmaI_all                     ? 
_reflns_shell.pdbx_netI_over_sigmaI_obs                     ? 
_reflns_shell.pdbx_Rrim_I_all                               0.486 
_reflns_shell.pdbx_Rpim_I_all                               ? 
_reflns_shell.pdbx_rejects                                  ? 
_reflns_shell.pdbx_ordinal                                  1 
_reflns_shell.pdbx_diffrn_id                                1 
_reflns_shell.pdbx_CC_half                                  0.786 
_reflns_shell.pdbx_CC_star                                  ? 
_reflns_shell.pdbx_R_split                                  ? 
_reflns_shell.pdbx_percent_possible_ellipsoidal             ? 
_reflns_shell.pdbx_percent_possible_spherical               ? 
_reflns_shell.pdbx_percent_possible_ellipsoidal_anomalous   ? 
_reflns_shell.pdbx_percent_possible_spherical_anomalous     ? 
_reflns_shell.pdbx_redundancy_anomalous                     ? 
_reflns_shell.pdbx_CC_half_anomalous                        ? 
_reflns_shell.pdbx_absDiff_over_sigma_anomalous             ? 
_reflns_shell.pdbx_percent_possible_anomalous               ? 
# 
_refine.aniso_B[1][1]                            ? 
_refine.aniso_B[1][2]                            ? 
_refine.aniso_B[1][3]                            ? 
_refine.aniso_B[2][2]                            ? 
_refine.aniso_B[2][3]                            ? 
_refine.aniso_B[3][3]                            ? 
_refine.B_iso_max                                52.730 
_refine.B_iso_mean                               7.0004 
_refine.B_iso_min                                3.090 
_refine.correlation_coeff_Fo_to_Fc               ? 
_refine.correlation_coeff_Fo_to_Fc_free          ? 
_refine.details                                  
;THE REFINEMENT WAS CARRIED OUT AGAINST SEPARATE BIJVOET PAIRS. ANISOTROPIC ATOMIC DISPLACEMENT             
PARAMETERS WERE USED. HYDROGEN ATOMS WERE ADDED AT RIDING   
POSITION. THE FINAL REFINEMENT WAS CALCULATED USING WEIGHTED FULL-   
MATRIX LEAST-SQUARES PROCEDURE AND ALL REFLECTIONS. CONFORMATION-DEPENDENT GEOMETRICAL RESTRAINTS ON BOND LENGTHS AND BOND ANGLES FOR THE POLYNUCLEOTIDE CHAINS WERE GENERATED USING THE RESTRAINLIB SERVER: http://achesym.ibch.poznan.pl/restraintlib/) AS DESCRIBED BY Kowiel et al. (2016, 2020) AND Gilski et al. (2019).
;
_refine.diff_density_max                         ? 
_refine.diff_density_max_esd                     ? 
_refine.diff_density_min                         ? 
_refine.diff_density_min_esd                     ? 
_refine.diff_density_rms                         ? 
_refine.diff_density_rms_esd                     ? 
_refine.entry_id                                 8A71 
_refine.pdbx_refine_id                           'X-RAY DIFFRACTION' 
_refine.ls_abs_structure_details                 ? 
_refine.ls_abs_structure_Flack                   ? 
_refine.ls_abs_structure_Flack_esd               ? 
_refine.ls_abs_structure_Rogers                  ? 
_refine.ls_abs_structure_Rogers_esd              ? 
_refine.ls_d_res_high                            0.69 
_refine.ls_d_res_low                             25.43 
_refine.ls_extinction_coef                       ? 
_refine.ls_extinction_coef_esd                   ? 
_refine.ls_extinction_expression                 ? 
_refine.ls_extinction_method                     ? 
_refine.ls_goodness_of_fit_all                   ? 
_refine.ls_goodness_of_fit_all_esd               ? 
_refine.ls_goodness_of_fit_obs                   ? 
_refine.ls_goodness_of_fit_obs_esd               ? 
_refine.ls_hydrogen_treatment                    ? 
_refine.ls_matrix_type                           ? 
_refine.ls_number_constraints                    ? 
_refine.ls_number_parameters                     ? 
_refine.ls_number_reflns_all                     ? 
_refine.ls_number_reflns_obs                     72088 
_refine.ls_number_reflns_R_free                  1880 
_refine.ls_number_reflns_R_work                  ? 
_refine.ls_number_restraints                     ? 
_refine.ls_percent_reflns_obs                    96.3 
_refine.ls_percent_reflns_R_free                 2.54 
_refine.ls_R_factor_all                          ? 
_refine.ls_R_factor_obs                          0.1059 
_refine.ls_R_factor_R_free                       0.1283 
_refine.ls_R_factor_R_free_error                 ? 
_refine.ls_R_factor_R_free_error_details         ? 
_refine.ls_R_factor_R_work                       0.1054 
_refine.ls_R_Fsqd_factor_obs                     ? 
_refine.ls_R_I_factor_obs                        ? 
_refine.ls_redundancy_reflns_all                 ? 
_refine.ls_redundancy_reflns_obs                 ? 
_refine.ls_restrained_S_all                      ? 
_refine.ls_restrained_S_obs                      ? 
_refine.ls_shift_over_esd_max                    ? 
_refine.ls_shift_over_esd_mean                   ? 
_refine.ls_structure_factor_coef                 ? 
_refine.ls_weighting_details                     ? 
_refine.ls_weighting_scheme                      ? 
_refine.ls_wR_factor_all                         ? 
_refine.ls_wR_factor_obs                         ? 
_refine.ls_wR_factor_R_free                      ? 
_refine.ls_wR_factor_R_work                      ? 
_refine.occupancy_max                            ? 
_refine.occupancy_min                            ? 
_refine.solvent_model_details                    ? 
_refine.solvent_model_param_bsol                 ? 
_refine.solvent_model_param_ksol                 ? 
_refine.pdbx_R_complete                          ? 
_refine.ls_R_factor_gt                           ? 
_refine.ls_goodness_of_fit_gt                    ? 
_refine.ls_goodness_of_fit_ref                   ? 
_refine.ls_shift_over_su_max                     ? 
_refine.ls_shift_over_su_max_lt                  ? 
_refine.ls_shift_over_su_mean                    ? 
_refine.ls_shift_over_su_mean_lt                 ? 
_refine.pdbx_ls_sigma_I                          ? 
_refine.pdbx_ls_sigma_F                          ? 
_refine.pdbx_ls_sigma_Fsqd                       ? 
_refine.pdbx_data_cutoff_high_absF               ? 
_refine.pdbx_data_cutoff_high_rms_absF           ? 
_refine.pdbx_data_cutoff_low_absF                ? 
_refine.pdbx_isotropic_thermal_model             ? 
_refine.pdbx_ls_cross_valid_method               'FREE R-VALUE' 
_refine.pdbx_method_to_determine_struct          'MOLECULAR REPLACEMENT' 
_refine.pdbx_starting_model                      7atg 
_refine.pdbx_stereochemistry_target_values       ? 
_refine.pdbx_R_Free_selection_details            ? 
_refine.pdbx_stereochem_target_val_spec_case     ? 
_refine.pdbx_overall_ESU_R                       ? 
_refine.pdbx_overall_ESU_R_Free                  ? 
_refine.pdbx_solvent_vdw_probe_radii             ? 
_refine.pdbx_solvent_ion_probe_radii             ? 
_refine.pdbx_solvent_shrinkage_radii             ? 
_refine.pdbx_real_space_R                        ? 
_refine.pdbx_density_correlation                 ? 
_refine.pdbx_pd_number_of_powder_patterns        ? 
_refine.pdbx_pd_number_of_points                 ? 
_refine.pdbx_pd_meas_number_of_points            ? 
_refine.pdbx_pd_proc_ls_prof_R_factor            ? 
_refine.pdbx_pd_proc_ls_prof_wR_factor           ? 
_refine.pdbx_pd_Marquardt_correlation_coeff      ? 
_refine.pdbx_pd_Fsqrd_R_factor                   ? 
_refine.pdbx_pd_ls_matrix_band_width             ? 
_refine.pdbx_overall_phase_error                 ? 
_refine.pdbx_overall_SU_R_free_Cruickshank_DPI   ? 
_refine.pdbx_overall_SU_R_free_Blow_DPI          ? 
_refine.pdbx_overall_SU_R_Blow_DPI               ? 
_refine.pdbx_TLS_residual_ADP_flag               ? 
_refine.pdbx_diffrn_id                           1 
_refine.overall_SU_B                             ? 
_refine.overall_SU_ML                            ? 
_refine.overall_SU_R_Cruickshank_DPI             ? 
_refine.overall_SU_R_free                        ? 
_refine.overall_FOM_free_R_set                   ? 
_refine.overall_FOM_work_R_set                   ? 
_refine.pdbx_average_fsc_overall                 ? 
_refine.pdbx_average_fsc_work                    ? 
_refine.pdbx_average_fsc_free                    ? 
# 
_refine_hist.pdbx_refine_id                   'X-RAY DIFFRACTION' 
_refine_hist.cycle_id                         LAST 
_refine_hist.details                          ? 
_refine_hist.d_res_high                       0.69 
_refine_hist.d_res_low                        25.43 
_refine_hist.number_atoms_solvent             121 
_refine_hist.number_atoms_total               369 
_refine_hist.number_reflns_all                ? 
_refine_hist.number_reflns_obs                ? 
_refine_hist.number_reflns_R_free             ? 
_refine_hist.number_reflns_R_work             ? 
_refine_hist.R_factor_all                     ? 
_refine_hist.R_factor_obs                     ? 
_refine_hist.R_factor_R_free                  ? 
_refine_hist.R_factor_R_work                  ? 
_refine_hist.pdbx_number_residues_total       ? 
_refine_hist.pdbx_B_iso_mean_ligand           ? 
_refine_hist.pdbx_B_iso_mean_solvent          ? 
_refine_hist.pdbx_number_atoms_protein        0 
_refine_hist.pdbx_number_atoms_nucleic_acid   240 
_refine_hist.pdbx_number_atoms_ligand         8 
_refine_hist.pdbx_number_atoms_lipid          ? 
_refine_hist.pdbx_number_atoms_carb           ? 
_refine_hist.pdbx_pseudo_atom_details         ? 
# 
_struct.entry_id                     8A71 
_struct.title                        
;Crystal structure of right-handed Z-DNA containing 2'-deoxy-L-ribose in complex with the polyamine cadaverine and potassium cations at ultrahigh resolution
;
_struct.pdbx_model_details           ? 
_struct.pdbx_formula_weight          ? 
_struct.pdbx_formula_weight_method   ? 
_struct.pdbx_model_type_details      ? 
_struct.pdbx_CASP_flag               N 
# 
_struct_keywords.entry_id        8A71 
_struct_keywords.text            
'Z-DNA, DNA, Right-handed Z-DNA, Cadaverine, Potassium, Cadaverinium cation, Biogenic polyamines, 2-deoxy-L-ribose' 
_struct_keywords.pdbx_keywords   DNA 
# 
loop_
_struct_asym.id 
_struct_asym.pdbx_blank_PDB_chainid_flag 
_struct_asym.pdbx_modified 
_struct_asym.entity_id 
_struct_asym.details 
A N N 1 ? 
B N N 1 ? 
C N N 2 ? 
D N N 3 ? 
E N N 4 ? 
F N N 4 ? 
# 
_struct_ref.id                         1 
_struct_ref.db_name                    PDB 
_struct_ref.db_code                    8A71 
_struct_ref.pdbx_db_accession          8A71 
_struct_ref.pdbx_db_isoform            ? 
_struct_ref.entity_id                  1 
_struct_ref.pdbx_seq_one_letter_code   ? 
_struct_ref.pdbx_align_begin           1 
# 
loop_
_struct_ref_seq.align_id 
_struct_ref_seq.ref_id 
_struct_ref_seq.pdbx_PDB_id_code 
_struct_ref_seq.pdbx_strand_id 
_struct_ref_seq.seq_align_beg 
_struct_ref_seq.pdbx_seq_align_beg_ins_code 
_struct_ref_seq.seq_align_end 
_struct_ref_seq.pdbx_seq_align_end_ins_code 
_struct_ref_seq.pdbx_db_accession 
_struct_ref_seq.db_align_beg 
_struct_ref_seq.pdbx_db_align_beg_ins_code 
_struct_ref_seq.db_align_end 
_struct_ref_seq.pdbx_db_align_end_ins_code 
_struct_ref_seq.pdbx_auth_seq_align_beg 
_struct_ref_seq.pdbx_auth_seq_align_end 
1 1 8A71 A 1 ? 6 ? 8A71 1 ? 6  ? 1 6  
2 1 8A71 B 1 ? 6 ? 8A71 7 ? 12 ? 7 12 
# 
_pdbx_struct_assembly.id                   1 
_pdbx_struct_assembly.details              author_and_software_defined_assembly 
_pdbx_struct_assembly.method_details       PISA 
_pdbx_struct_assembly.oligomeric_details   dimeric 
_pdbx_struct_assembly.oligomeric_count     2 
# 
loop_
_pdbx_struct_assembly_prop.biol_id 
_pdbx_struct_assembly_prop.type 
_pdbx_struct_assembly_prop.value 
_pdbx_struct_assembly_prop.details 
1 'ABSA (A^2)' 800  ? 
1 MORE         -6   ? 
1 'SSA (A^2)'  2500 ? 
# 
_pdbx_struct_assembly_gen.assembly_id       1 
_pdbx_struct_assembly_gen.oper_expression   1 
_pdbx_struct_assembly_gen.asym_id_list      A,B,C,D,E,F 
# 
_pdbx_struct_assembly_auth_evidence.id                     1 
_pdbx_struct_assembly_auth_evidence.assembly_id            1 
_pdbx_struct_assembly_auth_evidence.experimental_support   none 
_pdbx_struct_assembly_auth_evidence.details                ? 
# 
_pdbx_struct_oper_list.id                   1 
_pdbx_struct_oper_list.type                 'identity operation' 
_pdbx_struct_oper_list.name                 1_555 
_pdbx_struct_oper_list.symmetry_operation   x,y,z 
_pdbx_struct_oper_list.matrix[1][1]         1.0000000000 
_pdbx_struct_oper_list.matrix[1][2]         0.0000000000 
_pdbx_struct_oper_list.matrix[1][3]         0.0000000000 
_pdbx_struct_oper_list.vector[1]            0.0000000000 
_pdbx_struct_oper_list.matrix[2][1]         0.0000000000 
_pdbx_struct_oper_list.matrix[2][2]         1.0000000000 
_pdbx_struct_oper_list.matrix[2][3]         0.0000000000 
_pdbx_struct_oper_list.vector[2]            0.0000000000 
_pdbx_struct_oper_list.matrix[3][1]         0.0000000000 
_pdbx_struct_oper_list.matrix[3][2]         0.0000000000 
_pdbx_struct_oper_list.matrix[3][3]         1.0000000000 
_pdbx_struct_oper_list.vector[3]            0.0000000000 
# 
loop_
_struct_conn.id 
_struct_conn.conn_type_id 
_struct_conn.pdbx_leaving_atom_flag 
_struct_conn.pdbx_PDB_id 
_struct_conn.ptnr1_label_asym_id 
_struct_conn.ptnr1_label_comp_id 
_struct_conn.ptnr1_label_seq_id 
_struct_conn.ptnr1_label_atom_id 
_struct_conn.pdbx_ptnr1_label_alt_id 
_struct_conn.pdbx_ptnr1_PDB_ins_code 
_struct_conn.pdbx_ptnr1_standard_comp_id 
_struct_conn.ptnr1_symmetry 
_struct_conn.ptnr2_label_asym_id 
_struct_conn.ptnr2_label_comp_id 
_struct_conn.ptnr2_label_seq_id 
_struct_conn.ptnr2_label_atom_id 
_struct_conn.pdbx_ptnr2_label_alt_id 
_struct_conn.pdbx_ptnr2_PDB_ins_code 
_struct_conn.ptnr1_auth_asym_id 
_struct_conn.ptnr1_auth_comp_id 
_struct_conn.ptnr1_auth_seq_id 
_struct_conn.ptnr2_auth_asym_id 
_struct_conn.ptnr2_auth_comp_id 
_struct_conn.ptnr2_auth_seq_id 
_struct_conn.ptnr2_symmetry 
_struct_conn.pdbx_ptnr3_label_atom_id 
_struct_conn.pdbx_ptnr3_label_seq_id 
_struct_conn.pdbx_ptnr3_label_comp_id 
_struct_conn.pdbx_ptnr3_label_asym_id 
_struct_conn.pdbx_ptnr3_label_alt_id 
_struct_conn.pdbx_ptnr3_PDB_ins_code 
_struct_conn.details 
_struct_conn.pdbx_dist_value 
_struct_conn.pdbx_value_order 
_struct_conn.pdbx_role 
covale1  covale both ? A 0DC 1 "O3'" ? ? ? 1_555 A 0DG 2 P   ? ? A 0DC 1   A 0DG 2   1_555 ? ? ? ? ? ? ?            1.597 ? ? 
covale2  covale both ? A 0DG 2 "O3'" ? ? ? 1_555 A 0DC 3 P   ? ? A 0DG 2   A 0DC 3   1_555 ? ? ? ? ? ? ?            1.596 ? ? 
covale3  covale both ? A 0DC 3 "O3'" A ? ? 1_555 A 0DG 4 P   A ? A 0DC 3   A 0DG 4   1_555 ? ? ? ? ? ? ?            1.591 ? ? 
covale4  covale both ? A 0DC 3 "O3'" B ? ? 1_555 A 0DG 4 P   B ? A 0DC 3   A 0DG 4   1_555 ? ? ? ? ? ? ?            1.600 ? ? 
covale5  covale both ? A 0DG 4 "O3'" A ? ? 1_555 A 0DC 5 P   A ? A 0DG 4   A 0DC 5   1_555 ? ? ? ? ? ? ?            1.596 ? ? 
covale6  covale both ? A 0DG 4 "O3'" B ? ? 1_555 A 0DC 5 P   B ? A 0DG 4   A 0DC 5   1_555 ? ? ? ? ? ? ?            1.602 ? ? 
covale7  covale both ? A 0DC 5 "O3'" A ? ? 1_555 A 0DG 6 P   A ? A 0DC 5   A 0DG 6   1_555 ? ? ? ? ? ? ?            1.605 ? ? 
covale8  covale both ? A 0DC 5 "O3'" B ? ? 1_555 A 0DG 6 P   B ? A 0DC 5   A 0DG 6   1_555 ? ? ? ? ? ? ?            1.565 ? ? 
covale9  covale both ? B 0DC 1 "O3'" ? ? ? 1_555 B 0DG 2 P   ? ? B 0DC 7   B 0DG 8   1_555 ? ? ? ? ? ? ?            1.589 ? ? 
covale10 covale both ? B 0DG 2 "O3'" A ? ? 1_555 B 0DC 3 P   A ? B 0DG 8   B 0DC 9   1_555 ? ? ? ? ? ? ?            1.591 ? ? 
covale11 covale both ? B 0DG 2 "O3'" B ? ? 1_555 B 0DC 3 P   B ? B 0DG 8   B 0DC 9   1_555 ? ? ? ? ? ? ?            1.610 ? ? 
covale12 covale both ? B 0DC 3 "O3'" ? ? ? 1_555 B 0DG 4 P   ? ? B 0DC 9   B 0DG 10  1_555 ? ? ? ? ? ? ?            1.597 ? ? 
covale13 covale both ? B 0DG 4 "O3'" ? ? ? 1_555 B 0DC 5 P   ? ? B 0DG 10  B 0DC 11  1_555 ? ? ? ? ? ? ?            1.582 ? ? 
covale14 covale both ? B 0DC 5 "O3'" ? ? ? 1_555 B 0DG 6 P   ? ? B 0DC 11  B 0DG 12  1_555 ? ? ? ? ? ? ?            1.598 ? ? 
metalc1  metalc ?    ? A 0DG 6 OP2   B ? ? 1_555 D K   . K   ? ? A 0DG 6   A K   102 1_555 ? ? ? ? ? ? ?            2.770 ? ? 
metalc2  metalc ?    ? A 0DG 6 "O5'" A ? ? 1_555 D K   . K   ? ? A 0DG 6   A K   102 1_555 ? ? ? ? ? ? ?            3.416 ? ? 
metalc3  metalc ?    ? A 0DG 6 "O5'" B ? ? 1_555 D K   . K   ? ? A 0DG 6   A K   102 1_555 ? ? ? ? ? ? ?            2.986 ? ? 
metalc4  metalc ?    ? D K   . K     ? ? ? 1_555 E HOH . O   ? ? A K   102 A HOH 208 1_555 ? ? ? ? ? ? ?            2.769 ? ? 
metalc5  metalc ?    ? D K   . K     ? ? ? 1_555 E HOH . O   ? ? A K   102 A HOH 227 1_555 ? ? ? ? ? ? ?            2.491 ? ? 
metalc6  metalc ?    ? D K   . K     ? ? ? 1_555 E HOH . O   A ? A K   102 A HOH 263 1_555 ? ? ? ? ? ? ?            2.822 ? ? 
metalc7  metalc ?    ? D K   . K     ? ? ? 1_555 E HOH . O   B ? A K   102 A HOH 263 1_555 ? ? ? ? ? ? ?            3.017 ? ? 
metalc8  metalc ?    ? D K   . K     ? ? ? 3_645 B 0DC 3 OP1 A ? A K   102 B 0DC 9   1_555 ? ? ? ? ? ? ?            2.679 ? ? 
metalc9  metalc ?    ? D K   . K     ? ? ? 3_645 B 0DC 3 OP2 A ? A K   102 B 0DC 9   1_555 ? ? ? ? ? ? ?            3.005 ? ? 
hydrog1  hydrog ?    ? A 0DC 1 N3    ? ? ? 1_555 B 0DG 6 N1  ? ? A 0DC 1   B 0DG 12  1_555 ? ? ? ? ? ? WATSON-CRICK ?     ? ? 
hydrog2  hydrog ?    ? A 0DC 1 N4    ? ? ? 1_555 B 0DG 6 O6  ? ? A 0DC 1   B 0DG 12  1_555 ? ? ? ? ? ? WATSON-CRICK ?     ? ? 
hydrog3  hydrog ?    ? A 0DC 1 O2    ? ? ? 1_555 B 0DG 6 N2  ? ? A 0DC 1   B 0DG 12  1_555 ? ? ? ? ? ? WATSON-CRICK ?     ? ? 
hydrog4  hydrog ?    ? A 0DG 2 N1    ? ? ? 1_555 B 0DC 5 N3  ? ? A 0DG 2   B 0DC 11  1_555 ? ? ? ? ? ? WATSON-CRICK ?     ? ? 
hydrog5  hydrog ?    ? A 0DG 2 N2    ? ? ? 1_555 B 0DC 5 O2  ? ? A 0DG 2   B 0DC 11  1_555 ? ? ? ? ? ? WATSON-CRICK ?     ? ? 
hydrog6  hydrog ?    ? A 0DG 2 O6    ? ? ? 1_555 B 0DC 5 N4  ? ? A 0DG 2   B 0DC 11  1_555 ? ? ? ? ? ? WATSON-CRICK ?     ? ? 
hydrog7  hydrog ?    ? A 0DC 3 N3    ? ? ? 1_555 B 0DG 4 N1  ? ? A 0DC 3   B 0DG 10  1_555 ? ? ? ? ? ? WATSON-CRICK ?     ? ? 
hydrog8  hydrog ?    ? A 0DC 3 N4    ? ? ? 1_555 B 0DG 4 O6  ? ? A 0DC 3   B 0DG 10  1_555 ? ? ? ? ? ? WATSON-CRICK ?     ? ? 
hydrog9  hydrog ?    ? A 0DC 3 O2    ? ? ? 1_555 B 0DG 4 N2  ? ? A 0DC 3   B 0DG 10  1_555 ? ? ? ? ? ? WATSON-CRICK ?     ? ? 
hydrog10 hydrog ?    ? A 0DG 4 N1    ? ? ? 1_555 B 0DC 3 N3  ? ? A 0DG 4   B 0DC 9   1_555 ? ? ? ? ? ? WATSON-CRICK ?     ? ? 
hydrog11 hydrog ?    ? A 0DG 4 N2    ? ? ? 1_555 B 0DC 3 O2  ? ? A 0DG 4   B 0DC 9   1_555 ? ? ? ? ? ? WATSON-CRICK ?     ? ? 
hydrog12 hydrog ?    ? A 0DG 4 O6    ? ? ? 1_555 B 0DC 3 N4  ? ? A 0DG 4   B 0DC 9   1_555 ? ? ? ? ? ? WATSON-CRICK ?     ? ? 
hydrog13 hydrog ?    ? A 0DC 5 N3    ? ? ? 1_555 B 0DG 2 N1  ? ? A 0DC 5   B 0DG 8   1_555 ? ? ? ? ? ? WATSON-CRICK ?     ? ? 
hydrog14 hydrog ?    ? A 0DC 5 N4    ? ? ? 1_555 B 0DG 2 O6  ? ? A 0DC 5   B 0DG 8   1_555 ? ? ? ? ? ? WATSON-CRICK ?     ? ? 
hydrog15 hydrog ?    ? A 0DC 5 O2    ? ? ? 1_555 B 0DG 2 N2  ? ? A 0DC 5   B 0DG 8   1_555 ? ? ? ? ? ? WATSON-CRICK ?     ? ? 
hydrog16 hydrog ?    ? A 0DG 6 N1    ? ? ? 1_555 B 0DC 1 N3  ? ? A 0DG 6   B 0DC 7   1_555 ? ? ? ? ? ? WATSON-CRICK ?     ? ? 
hydrog17 hydrog ?    ? A 0DG 6 N2    ? ? ? 1_555 B 0DC 1 O2  ? ? A 0DG 6   B 0DC 7   1_555 ? ? ? ? ? ? WATSON-CRICK ?     ? ? 
hydrog18 hydrog ?    ? A 0DG 6 O6    ? ? ? 1_555 B 0DC 1 N4  ? ? A 0DG 6   B 0DC 7   1_555 ? ? ? ? ? ? WATSON-CRICK ?     ? ? 
# 
loop_
_struct_conn_type.id 
_struct_conn_type.criteria 
_struct_conn_type.reference 
covale ? ? 
metalc ? ? 
hydrog ? ? 
# 
loop_
_pdbx_struct_conn_angle.id 
_pdbx_struct_conn_angle.ptnr1_label_atom_id 
_pdbx_struct_conn_angle.ptnr1_label_alt_id 
_pdbx_struct_conn_angle.ptnr1_label_asym_id 
_pdbx_struct_conn_angle.ptnr1_label_comp_id 
_pdbx_struct_conn_angle.ptnr1_label_seq_id 
_pdbx_struct_conn_angle.ptnr1_auth_atom_id 
_pdbx_struct_conn_angle.ptnr1_auth_asym_id 
_pdbx_struct_conn_angle.ptnr1_auth_comp_id 
_pdbx_struct_conn_angle.ptnr1_auth_seq_id 
_pdbx_struct_conn_angle.ptnr1_PDB_ins_code 
_pdbx_struct_conn_angle.ptnr1_symmetry 
_pdbx_struct_conn_angle.ptnr2_label_atom_id 
_pdbx_struct_conn_angle.ptnr2_label_alt_id 
_pdbx_struct_conn_angle.ptnr2_label_asym_id 
_pdbx_struct_conn_angle.ptnr2_label_comp_id 
_pdbx_struct_conn_angle.ptnr2_label_seq_id 
_pdbx_struct_conn_angle.ptnr2_auth_atom_id 
_pdbx_struct_conn_angle.ptnr2_auth_asym_id 
_pdbx_struct_conn_angle.ptnr2_auth_comp_id 
_pdbx_struct_conn_angle.ptnr2_auth_seq_id 
_pdbx_struct_conn_angle.ptnr2_PDB_ins_code 
_pdbx_struct_conn_angle.ptnr2_symmetry 
_pdbx_struct_conn_angle.ptnr3_label_atom_id 
_pdbx_struct_conn_angle.ptnr3_label_alt_id 
_pdbx_struct_conn_angle.ptnr3_label_asym_id 
_pdbx_struct_conn_angle.ptnr3_label_comp_id 
_pdbx_struct_conn_angle.ptnr3_label_seq_id 
_pdbx_struct_conn_angle.ptnr3_auth_atom_id 
_pdbx_struct_conn_angle.ptnr3_auth_asym_id 
_pdbx_struct_conn_angle.ptnr3_auth_comp_id 
_pdbx_struct_conn_angle.ptnr3_auth_seq_id 
_pdbx_struct_conn_angle.ptnr3_PDB_ins_code 
_pdbx_struct_conn_angle.ptnr3_symmetry 
_pdbx_struct_conn_angle.value 
_pdbx_struct_conn_angle.value_esd 
1  OP2   B A 0DG 6 ? A 0DG 6   ? 1_555 K ? D K . ? A K 102 ? 1_555 "O5'" A A 0DG 6 ? A 0DG 6   ? 1_555 48.9  ? 
2  OP2   B A 0DG 6 ? A 0DG 6   ? 1_555 K ? D K . ? A K 102 ? 1_555 "O5'" B A 0DG 6 ? A 0DG 6   ? 1_555 50.4  ? 
3  "O5'" A A 0DG 6 ? A 0DG 6   ? 1_555 K ? D K . ? A K 102 ? 1_555 "O5'" B A 0DG 6 ? A 0DG 6   ? 1_555 2.2   ? 
4  OP2   B A 0DG 6 ? A 0DG 6   ? 1_555 K ? D K . ? A K 102 ? 1_555 O     ? E HOH . ? A HOH 208 ? 1_555 91.8  ? 
5  "O5'" A A 0DG 6 ? A 0DG 6   ? 1_555 K ? D K . ? A K 102 ? 1_555 O     ? E HOH . ? A HOH 208 ? 1_555 118.1 ? 
6  "O5'" B A 0DG 6 ? A 0DG 6   ? 1_555 K ? D K . ? A K 102 ? 1_555 O     ? E HOH . ? A HOH 208 ? 1_555 117.1 ? 
7  OP2   B A 0DG 6 ? A 0DG 6   ? 1_555 K ? D K . ? A K 102 ? 1_555 O     ? E HOH . ? A HOH 227 ? 1_555 109.1 ? 
8  "O5'" A A 0DG 6 ? A 0DG 6   ? 1_555 K ? D K . ? A K 102 ? 1_555 O     ? E HOH . ? A HOH 227 ? 1_555 76.6  ? 
9  "O5'" B A 0DG 6 ? A 0DG 6   ? 1_555 K ? D K . ? A K 102 ? 1_555 O     ? E HOH . ? A HOH 227 ? 1_555 74.4  ? 
10 O     ? E HOH . ? A HOH 208 ? 1_555 K ? D K . ? A K 102 ? 1_555 O     ? E HOH . ? A HOH 227 ? 1_555 75.7  ? 
11 OP2   B A 0DG 6 ? A 0DG 6   ? 1_555 K ? D K . ? A K 102 ? 1_555 O     A E HOH . ? A HOH 263 ? 1_555 81.7  ? 
12 "O5'" A A 0DG 6 ? A 0DG 6   ? 1_555 K ? D K . ? A K 102 ? 1_555 O     A E HOH . ? A HOH 263 ? 1_555 127.0 ? 
13 "O5'" B A 0DG 6 ? A 0DG 6   ? 1_555 K ? D K . ? A K 102 ? 1_555 O     A E HOH . ? A HOH 263 ? 1_555 129.0 ? 
14 O     ? E HOH . ? A HOH 208 ? 1_555 K ? D K . ? A K 102 ? 1_555 O     A E HOH . ? A HOH 263 ? 1_555 74.6  ? 
15 O     ? E HOH . ? A HOH 227 ? 1_555 K ? D K . ? A K 102 ? 1_555 O     A E HOH . ? A HOH 263 ? 1_555 148.7 ? 
16 OP2   B A 0DG 6 ? A 0DG 6   ? 1_555 K ? D K . ? A K 102 ? 1_555 O     B E HOH . ? A HOH 263 ? 1_555 75.5  ? 
17 "O5'" A A 0DG 6 ? A 0DG 6   ? 1_555 K ? D K . ? A K 102 ? 1_555 O     B E HOH . ? A HOH 263 ? 1_555 109.2 ? 
18 "O5'" B A 0DG 6 ? A 0DG 6   ? 1_555 K ? D K . ? A K 102 ? 1_555 O     B E HOH . ? A HOH 263 ? 1_555 111.4 ? 
19 O     ? E HOH . ? A HOH 208 ? 1_555 K ? D K . ? A K 102 ? 1_555 O     B E HOH . ? A HOH 263 ? 1_555 100.9 ? 
20 O     ? E HOH . ? A HOH 227 ? 1_555 K ? D K . ? A K 102 ? 1_555 O     B E HOH . ? A HOH 263 ? 1_555 174.2 ? 
21 O     A E HOH . ? A HOH 263 ? 1_555 K ? D K . ? A K 102 ? 1_555 O     B E HOH . ? A HOH 263 ? 1_555 26.8  ? 
22 OP2   B A 0DG 6 ? A 0DG 6   ? 1_555 K ? D K . ? A K 102 ? 1_555 OP1   A B 0DC 3 ? B 0DC 9   ? 1_555 21.2  ? 
23 "O5'" A A 0DG 6 ? A 0DG 6   ? 1_555 K ? D K . ? A K 102 ? 1_555 OP1   A B 0DC 3 ? B 0DC 9   ? 1_555 28.0  ? 
24 "O5'" B A 0DG 6 ? A 0DG 6   ? 1_555 K ? D K . ? A K 102 ? 1_555 OP1   A B 0DC 3 ? B 0DC 9   ? 1_555 29.3  ? 
25 O     ? E HOH . ? A HOH 208 ? 1_555 K ? D K . ? A K 102 ? 1_555 OP1   A B 0DC 3 ? B 0DC 9   ? 1_555 102.1 ? 
26 O     ? E HOH . ? A HOH 227 ? 1_555 K ? D K . ? A K 102 ? 1_555 OP1   A B 0DC 3 ? B 0DC 9   ? 1_555 93.4  ? 
27 O     A E HOH . ? A HOH 263 ? 1_555 K ? D K . ? A K 102 ? 1_555 OP1   A B 0DC 3 ? B 0DC 9   ? 1_555 102.2 ? 
28 O     B E HOH . ? A HOH 263 ? 1_555 K ? D K . ? A K 102 ? 1_555 OP1   A B 0DC 3 ? B 0DC 9   ? 1_555 91.9  ? 
29 OP2   B A 0DG 6 ? A 0DG 6   ? 1_555 K ? D K . ? A K 102 ? 1_555 OP2   A B 0DC 3 ? B 0DC 9   ? 1_555 17.0  ? 
30 "O5'" A A 0DG 6 ? A 0DG 6   ? 1_555 K ? D K . ? A K 102 ? 1_555 OP2   A B 0DC 3 ? B 0DC 9   ? 1_555 32.0  ? 
31 "O5'" B A 0DG 6 ? A 0DG 6   ? 1_555 K ? D K . ? A K 102 ? 1_555 OP2   A B 0DC 3 ? B 0DC 9   ? 1_555 33.4  ? 
32 O     ? E HOH . ? A HOH 208 ? 1_555 K ? D K . ? A K 102 ? 1_555 OP2   A B 0DC 3 ? B 0DC 9   ? 1_555 102.2 ? 
33 O     ? E HOH . ? A HOH 227 ? 1_555 K ? D K . ? A K 102 ? 1_555 OP2   A B 0DC 3 ? B 0DC 9   ? 1_555 98.4  ? 
34 O     A E HOH . ? A HOH 263 ? 1_555 K ? D K . ? A K 102 ? 1_555 OP2   A B 0DC 3 ? B 0DC 9   ? 1_555 97.3  ? 
35 O     B E HOH . ? A HOH 263 ? 1_555 K ? D K . ? A K 102 ? 1_555 OP2   A B 0DC 3 ? B 0DC 9   ? 1_555 86.8  ? 
36 OP1   A B 0DC 3 ? B 0DC 9   ? 1_555 K ? D K . ? A K 102 ? 1_555 OP2   A B 0DC 3 ? B 0DC 9   ? 1_555 5.1   ? 
# 
loop_
_pdbx_validate_rmsd_angle.id 
_pdbx_validate_rmsd_angle.PDB_model_num 
_pdbx_validate_rmsd_angle.auth_atom_id_1 
_pdbx_validate_rmsd_angle.auth_asym_id_1 
_pdbx_validate_rmsd_angle.auth_comp_id_1 
_pdbx_validate_rmsd_angle.auth_seq_id_1 
_pdbx_validate_rmsd_angle.PDB_ins_code_1 
_pdbx_validate_rmsd_angle.label_alt_id_1 
_pdbx_validate_rmsd_angle.auth_atom_id_2 
_pdbx_validate_rmsd_angle.auth_asym_id_2 
_pdbx_validate_rmsd_angle.auth_comp_id_2 
_pdbx_validate_rmsd_angle.auth_seq_id_2 
_pdbx_validate_rmsd_angle.PDB_ins_code_2 
_pdbx_validate_rmsd_angle.label_alt_id_2 
_pdbx_validate_rmsd_angle.auth_atom_id_3 
_pdbx_validate_rmsd_angle.auth_asym_id_3 
_pdbx_validate_rmsd_angle.auth_comp_id_3 
_pdbx_validate_rmsd_angle.auth_seq_id_3 
_pdbx_validate_rmsd_angle.PDB_ins_code_3 
_pdbx_validate_rmsd_angle.label_alt_id_3 
_pdbx_validate_rmsd_angle.angle_value 
_pdbx_validate_rmsd_angle.angle_target_value 
_pdbx_validate_rmsd_angle.angle_deviation 
_pdbx_validate_rmsd_angle.angle_standard_deviation 
_pdbx_validate_rmsd_angle.linker_flag 
1 1 "C3'" B 0DG 8 ? B "O3'" B 0DG 8 ? B P   B 0DC 9 ? B 129.99 119.70 10.29 1.20 Y 
2 1 "O3'" B 0DG 8 ? B P     B 0DC 9 ? B OP2 B 0DC 9 ? B 124.96 110.50 14.46 1.10 Y 
# 
_phasing.method   MR 
# 
_pdbx_entry_details.entry_id                 8A71 
_pdbx_entry_details.nonpolymer_details       ? 
_pdbx_entry_details.sequence_details         ? 
_pdbx_entry_details.compound_details         ? 
_pdbx_entry_details.source_details           ? 
_pdbx_entry_details.has_ligand_of_interest   Y 
# 
_pdbx_distant_solvent_atoms.id                                1 
_pdbx_distant_solvent_atoms.PDB_model_num                     1 
_pdbx_distant_solvent_atoms.auth_atom_id                      O 
_pdbx_distant_solvent_atoms.label_alt_id                      A 
_pdbx_distant_solvent_atoms.auth_asym_id                      B 
_pdbx_distant_solvent_atoms.auth_comp_id                      HOH 
_pdbx_distant_solvent_atoms.auth_seq_id                       153 
_pdbx_distant_solvent_atoms.PDB_ins_code                      ? 
_pdbx_distant_solvent_atoms.neighbor_macromolecule_distance   6.53 
_pdbx_distant_solvent_atoms.neighbor_ligand_distance          . 
# 
loop_
_chem_comp_atom.comp_id 
_chem_comp_atom.atom_id 
_chem_comp_atom.type_symbol 
_chem_comp_atom.pdbx_aromatic_flag 
_chem_comp_atom.pdbx_stereo_config 
_chem_comp_atom.pdbx_ordinal 
0DC OP3    O N N 1  
0DC P      P N N 2  
0DC OP1    O N N 3  
0DC OP2    O N N 4  
0DC "O5'"  O N N 5  
0DC "C5'"  C N N 6  
0DC "C4'"  C N S 7  
0DC "O4'"  O N N 8  
0DC "C3'"  C N R 9  
0DC "O3'"  O N N 10 
0DC "C2'"  C N N 11 
0DC "C1'"  C N S 12 
0DC N1     N N N 13 
0DC C2     C N N 14 
0DC O2     O N N 15 
0DC N3     N N N 16 
0DC C4     C N N 17 
0DC N4     N N N 18 
0DC C5     C N N 19 
0DC C6     C N N 20 
0DC HOP3   H N N 21 
0DC HOP2   H N N 22 
0DC "H5'"  H N N 23 
0DC "H5''" H N N 24 
0DC "H4'"  H N N 25 
0DC "H3'"  H N N 26 
0DC "HO3'" H N N 27 
0DC "H2'"  H N N 28 
0DC "H2''" H N N 29 
0DC "H1'"  H N N 30 
0DC H41    H N N 31 
0DC H42    H N N 32 
0DC H5     H N N 33 
0DC H6     H N N 34 
0DG OP3    O N N 35 
0DG P      P N N 36 
0DG OP1    O N N 37 
0DG OP2    O N N 38 
0DG "O5'"  O N N 39 
0DG "C5'"  C N N 40 
0DG "C4'"  C N S 41 
0DG "O4'"  O N N 42 
0DG "C3'"  C N R 43 
0DG "O3'"  O N N 44 
0DG "C2'"  C N N 45 
0DG "C1'"  C N S 46 
0DG N9     N Y N 47 
0DG C8     C Y N 48 
0DG N7     N Y N 49 
0DG C5     C Y N 50 
0DG C6     C N N 51 
0DG O6     O N N 52 
0DG N1     N N N 53 
0DG C2     C N N 54 
0DG N2     N N N 55 
0DG N3     N N N 56 
0DG C4     C Y N 57 
0DG HOP3   H N N 58 
0DG HOP2   H N N 59 
0DG "H5'"  H N N 60 
0DG "H5''" H N N 61 
0DG "H4'"  H N N 62 
0DG "H3'"  H N N 63 
0DG "HO3'" H N N 64 
0DG "H2'"  H N N 65 
0DG "H2''" H N N 66 
0DG "H1'"  H N N 67 
0DG H8     H N N 68 
0DG H1     H N N 69 
0DG H21    H N N 70 
0DG H22    H N N 71 
HOH O      O N N 72 
HOH H1     H N N 73 
HOH H2     H N N 74 
K   K      K N N 75 
LB9 C1     C N N 76 
LB9 C2     C N N 77 
LB9 C3     C N N 78 
LB9 C4     C N N 79 
LB9 NE2    N N N 80 
LB9 C5     C N N 81 
LB9 N1     N N N 82 
LB9 H1C1   H N N 83 
LB9 H1C2   H N N 84 
LB9 H2C1   H N N 85 
LB9 H2C2   H N N 86 
LB9 H3C1   H N N 87 
LB9 H3C2   H N N 88 
LB9 H4C1   H N N 89 
LB9 H4C2   H N N 90 
LB9 HE21   H N N 91 
LB9 HE22   H N N 92 
LB9 H11    H N N 93 
LB9 H5C1   H N N 94 
LB9 H5C2   H N N 95 
LB9 H1N1   H N N 96 
LB9 H1N2   H N N 97 
LB9 H16    H N N 98 
# 
loop_
_chem_comp_bond.comp_id 
_chem_comp_bond.atom_id_1 
_chem_comp_bond.atom_id_2 
_chem_comp_bond.value_order 
_chem_comp_bond.pdbx_aromatic_flag 
_chem_comp_bond.pdbx_stereo_config 
_chem_comp_bond.pdbx_ordinal 
0DC OP3   P      sing N N 1  
0DC OP3   HOP3   sing N N 2  
0DC P     OP1    doub N N 3  
0DC P     OP2    sing N N 4  
0DC P     "O5'"  sing N N 5  
0DC OP2   HOP2   sing N N 6  
0DC "O5'" "C5'"  sing N N 7  
0DC "C5'" "C4'"  sing N N 8  
0DC "C5'" "H5'"  sing N N 9  
0DC "C5'" "H5''" sing N N 10 
0DC "C4'" "O4'"  sing N N 11 
0DC "C4'" "C3'"  sing N N 12 
0DC "C4'" "H4'"  sing N N 13 
0DC "O4'" "C1'"  sing N N 14 
0DC "C3'" "O3'"  sing N N 15 
0DC "C3'" "C2'"  sing N N 16 
0DC "C3'" "H3'"  sing N N 17 
0DC "O3'" "HO3'" sing N N 18 
0DC "C2'" "C1'"  sing N N 19 
0DC "C2'" "H2'"  sing N N 20 
0DC "C2'" "H2''" sing N N 21 
0DC "C1'" N1     sing N N 22 
0DC "C1'" "H1'"  sing N N 23 
0DC N1    C2     sing N N 24 
0DC N1    C6     sing N N 25 
0DC C2    O2     doub N N 26 
0DC C2    N3     sing N N 27 
0DC N3    C4     doub N N 28 
0DC C4    N4     sing N N 29 
0DC C4    C5     sing N N 30 
0DC N4    H41    sing N N 31 
0DC N4    H42    sing N N 32 
0DC C5    C6     doub N N 33 
0DC C5    H5     sing N N 34 
0DC C6    H6     sing N N 35 
0DG OP3   P      sing N N 36 
0DG OP3   HOP3   sing N N 37 
0DG P     OP1    doub N N 38 
0DG P     OP2    sing N N 39 
0DG P     "O5'"  sing N N 40 
0DG OP2   HOP2   sing N N 41 
0DG "O5'" "C5'"  sing N N 42 
0DG "C5'" "C4'"  sing N N 43 
0DG "C5'" "H5'"  sing N N 44 
0DG "C5'" "H5''" sing N N 45 
0DG "C4'" "O4'"  sing N N 46 
0DG "C4'" "C3'"  sing N N 47 
0DG "C4'" "H4'"  sing N N 48 
0DG "O4'" "C1'"  sing N N 49 
0DG "C3'" "O3'"  sing N N 50 
0DG "C3'" "C2'"  sing N N 51 
0DG "C3'" "H3'"  sing N N 52 
0DG "O3'" "HO3'" sing N N 53 
0DG "C2'" "C1'"  sing N N 54 
0DG "C2'" "H2'"  sing N N 55 
0DG "C2'" "H2''" sing N N 56 
0DG "C1'" N9     sing N N 57 
0DG "C1'" "H1'"  sing N N 58 
0DG N9    C8     sing Y N 59 
0DG N9    C4     sing Y N 60 
0DG C8    N7     doub Y N 61 
0DG C8    H8     sing N N 62 
0DG N7    C5     sing Y N 63 
0DG C5    C6     sing N N 64 
0DG C5    C4     doub Y N 65 
0DG C6    O6     doub N N 66 
0DG C6    N1     sing N N 67 
0DG N1    C2     sing N N 68 
0DG N1    H1     sing N N 69 
0DG C2    N2     sing N N 70 
0DG C2    N3     doub N N 71 
0DG N2    H21    sing N N 72 
0DG N2    H22    sing N N 73 
0DG N3    C4     sing N N 74 
HOH O     H1     sing N N 75 
HOH O     H2     sing N N 76 
LB9 NE2   C1     sing N N 77 
LB9 C1    C2     sing N N 78 
LB9 C2    C3     sing N N 79 
LB9 C3    C4     sing N N 80 
LB9 C4    C5     sing N N 81 
LB9 C5    N1     sing N N 82 
LB9 C1    H1C1   sing N N 83 
LB9 C1    H1C2   sing N N 84 
LB9 C2    H2C1   sing N N 85 
LB9 C2    H2C2   sing N N 86 
LB9 C3    H3C1   sing N N 87 
LB9 C3    H3C2   sing N N 88 
LB9 C4    H4C1   sing N N 89 
LB9 C4    H4C2   sing N N 90 
LB9 NE2   HE21   sing N N 91 
LB9 NE2   HE22   sing N N 92 
LB9 NE2   H11    sing N N 93 
LB9 C5    H5C1   sing N N 94 
LB9 C5    H5C2   sing N N 95 
LB9 N1    H1N1   sing N N 96 
LB9 N1    H1N2   sing N N 97 
LB9 N1    H16    sing N N 98 
# 
_ndb_struct_conf_na.entry_id   8A71 
_ndb_struct_conf_na.feature    'double helix' 
# 
loop_
_ndb_struct_na_base_pair.model_number 
_ndb_struct_na_base_pair.i_label_asym_id 
_ndb_struct_na_base_pair.i_label_comp_id 
_ndb_struct_na_base_pair.i_label_seq_id 
_ndb_struct_na_base_pair.i_symmetry 
_ndb_struct_na_base_pair.j_label_asym_id 
_ndb_struct_na_base_pair.j_label_comp_id 
_ndb_struct_na_base_pair.j_label_seq_id 
_ndb_struct_na_base_pair.j_symmetry 
_ndb_struct_na_base_pair.shear 
_ndb_struct_na_base_pair.stretch 
_ndb_struct_na_base_pair.stagger 
_ndb_struct_na_base_pair.buckle 
_ndb_struct_na_base_pair.propeller 
_ndb_struct_na_base_pair.opening 
_ndb_struct_na_base_pair.pair_number 
_ndb_struct_na_base_pair.pair_name 
_ndb_struct_na_base_pair.i_auth_asym_id 
_ndb_struct_na_base_pair.i_auth_seq_id 
_ndb_struct_na_base_pair.i_PDB_ins_code 
_ndb_struct_na_base_pair.j_auth_asym_id 
_ndb_struct_na_base_pair.j_auth_seq_id 
_ndb_struct_na_base_pair.j_PDB_ins_code 
_ndb_struct_na_base_pair.hbond_type_28 
_ndb_struct_na_base_pair.hbond_type_12 
1 A 0DC 1 1_555 B 0DG 6 1_555 0.270  -0.130 0.127  3.414  -0.258 -1.348 1 A_0DC1:0DG12_B A 1 ? B 12 ? 19 1 
1 A 0DG 2 1_555 B 0DC 5 1_555 -0.274 -0.137 -0.003 -5.988 1.388  -2.214 2 A_0DG2:0DC11_B A 2 ? B 11 ? 19 1 
1 A 0DC 3 1_555 B 0DG 4 1_555 0.243  -0.159 0.026  2.892  3.258  -2.943 3 A_0DC3:0DG10_B A 3 ? B 10 ? 19 1 
1 A 0DG 4 1_555 B 0DC 3 1_555 -0.195 -0.113 0.059  -5.442 1.383  -2.500 4 A_0DG4:0DC9_B  A 4 ? B 9  ? 19 1 
1 A 0DC 5 1_555 B 0DG 2 1_555 0.210  -0.115 -0.018 2.103  0.850  -1.698 5 A_0DC5:0DG8_B  A 5 ? B 8  ? 19 1 
1 A 0DG 6 1_555 B 0DC 1 1_555 -0.242 -0.112 0.137  2.411  -0.966 -1.452 6 A_0DG6:0DC7_B  A 6 ? B 7  ? 19 1 
# 
loop_
_ndb_struct_na_base_pair_step.model_number 
_ndb_struct_na_base_pair_step.i_label_asym_id_1 
_ndb_struct_na_base_pair_step.i_label_comp_id_1 
_ndb_struct_na_base_pair_step.i_label_seq_id_1 
_ndb_struct_na_base_pair_step.i_symmetry_1 
_ndb_struct_na_base_pair_step.j_label_asym_id_1 
_ndb_struct_na_base_pair_step.j_label_comp_id_1 
_ndb_struct_na_base_pair_step.j_label_seq_id_1 
_ndb_struct_na_base_pair_step.j_symmetry_1 
_ndb_struct_na_base_pair_step.i_label_asym_id_2 
_ndb_struct_na_base_pair_step.i_label_comp_id_2 
_ndb_struct_na_base_pair_step.i_label_seq_id_2 
_ndb_struct_na_base_pair_step.i_symmetry_2 
_ndb_struct_na_base_pair_step.j_label_asym_id_2 
_ndb_struct_na_base_pair_step.j_label_comp_id_2 
_ndb_struct_na_base_pair_step.j_label_seq_id_2 
_ndb_struct_na_base_pair_step.j_symmetry_2 
_ndb_struct_na_base_pair_step.shift 
_ndb_struct_na_base_pair_step.slide 
_ndb_struct_na_base_pair_step.rise 
_ndb_struct_na_base_pair_step.tilt 
_ndb_struct_na_base_pair_step.roll 
_ndb_struct_na_base_pair_step.twist 
_ndb_struct_na_base_pair_step.x_displacement 
_ndb_struct_na_base_pair_step.y_displacement 
_ndb_struct_na_base_pair_step.helical_rise 
_ndb_struct_na_base_pair_step.inclination 
_ndb_struct_na_base_pair_step.tip 
_ndb_struct_na_base_pair_step.helical_twist 
_ndb_struct_na_base_pair_step.step_number 
_ndb_struct_na_base_pair_step.step_name 
_ndb_struct_na_base_pair_step.i_auth_asym_id_1 
_ndb_struct_na_base_pair_step.i_auth_seq_id_1 
_ndb_struct_na_base_pair_step.i_PDB_ins_code_1 
_ndb_struct_na_base_pair_step.j_auth_asym_id_1 
_ndb_struct_na_base_pair_step.j_auth_seq_id_1 
_ndb_struct_na_base_pair_step.j_PDB_ins_code_1 
_ndb_struct_na_base_pair_step.i_auth_asym_id_2 
_ndb_struct_na_base_pair_step.i_auth_seq_id_2 
_ndb_struct_na_base_pair_step.i_PDB_ins_code_2 
_ndb_struct_na_base_pair_step.j_auth_asym_id_2 
_ndb_struct_na_base_pair_step.j_auth_seq_id_2 
_ndb_struct_na_base_pair_step.j_PDB_ins_code_2 
1 A 0DC 1 1_555 B 0DG 6 1_555 A 0DG 2 1_555 B 0DC 5 1_555 -0.076 5.399  3.679 0.433  2.005 6.091  35.532 3.403  5.165 18.204 
-3.929 6.427  1 AA_0DC10DG2:0DC110DG12_BB A 1 ? B 12 ? A 2 ? B 11 ? 
1 A 0DG 2 1_555 B 0DC 5 1_555 A 0DC 3 1_555 B 0DG 4 1_555 0.013  -1.089 3.238 0.052  6.415 51.646 -1.658 -0.011 3.091 7.330  
-0.060 52.016 2 AA_0DG20DC3:0DG100DC11_BB A 2 ? B 11 ? A 3 ? B 10 ? 
1 A 0DC 3 1_555 B 0DG 4 1_555 A 0DG 4 1_555 B 0DC 3 1_555 0.023  5.426  3.681 -0.285 2.980 5.453  27.660 -2.351 5.824 28.650 2.744 
6.221  3 AA_0DC30DG4:0DC90DG10_BB  A 3 ? B 10 ? A 4 ? B 9  ? 
1 A 0DG 4 1_555 B 0DC 3 1_555 A 0DC 5 1_555 B 0DG 2 1_555 0.210  -0.924 3.287 0.166  3.810 53.292 -1.268 -0.223 3.220 4.242  
-0.184 53.418 4 AA_0DG40DC5:0DG80DC9_BB   A 4 ? B 9  ? A 5 ? B 8  ? 
1 A 0DC 5 1_555 B 0DG 2 1_555 A 0DG 6 1_555 B 0DC 1 1_555 -0.118 5.251  3.444 0.499  2.660 8.379  25.854 2.337  4.855 17.608 
-3.304 8.805  5 AA_0DC50DG6:0DC70DG8_BB   A 5 ? B 8  ? A 6 ? B 7  ? 
# 
_pdbx_audit_support.funding_organization   'Polish National Science Centre' 
_pdbx_audit_support.country                Poland 
_pdbx_audit_support.grant_number           2013/10/M/NZ1/00251 
_pdbx_audit_support.ordinal                1 
# 
_pdbx_initial_refinement_model.id               1 
_pdbx_initial_refinement_model.entity_id_list   ? 
_pdbx_initial_refinement_model.type             'experimental model' 
_pdbx_initial_refinement_model.source_name      PDB 
_pdbx_initial_refinement_model.accession_code   7ATG 
_pdbx_initial_refinement_model.details          ? 
# 
_pdbx_related_exp_data_set.ordinal              1 
_pdbx_related_exp_data_set.data_reference       10.18150/D5XSNJ 
_pdbx_related_exp_data_set.metadata_reference   10.18150/D5XSNJ 
_pdbx_related_exp_data_set.data_set_type        'diffraction image data' 
_pdbx_related_exp_data_set.details              ? 
# 
_atom_sites.entry_id                    8A71 
_atom_sites.Cartn_transf_matrix[1][1]   ? 
_atom_sites.Cartn_transf_matrix[1][2]   ? 
_atom_sites.Cartn_transf_matrix[1][3]   ? 
_atom_sites.Cartn_transf_matrix[2][1]   ? 
_atom_sites.Cartn_transf_matrix[2][2]   ? 
_atom_sites.Cartn_transf_matrix[2][3]   ? 
_atom_sites.Cartn_transf_matrix[3][1]   ? 
_atom_sites.Cartn_transf_matrix[3][2]   ? 
_atom_sites.Cartn_transf_matrix[3][3]   ? 
_atom_sites.Cartn_transf_vector[1]      ? 
_atom_sites.Cartn_transf_vector[2]      ? 
_atom_sites.Cartn_transf_vector[3]      ? 
_atom_sites.fract_transf_matrix[1][1]   0.01447281 
_atom_sites.fract_transf_matrix[1][2]   0.05334504 
_atom_sites.fract_transf_matrix[1][3]   0.00780641 
_atom_sites.fract_transf_matrix[2][1]   0.02437990 
_atom_sites.fract_transf_matrix[2][2]   -0.00935301 
_atom_sites.fract_transf_matrix[2][3]   0.01871420 
_atom_sites.fract_transf_matrix[3][1]   0.01354464 
_atom_sites.fract_transf_matrix[3][2]   -0.00101810 
_atom_sites.fract_transf_matrix[3][3]   -0.01815409 
_atom_sites.fract_transf_vector[1]      0.240808 
_atom_sites.fract_transf_vector[2]      0.019135 
_atom_sites.fract_transf_vector[3]      0.360743 
_atom_sites.solution_primary            ? 
_atom_sites.solution_secondary          ? 
_atom_sites.solution_hydrogens          ? 
_atom_sites.special_details             ? 
# 
loop_
_atom_type.symbol 
C 
K 
N 
O 
P 
# 
loop_
_atom_site.group_PDB 
_atom_site.id 
_atom_site.type_symbol 
_atom_site.label_atom_id 
_atom_site.label_alt_id 
_atom_site.label_comp_id 
_atom_site.label_asym_id 
_atom_site.label_entity_id 
_atom_site.label_seq_id 
_atom_site.pdbx_PDB_ins_code 
_atom_site.Cartn_x 
_atom_site.Cartn_y 
_atom_site.Cartn_z 
_atom_site.occupancy 
_atom_site.B_iso_or_equiv 
_atom_site.pdbx_formal_charge 
_atom_site.auth_seq_id 
_atom_site.auth_comp_id 
_atom_site.auth_asym_id 
_atom_site.auth_atom_id 
_atom_site.pdbx_PDB_model_num 
HETATM 1   O "O5'" . 0DC A 1 1 ? 2.305   -5.277  -10.632 1.00 4.52  ? 1   0DC A "O5'" 1 
HETATM 2   C "C5'" . 0DC A 1 1 ? 2.422   -5.746  -9.281  1.00 3.66  ? 1   0DC A "C5'" 1 
HETATM 3   C "C4'" . 0DC A 1 1 ? 3.367   -4.902  -8.465  1.00 3.35  ? 1   0DC A "C4'" 1 
HETATM 4   O "O4'" . 0DC A 1 1 ? 2.825   -3.576  -8.343  1.00 4.00  ? 1   0DC A "O4'" 1 
HETATM 5   C "C3'" . 0DC A 1 1 ? 4.778   -4.746  -9.059  1.00 3.48  ? 1   0DC A "C3'" 1 
HETATM 6   O "O3'" . 0DC A 1 1 ? 5.778   -4.767  -8.011  1.00 3.80  ? 1   0DC A "O3'" 1 
HETATM 7   C "C2'" . 0DC A 1 1 ? 4.751   -3.337  -9.632  1.00 3.51  ? 1   0DC A "C2'" 1 
HETATM 8   C "C1'" . 0DC A 1 1 ? 3.799   -2.608  -8.698  1.00 3.43  ? 1   0DC A "C1'" 1 
HETATM 9   N N1    . 0DC A 1 1 ? 3.101   -1.470  -9.306  1.00 3.47  ? 1   0DC A N1    1 
HETATM 10  C C2    . 0DC A 1 1 ? 3.693   -0.216  -9.219  1.00 3.35  ? 1   0DC A C2    1 
HETATM 11  O O2    . 0DC A 1 1 ? 4.775   -0.092  -8.596  1.00 3.96  ? 1   0DC A O2    1 
HETATM 12  N N3    . 0DC A 1 1 ? 3.088   0.840   -9.805  1.00 3.50  ? 1   0DC A N3    1 
HETATM 13  C C4    . 0DC A 1 1 ? 1.941   0.665   -10.484 1.00 3.71  ? 1   0DC A C4    1 
HETATM 14  N N4    . 0DC A 1 1 ? 1.380   1.710   -11.052 1.00 4.23  ? 1   0DC A N4    1 
HETATM 15  C C5    . 0DC A 1 1 ? 1.326   -0.636  -10.588 1.00 4.13  ? 1   0DC A C5    1 
HETATM 16  C C6    . 0DC A 1 1 ? 1.950   -1.658  -10.003 1.00 3.98  ? 1   0DC A C6    1 
HETATM 17  P P     . 0DG A 1 2 ? 6.496   -6.131  -7.594  1.00 3.89  ? 2   0DG A P     1 
HETATM 18  O OP1   . 0DG A 1 2 ? 7.624   -5.705  -6.706  1.00 5.10  ? 2   0DG A OP1   1 
HETATM 19  O OP2   . 0DG A 1 2 ? 6.796   -6.972  -8.798  1.00 4.71  ? 2   0DG A OP2   1 
HETATM 20  O "O5'" . 0DG A 1 2 ? 5.420   -6.975  -6.782  1.00 3.85  ? 2   0DG A "O5'" 1 
HETATM 21  C "C5'" . 0DG A 1 2 ? 4.936   -6.449  -5.531  1.00 3.77  ? 2   0DG A "C5'" 1 
HETATM 22  C "C4'" . 0DG A 1 2 ? 3.769   -7.299  -5.084  1.00 3.99  ? 2   0DG A "C4'" 1 
HETATM 23  O "O4'" . 0DG A 1 2 ? 2.754   -7.232  -6.060  1.00 3.77  ? 2   0DG A "O4'" 1 
HETATM 24  C "C3'" . 0DG A 1 2 ? 3.152   -6.777  -3.795  1.00 4.29  ? 2   0DG A "C3'" 1 
HETATM 25  O "O3'" . 0DG A 1 2 ? 3.788   -7.379  -2.646  1.00 5.27  ? 2   0DG A "O3'" 1 
HETATM 26  C "C2'" . 0DG A 1 2 ? 1.689   -7.236  -3.933  1.00 4.74  ? 2   0DG A "C2'" 1 
HETATM 27  C "C1'" . 0DG A 1 2 ? 1.461   -7.304  -5.442  1.00 4.02  ? 2   0DG A "C1'" 1 
HETATM 28  N N9    . 0DG A 1 2 ? 0.640   -6.245  -6.013  1.00 3.87  ? 2   0DG A N9    1 
HETATM 29  C C8    . 0DG A 1 2 ? -0.462  -6.442  -6.779  1.00 4.33  ? 2   0DG A C8    1 
HETATM 30  N N7    . 0DG A 1 2 ? -0.963  -5.335  -7.274  1.00 4.49  ? 2   0DG A N7    1 
HETATM 31  C C5    . 0DG A 1 2 ? -0.108  -4.345  -6.782  1.00 3.75  ? 2   0DG A C5    1 
HETATM 32  C C6    . 0DG A 1 2 ? -0.106  -2.943  -7.014  1.00 3.66  ? 2   0DG A C6    1 
HETATM 33  O O6    . 0DG A 1 2 ? -0.894  -2.302  -7.734  1.00 4.48  ? 2   0DG A O6    1 
HETATM 34  N N1    . 0DG A 1 2 ? 0.911   -2.303  -6.340  1.00 3.27  ? 2   0DG A N1    1 
HETATM 35  C C2    . 0DG A 1 2 ? 1.886   -2.936  -5.599  1.00 3.23  ? 2   0DG A C2    1 
HETATM 36  N N2    . 0DG A 1 2 ? 2.841   -2.157  -5.079  1.00 3.60  ? 2   0DG A N2    1 
HETATM 37  N N3    . 0DG A 1 2 ? 1.903   -4.251  -5.386  1.00 3.26  ? 2   0DG A N3    1 
HETATM 38  C C4    . 0DG A 1 2 ? 0.882   -4.890  -6.003  1.00 3.37  ? 2   0DG A C4    1 
HETATM 39  P P     . 0DC A 1 3 ? 4.531   -6.453  -1.581  1.00 4.99  ? 3   0DC A P     1 
HETATM 40  O OP1   . 0DC A 1 3 ? 5.419   -5.472  -2.258  1.00 6.03  ? 3   0DC A OP1   1 
HETATM 41  O OP2   . 0DC A 1 3 ? 5.166   -7.389  -0.615  1.00 6.30  ? 3   0DC A OP2   1 
HETATM 42  O "O5'" . 0DC A 1 3 ? 3.297   -5.718  -0.913  1.00 5.16  ? 3   0DC A "O5'" 1 
HETATM 43  C "C5'" . 0DC A 1 3 ? 3.312   -5.320  0.472   1.00 4.41  ? 3   0DC A "C5'" 1 
HETATM 44  C "C4'" . 0DC A 1 3 ? 3.184   -3.813  0.617   1.00 4.29  ? 3   0DC A "C4'" 1 
HETATM 45  O "O4'" . 0DC A 1 3 ? 1.871   -3.409  0.198   1.00 4.40  ? 3   0DC A "O4'" 1 
HETATM 46  C "C3'" . 0DC A 1 3 ? 4.154   -2.945  -0.182  1.00 4.72  ? 3   0DC A "C3'" 1 
HETATM 47  O "O3'" A 0DC A 1 3 ? 4.410   -1.736  0.545   0.57 4.82  ? 3   0DC A "O3'" 1 
HETATM 48  O "O3'" B 0DC A 1 3 ? 4.624   -1.790  0.498   0.42 10.17 ? 3   0DC A "O3'" 1 
HETATM 49  C "C2'" . 0DC A 1 3 ? 3.324   -2.559  -1.410  1.00 4.64  ? 3   0DC A "C2'" 1 
HETATM 50  C "C1'" . 0DC A 1 3 ? 1.965   -2.370  -0.774  1.00 4.12  ? 3   0DC A "C1'" 1 
HETATM 51  N N1    . 0DC A 1 3 ? 0.861   -2.551  -1.724  1.00 3.96  ? 3   0DC A N1    1 
HETATM 52  C C2    . 0DC A 1 3 ? 0.401   -1.433  -2.400  1.00 3.81  ? 3   0DC A C2    1 
HETATM 53  O O2    . 0DC A 1 3 ? 0.929   -0.323  -2.166  1.00 4.25  ? 3   0DC A O2    1 
HETATM 54  N N3    . 0DC A 1 3 ? -0.618  -1.583  -3.275  1.00 3.78  ? 3   0DC A N3    1 
HETATM 55  C C4    . 0DC A 1 3 ? -1.116  -2.805  -3.521  1.00 4.09  ? 3   0DC A C4    1 
HETATM 56  N N4    . 0DC A 1 3 ? -2.117  -2.891  -4.388  1.00 4.58  ? 3   0DC A N4    1 
HETATM 57  C C5    . 0DC A 1 3 ? -0.618  -3.969  -2.886  1.00 4.40  ? 3   0DC A C5    1 
HETATM 58  C C6    . 0DC A 1 3 ? 0.375   -3.807  -2.000  1.00 4.46  ? 3   0DC A C6    1 
HETATM 59  P P     A 0DG A 1 4 ? 5.694   -1.576  1.470   0.57 5.34  ? 4   0DG A P     1 
HETATM 60  P P     B 0DG A 1 4 ? 5.976   -1.845  1.353   0.42 16.13 ? 4   0DG A P     1 
HETATM 61  O OP1   A 0DG A 1 4 ? 5.681   -0.175  1.952   0.57 8.42  ? 4   0DG A OP1   1 
HETATM 62  O OP1   B 0DG A 1 4 ? 6.126   -0.395  1.597   0.42 23.06 ? 4   0DG A OP1   1 
HETATM 63  O OP2   A 0DG A 1 4 ? 6.898   -2.186  0.841   0.57 7.05  ? 4   0DG A OP2   1 
HETATM 64  O OP2   B 0DG A 1 4 ? 7.041   -2.593  0.635   0.42 21.36 ? 4   0DG A OP2   1 
HETATM 65  O "O5'" A 0DG A 1 4 ? 5.433   -2.558  2.696   0.57 4.59  ? 4   0DG A "O5'" 1 
HETATM 66  O "O5'" B 0DG A 1 4 ? 5.580   -2.620  2.687   0.42 10.25 ? 4   0DG A "O5'" 1 
HETATM 67  C "C5'" A 0DG A 1 4 ? 4.471   -2.100  3.644   0.57 4.30  ? 4   0DG A "C5'" 1 
HETATM 68  C "C5'" B 0DG A 1 4 ? 4.540   -2.199  3.567   0.42 7.84  ? 4   0DG A "C5'" 1 
HETATM 69  C "C4'" . 0DG A 1 4 ? 4.300   -3.217  4.648   1.00 4.60  ? 4   0DG A "C4'" 1 
HETATM 70  O "O4'" . 0DG A 1 4 ? 3.856   -4.423  3.979   1.00 4.69  ? 4   0DG A "O4'" 1 
HETATM 71  C "C3'" . 0DG A 1 4 ? 3.233   -2.853  5.675   1.00 4.69  ? 4   0DG A "C3'" 1 
HETATM 72  O "O3'" A 0DG A 1 4 ? 3.870   -2.283  6.802   0.56 5.47  ? 4   0DG A "O3'" 1 
HETATM 73  O "O3'" B 0DG A 1 4 ? 3.917   -2.216  6.742   0.44 5.13  ? 4   0DG A "O3'" 1 
HETATM 74  C "C2'" . 0DG A 1 4 ? 2.628   -4.190  6.001   1.00 4.98  ? 4   0DG A "C2'" 1 
HETATM 75  C "C1'" . 0DG A 1 4 ? 2.879   -5.086  4.781   1.00 4.57  ? 4   0DG A "C1'" 1 
HETATM 76  N N9    . 0DG A 1 4 ? 1.720   -5.337  3.934   1.00 4.43  ? 4   0DG A N9    1 
HETATM 77  C C8    . 0DG A 1 4 ? 1.263   -6.579  3.609   1.00 5.04  ? 4   0DG A C8    1 
HETATM 78  N N7    . 0DG A 1 4 ? 0.285   -6.574  2.756   1.00 4.97  ? 4   0DG A N7    1 
HETATM 79  C C5    . 0DG A 1 4 ? 0.057   -5.215  2.524   1.00 4.09  ? 4   0DG A C5    1 
HETATM 80  C C6    . 0DG A 1 4 ? -0.866  -4.574  1.656   1.00 4.10  ? 4   0DG A C6    1 
HETATM 81  O O6    . 0DG A 1 4 ? -1.688  -5.109  0.910   1.00 4.93  ? 4   0DG A O6    1 
HETATM 82  N N1    . 0DG A 1 4 ? -0.763  -3.192  1.690   1.00 3.67  ? 4   0DG A N1    1 
HETATM 83  C C2    . 0DG A 1 4 ? 0.192   -2.503  2.425   1.00 3.51  ? 4   0DG A C2    1 
HETATM 84  N N2    . 0DG A 1 4 ? 0.184   -1.173  2.275   1.00 3.93  ? 4   0DG A N2    1 
HETATM 85  N N3    . 0DG A 1 4 ? 1.060   -3.085  3.226   1.00 3.71  ? 4   0DG A N3    1 
HETATM 86  C C4    . 0DG A 1 4 ? 0.945   -4.433  3.232   1.00 4.07  ? 4   0DG A C4    1 
HETATM 87  P P     A 0DC A 1 5 ? 3.109   -1.780  8.111   0.56 7.75  ? 5   0DC A P     1 
HETATM 88  P P     B 0DC A 1 5 ? 3.673   -0.658  7.024   0.44 4.55  ? 5   0DC A P     1 
HETATM 89  O OP1   A 0DC A 1 5 ? 4.215   -1.200  8.923   0.56 15.31 ? 5   0DC A OP1   1 
HETATM 90  O OP1   B 0DC A 1 5 ? 3.860   0.140   5.769   0.44 5.36  ? 5   0DC A OP1   1 
HETATM 91  O OP2   A 0DC A 1 5 ? 2.292   -2.812  8.776   0.56 14.99 ? 5   0DC A OP2   1 
HETATM 92  O OP2   B 0DC A 1 5 ? 4.517   -0.326  8.209   0.44 4.92  ? 5   0DC A OP2   1 
HETATM 93  O "O5'" A 0DC A 1 5 ? 2.206   -0.623  7.508   0.56 4.03  ? 5   0DC A "O5'" 1 
HETATM 94  O "O5'" B 0DC A 1 5 ? 2.129   -0.702  7.415   0.44 5.23  ? 5   0DC A "O5'" 1 
HETATM 95  C "C5'" A 0DC A 1 5 ? 1.598   0.355   8.432   0.56 4.06  ? 5   0DC A "C5'" 1 
HETATM 96  C "C5'" B 0DC A 1 5 ? 1.555   0.211   8.339   0.44 4.35  ? 5   0DC A "C5'" 1 
HETATM 97  C "C4'" . 0DC A 1 5 ? 0.481   1.058   7.698   1.00 3.97  ? 5   0DC A "C4'" 1 
HETATM 98  O "O4'" . 0DC A 1 5 ? -0.614  0.168   7.433   1.00 4.01  ? 5   0DC A "O4'" 1 
HETATM 99  C "C3'" . 0DC A 1 5 ? 0.879   1.673   6.351   1.00 5.00  ? 5   0DC A "C3'" 1 
HETATM 100 O "O3'" A 0DC A 1 5 ? 0.127   2.871   6.145   0.60 7.36  ? 5   0DC A "O3'" 1 
HETATM 101 O "O3'" B 0DC A 1 5 ? 0.443   3.020   6.282   0.40 5.50  ? 5   0DC A "O3'" 1 
HETATM 102 C "C2'" . 0DC A 1 5 ? 0.280   0.709   5.339   1.00 4.29  ? 5   0DC A "C2'" 1 
HETATM 103 C "C1'" . 0DC A 1 5 ? -0.971  0.249   6.063   1.00 3.97  ? 5   0DC A "C1'" 1 
HETATM 104 N N1    . 0DC A 1 5 ? -1.433  -1.091  5.668   1.00 3.79  ? 5   0DC A N1    1 
HETATM 105 C C2    . 0DC A 1 5 ? -2.409  -1.211  4.688   1.00 3.65  ? 5   0DC A C2    1 
HETATM 106 O O2    . 0DC A 1 5 ? -2.878  -0.182  4.172   1.00 4.12  ? 5   0DC A O2    1 
HETATM 107 N N3    . 0DC A 1 5 ? -2.831  -2.445  4.321   1.00 3.98  ? 5   0DC A N3    1 
HETATM 108 C C4    . 0DC A 1 5 ? -2.268  -3.537  4.875   1.00 4.09  ? 5   0DC A C4    1 
HETATM 109 N N4    . 0DC A 1 5 ? -2.707  -4.730  4.480   1.00 4.95  ? 5   0DC A N4    1 
HETATM 110 C C5    . 0DC A 1 5 ? -1.251  -3.445  5.860   1.00 4.35  ? 5   0DC A C5    1 
HETATM 111 C C6    . 0DC A 1 5 ? -0.854  -2.210  6.227   1.00 4.33  ? 5   0DC A C6    1 
HETATM 112 P P     A 0DG A 1 6 ? 0.631   4.354   6.496   0.60 6.80  ? 6   0DG A P     1 
HETATM 113 P P     B 0DG A 1 6 ? 1.401   4.211   6.618   0.40 3.55  ? 6   0DG A P     1 
HETATM 114 O OP1   A 0DG A 1 6 ? -0.411  5.360   6.096   0.60 9.74  ? 6   0DG A OP1   1 
HETATM 115 O OP1   B 0DG A 1 6 ? 0.671   5.350   5.994   0.40 4.03  ? 6   0DG A OP1   1 
HETATM 116 O OP2   A 0DG A 1 6 ? 1.943   4.400   5.906   0.60 9.61  ? 6   0DG A OP2   1 
HETATM 117 O OP2   B 0DG A 1 6 ? 2.847   4.020   6.311   0.40 4.20  ? 6   0DG A OP2   1 
HETATM 118 O "O5'" A 0DG A 1 6 ? 0.917   4.372   8.061   0.60 6.10  ? 6   0DG A "O5'" 1 
HETATM 119 O "O5'" B 0DG A 1 6 ? 1.323   4.281   8.220   0.40 4.61  ? 6   0DG A "O5'" 1 
HETATM 120 C "C5'" A 0DG A 1 6 ? -0.206  4.764   8.944   0.60 5.67  ? 6   0DG A "C5'" 1 
HETATM 121 C "C5'" B 0DG A 1 6 ? 0.040   4.650   8.875   0.40 4.15  ? 6   0DG A "C5'" 1 
HETATM 122 C "C4'" . 0DG A 1 6 ? 0.285   4.605   10.367  1.00 4.82  ? 6   0DG A "C4'" 1 
HETATM 123 O "O4'" . 0DG A 1 6 ? 0.590   3.233   10.678  1.00 5.26  ? 6   0DG A "O4'" 1 
HETATM 124 C "C3'" . 0DG A 1 6 ? -0.817  5.036   11.324  1.00 5.47  ? 6   0DG A "C3'" 1 
HETATM 125 O "O3'" . 0DG A 1 6 ? -0.285  5.706   12.445  1.00 6.06  ? 6   0DG A "O3'" 1 
HETATM 126 C "C2'" . 0DG A 1 6 ? -1.453  3.738   11.747  1.00 5.58  ? 6   0DG A "C2'" 1 
HETATM 127 C "C1'" . 0DG A 1 6 ? -0.278  2.776   11.714  1.00 5.02  ? 6   0DG A "C1'" 1 
HETATM 128 N N9    . 0DG A 1 6 ? -0.607  1.404   11.438  1.00 5.01  ? 6   0DG A N9    1 
HETATM 129 C C8    . 0DG A 1 6 ? 0.053   0.348   11.971  1.00 5.62  ? 6   0DG A C8    1 
HETATM 130 N N7    . 0DG A 1 6 ? -0.350  -0.829  11.521  1.00 5.40  ? 6   0DG A N7    1 
HETATM 131 C C5    . 0DG A 1 6 ? -1.344  -0.471  10.587  1.00 4.85  ? 6   0DG A C5    1 
HETATM 132 C C6    . 0DG A 1 6 ? -2.163  -1.296  9.766   1.00 4.68  ? 6   0DG A C6    1 
HETATM 133 O O6    . 0DG A 1 6 ? -2.156  -2.546  9.693   1.00 5.55  ? 6   0DG A O6    1 
HETATM 134 N N1    . 0DG A 1 6 ? -3.044  -0.552  8.998   1.00 4.46  ? 6   0DG A N1    1 
HETATM 135 C C2    . 0DG A 1 6 ? -3.059  0.815   8.923   1.00 4.38  ? 6   0DG A C2    1 
HETATM 136 N N2    . 0DG A 1 6 ? -3.873  1.361   8.024   1.00 5.08  ? 6   0DG A N2    1 
HETATM 137 N N3    . 0DG A 1 6 ? -2.307  1.604   9.700   1.00 4.52  ? 6   0DG A N3    1 
HETATM 138 C C4    . 0DG A 1 6 ? -1.501  0.879   10.514  1.00 4.42  ? 6   0DG A C4    1 
HETATM 139 O "O5'" . 0DC B 1 1 ? -9.691  -4.219  4.196   1.00 6.13  ? 7   0DC B "O5'" 1 
HETATM 140 C "C5'" . 0DC B 1 1 ? -9.653  -3.436  3.033   1.00 5.29  ? 7   0DC B "C5'" 1 
HETATM 141 C "C4'" . 0DC B 1 1 ? -9.081  -2.052  3.237   1.00 4.18  ? 7   0DC B "C4'" 1 
HETATM 142 O "O4'" . 0DC B 1 1 ? -7.714  -2.169  3.636   1.00 4.28  ? 7   0DC B "O4'" 1 
HETATM 143 C "C3'" . 0DC B 1 1 ? -9.777  -1.219  4.331   1.00 4.13  ? 7   0DC B "C3'" 1 
HETATM 144 O "O3'" . 0DC B 1 1 ? -9.777  0.187   3.962   1.00 4.37  ? 7   0DC B "O3'" 1 
HETATM 145 C "C2'" . 0DC B 1 1 ? -8.855  -1.362  5.524   1.00 3.96  ? 7   0DC B "C2'" 1 
HETATM 146 C "C1'" . 0DC B 1 1 ? -7.485  -1.458  4.841   1.00 3.93  ? 7   0DC B "C1'" 1 
HETATM 147 N N1    . 0DC B 1 1 ? -6.496  -2.185  5.618   1.00 3.73  ? 7   0DC B N1    1 
HETATM 148 C C2    . 0DC B 1 1 ? -5.601  -1.470  6.430   1.00 3.64  ? 7   0DC B C2    1 
HETATM 149 O O2    . 0DC B 1 1 ? -5.656  -0.238  6.448   1.00 4.08  ? 7   0DC B O2    1 
HETATM 150 N N3    . 0DC B 1 1 ? -4.724  -2.153  7.188   1.00 3.89  ? 7   0DC B N3    1 
HETATM 151 C C4    . 0DC B 1 1 ? -4.708  -3.496  7.174   1.00 4.09  ? 7   0DC B C4    1 
HETATM 152 N N4    . 0DC B 1 1 ? -3.832  -4.111  7.948   1.00 4.95  ? 7   0DC B N4    1 
HETATM 153 C C5    . 0DC B 1 1 ? -5.601  -4.247  6.326   1.00 4.59  ? 7   0DC B C5    1 
HETATM 154 C C6    . 0DC B 1 1 ? -6.472  -3.550  5.595   1.00 4.47  ? 7   0DC B C6    1 
HETATM 155 P P     . 0DG B 1 2 ? -10.961 0.854   3.138   1.00 4.73  ? 8   0DG B P     1 
HETATM 156 O OP1   . 0DG B 1 2 ? -10.713 2.331   3.235   1.00 5.87  ? 8   0DG B OP1   1 
HETATM 157 O OP2   . 0DG B 1 2 ? -12.288 0.350   3.567   1.00 5.62  ? 8   0DG B OP2   1 
HETATM 158 O "O5'" . 0DG B 1 2 ? -10.756 0.342   1.635   1.00 4.85  ? 8   0DG B "O5'" 1 
HETATM 159 C "C5'" . 0DG B 1 2 ? -9.536  0.714   0.935   1.00 4.51  ? 8   0DG B "C5'" 1 
HETATM 160 C "C4'" A 0DG B 1 2 ? -9.525  -0.001  -0.381  0.80 4.85  ? 8   0DG B "C4'" 1 
HETATM 161 C "C4'" B 0DG B 1 2 ? -9.435  0.041   -0.416  0.20 4.79  ? 8   0DG B "C4'" 1 
HETATM 162 O "O4'" . 0DG B 1 2 ? -9.526  -1.402  -0.131  1.00 5.00  ? 8   0DG B "O4'" 1 
HETATM 163 C "C3'" A 0DG B 1 2 ? -8.203  0.275   -1.122  0.80 4.94  ? 8   0DG B "C3'" 1 
HETATM 164 C "C3'" B 0DG B 1 2 ? -8.266  0.272   -1.355  0.20 4.88  ? 8   0DG B "C3'" 1 
HETATM 165 O "O3'" A 0DG B 1 2 ? -8.423  1.339   -2.050  0.80 5.18  ? 8   0DG B "O3'" 1 
HETATM 166 O "O3'" B 0DG B 1 2 ? -8.420  1.334   -2.270  0.20 7.42  ? 8   0DG B "O3'" 1 
HETATM 167 C "C2'" A 0DG B 1 2 ? -7.972  -1.010  -1.892  0.80 5.68  ? 8   0DG B "C2'" 1 
HETATM 168 C "C2'" B 0DG B 1 2 ? -8.027  -1.089  -1.997  0.20 5.51  ? 8   0DG B "C2'" 1 
HETATM 169 C "C1'" . 0DG B 1 2 ? -8.717  -2.103  -1.091  1.00 5.06  ? 8   0DG B "C1'" 1 
HETATM 170 N N9    . 0DG B 1 2 ? -7.867  -2.988  -0.362  1.00 4.98  ? 8   0DG B N9    1 
HETATM 171 C C8    . 0DG B 1 2 ? -7.948  -4.374  -0.357  1.00 5.78  ? 8   0DG B C8    1 
HETATM 172 N N7    . 0DG B 1 2 ? -7.099  -4.944  0.452   1.00 5.54  ? 8   0DG B N7    1 
HETATM 173 C C5    . 0DG B 1 2 ? -6.385  -3.893  1.024   1.00 4.65  ? 8   0DG B C5    1 
HETATM 174 C C6    . 0DG B 1 2 ? -5.361  -3.896  1.983   1.00 4.63  ? 8   0DG B C6    1 
HETATM 175 O O6    . 0DG B 1 2 ? -4.841  -4.875  2.556   1.00 6.28  ? 8   0DG B O6    1 
HETATM 176 N N1    . 0DG B 1 2 ? -4.932  -2.599  2.278   1.00 4.11  ? 8   0DG B N1    1 
HETATM 177 C C2    . 0DG B 1 2 ? -5.495  -1.445  1.781   1.00 4.06  ? 8   0DG B C2    1 
HETATM 178 N N2    . 0DG B 1 2 ? -5.002  -0.288  2.241   1.00 4.26  ? 8   0DG B N2    1 
HETATM 179 N N3    . 0DG B 1 2 ? -6.457  -1.433  0.862   1.00 4.25  ? 8   0DG B N3    1 
HETATM 180 C C4    . 0DG B 1 2 ? -6.856  -2.685  0.538   1.00 4.53  ? 8   0DG B C4    1 
HETATM 181 P P     A 0DC B 1 3 ? -7.674  2.730   -1.860  0.80 3.84  ? 9   0DC B P     1 
HETATM 182 P P     B 0DC B 1 3 ? -7.464  1.808   -3.475  0.20 6.15  ? 9   0DC B P     1 
HETATM 183 O OP1   A 0DC B 1 3 ? -7.556  3.113   -0.435  0.80 4.91  ? 9   0DC B OP1   1 
HETATM 184 O OP1   B 0DC B 1 3 ? -8.400  2.938   -3.884  0.20 25.60 ? 9   0DC B OP1   1 
HETATM 185 O OP2   A 0DC B 1 3 ? -8.392  3.683   -2.762  0.80 4.33  ? 9   0DC B OP2   1 
HETATM 186 O OP2   B 0DC B 1 3 ? -6.910  0.894   -4.564  0.20 33.12 ? 9   0DC B OP2   1 
HETATM 187 O "O5'" A 0DC B 1 3 ? -6.250  2.393   -2.436  0.80 5.08  ? 9   0DC B "O5'" 1 
HETATM 188 O "O5'" B 0DC B 1 3 ? -6.253  2.362   -2.599  0.20 5.57  ? 9   0DC B "O5'" 1 
HETATM 189 C "C5'" . 0DC B 1 3 ? -5.409  3.338   -3.171  1.00 3.93  ? 9   0DC B "C5'" 1 
HETATM 190 C "C4'" . 0DC B 1 3 ? -4.058  3.416   -2.526  1.00 3.63  ? 9   0DC B "C4'" 1 
HETATM 191 O "O4'" . 0DC B 1 3 ? -3.384  2.156   -2.605  1.00 4.24  ? 9   0DC B "O4'" 1 
HETATM 192 C "C3'" . 0DC B 1 3 ? -4.071  3.817   -1.042  1.00 3.75  ? 9   0DC B "C3'" 1 
HETATM 193 O "O3'" . 0DC B 1 3 ? -2.919  4.636   -0.724  1.00 4.09  ? 9   0DC B "O3'" 1 
HETATM 194 C "C2'" . 0DC B 1 3 ? -3.874  2.474   -0.333  1.00 4.00  ? 9   0DC B "C2'" 1 
HETATM 195 C "C1'" . 0DC B 1 3 ? -2.972  1.724   -1.309  1.00 3.96  ? 9   0DC B "C1'" 1 
HETATM 196 N N1    . 0DC B 1 3 ? -3.115  0.268   -1.238  1.00 3.88  ? 9   0DC B N1    1 
HETATM 197 C C2    . 0DC B 1 3 ? -2.325  -0.426  -0.340  1.00 3.85  ? 9   0DC B C2    1 
HETATM 198 O O2    . 0DC B 1 3 ? -1.509  0.194   0.352   1.00 4.07  ? 9   0DC B O2    1 
HETATM 199 N N3    . 0DC B 1 3 ? -2.459  -1.782  -0.244  1.00 3.91  ? 9   0DC B N3    1 
HETATM 200 C C4    . 0DC B 1 3 ? -3.367  -2.417  -0.997  1.00 4.20  ? 9   0DC B C4    1 
HETATM 201 N N4    . 0DC B 1 3 ? -3.483  -3.742  -0.864  1.00 4.70  ? 9   0DC B N4    1 
HETATM 202 C C5    . 0DC B 1 3 ? -4.183  -1.716  -1.920  1.00 4.54  ? 9   0DC B C5    1 
HETATM 203 C C6    . 0DC B 1 3 ? -4.050  -0.384  -2.005  1.00 4.42  ? 9   0DC B C6    1 
HETATM 204 P P     . 0DG B 1 4 ? -2.961  6.231   -0.785  1.00 4.56  ? 10  0DG B P     1 
HETATM 205 O OP1   . 0DG B 1 4 ? -1.689  6.682   -0.186  1.00 6.47  ? 10  0DG B OP1   1 
HETATM 206 O OP2   . 0DG B 1 4 ? -4.233  6.750   -0.210  1.00 5.40  ? 10  0DG B OP2   1 
HETATM 207 O "O5'" . 0DG B 1 4 ? -3.025  6.586   -2.341  1.00 4.17  ? 10  0DG B "O5'" 1 
HETATM 208 C "C5'" . 0DG B 1 4 ? -1.856  6.280   -3.139  1.00 3.88  ? 10  0DG B "C5'" 1 
HETATM 209 C "C4'" . 0DG B 1 4 ? -2.155  6.627   -4.575  1.00 3.65  ? 10  0DG B "C4'" 1 
HETATM 210 O "O4'" . 0DG B 1 4 ? -3.243  5.847   -5.055  1.00 3.96  ? 10  0DG B "O4'" 1 
HETATM 211 C "C3'" . 0DG B 1 4 ? -0.956  6.314   -5.473  1.00 3.86  ? 10  0DG B "C3'" 1 
HETATM 212 O "O3'" . 0DG B 1 4 ? -0.161  7.507   -5.657  1.00 4.42  ? 10  0DG B "O3'" 1 
HETATM 213 C "C2'" . 0DG B 1 4 ? -1.623  5.926   -6.779  1.00 4.74  ? 10  0DG B "C2'" 1 
HETATM 214 C "C1'" . 0DG B 1 4 ? -3.006  5.413   -6.381  1.00 3.91  ? 10  0DG B "C1'" 1 
HETATM 215 N N9    . 0DG B 1 4 ? -3.177  3.951   -6.420  1.00 4.09  ? 10  0DG B N9    1 
HETATM 216 C C8    . 0DG B 1 4 ? -4.184  3.300   -7.094  1.00 4.75  ? 10  0DG B C8    1 
HETATM 217 N N7    . 0DG B 1 4 ? -4.197  2.019   -6.890  1.00 4.86  ? 10  0DG B N7    1 
HETATM 218 C C5    . 0DG B 1 4 ? -3.130  1.804   -6.026  1.00 4.10  ? 10  0DG B C5    1 
HETATM 219 C C6    . 0DG B 1 4 ? -2.659  0.613   -5.436  1.00 4.23  ? 10  0DG B C6    1 
HETATM 220 O O6    . 0DG B 1 4 ? -3.143  -0.535  -5.555  1.00 5.41  ? 10  0DG B O6    1 
HETATM 221 N N1    . 0DG B 1 4 ? -1.545  0.827   -4.635  1.00 3.72  ? 10  0DG B N1    1 
HETATM 222 C C2    . 0DG B 1 4 ? -1.002  2.066   -4.367  1.00 3.47  ? 10  0DG B C2    1 
HETATM 223 N N2    . 0DG B 1 4 ? 0.037   2.082   -3.506  1.00 3.84  ? 10  0DG B N2    1 
HETATM 224 N N3    . 0DG B 1 4 ? -1.434  3.188   -4.902  1.00 3.39  ? 10  0DG B N3    1 
HETATM 225 C C4    . 0DG B 1 4 ? -2.494  2.998   -5.727  1.00 3.71  ? 10  0DG B C4    1 
HETATM 226 P P     . 0DC B 1 5 ? 1.328   7.585   -5.125  1.00 3.98  ? 11  0DC B P     1 
HETATM 227 O OP1   . 0DC B 1 5 ? 1.420   7.039   -3.729  1.00 5.17  ? 11  0DC B OP1   1 
HETATM 228 O OP2   . 0DC B 1 5 ? 1.813   8.973   -5.352  1.00 4.88  ? 11  0DC B OP2   1 
HETATM 229 O "O5'" . 0DC B 1 5 ? 2.047   6.574   -6.132  1.00 4.56  ? 11  0DC B "O5'" 1 
HETATM 230 C "C5'" . 0DC B 1 5 ? 3.441   6.728   -6.482  1.00 3.77  ? 11  0DC B "C5'" 1 
HETATM 231 C "C4'" . 0DC B 1 5 ? 4.207   5.499   -6.125  1.00 3.66  ? 11  0DC B "C4'" 1 
HETATM 232 O "O4'" . 0DC B 1 5 ? 3.718   4.393   -6.919  1.00 3.92  ? 11  0DC B "O4'" 1 
HETATM 233 C "C3'" . 0DC B 1 5 ? 4.101   5.045   -4.657  1.00 3.80  ? 11  0DC B "C3'" 1 
HETATM 234 O "O3'" . 0DC B 1 5 ? 5.389   4.575   -4.192  1.00 4.37  ? 11  0DC B "O3'" 1 
HETATM 235 C "C2'" . 0DC B 1 5 ? 3.131   3.862   -4.711  1.00 4.48  ? 11  0DC B "C2'" 1 
HETATM 236 C "C1'" . 0DC B 1 5 ? 3.426   3.279   -6.087  1.00 3.86  ? 11  0DC B "C1'" 1 
HETATM 237 N N1    . 0DC B 1 5 ? 2.279   2.580   -6.676  1.00 3.64  ? 11  0DC B N1    1 
HETATM 238 C C2    . 0DC B 1 5 ? 2.127   1.227   -6.407  1.00 3.43  ? 11  0DC B C2    1 
HETATM 239 O O2    . 0DC B 1 5 ? 2.953   0.661   -5.664  1.00 4.00  ? 11  0DC B O2    1 
HETATM 240 N N3    . 0DC B 1 5 ? 1.070   0.558   -6.929  1.00 3.44  ? 11  0DC B N3    1 
HETATM 241 C C4    . 0DC B 1 5 ? 0.168   1.206   -7.702  1.00 3.67  ? 11  0DC B C4    1 
HETATM 242 N N4    . 0DC B 1 5 ? -0.831  0.517   -8.196  1.00 4.21  ? 11  0DC B N4    1 
HETATM 243 C C5    . 0DC B 1 5 ? 0.299   2.610   -7.957  1.00 4.03  ? 11  0DC B C5    1 
HETATM 244 C C6    . 0DC B 1 5 ? 1.364   3.250   -7.427  1.00 4.03  ? 11  0DC B C6    1 
HETATM 245 P P     . 0DG B 1 6 ? 6.331   5.569   -3.370  1.00 4.31  ? 12  0DG B P     1 
HETATM 246 O OP1   . 0DG B 1 6 ? 7.516   4.735   -3.006  1.00 6.16  ? 12  0DG B OP1   1 
HETATM 247 O OP2   . 0DG B 1 6 ? 5.561   6.259   -2.281  1.00 5.05  ? 12  0DG B OP2   1 
HETATM 248 O "O5'" . 0DG B 1 6 ? 6.742   6.710   -4.399  1.00 4.14  ? 12  0DG B "O5'" 1 
HETATM 249 C "C5'" . 0DG B 1 6 ? 7.802   6.439   -5.365  1.00 4.28  ? 12  0DG B "C5'" 1 
HETATM 250 C "C4'" . 0DG B 1 6 ? 7.915   7.644   -6.261  1.00 3.90  ? 12  0DG B "C4'" 1 
HETATM 251 O "O4'" . 0DG B 1 6 ? 6.727   7.794   -7.045  1.00 3.91  ? 12  0DG B "O4'" 1 
HETATM 252 C "C3'" . 0DG B 1 6 ? 9.075   7.526   -7.269  1.00 4.33  ? 12  0DG B "C3'" 1 
HETATM 253 O "O3'" . 0DG B 1 6 ? 9.558   8.835   -7.636  1.00 4.90  ? 12  0DG B "O3'" 1 
HETATM 254 C "C2'" . 0DG B 1 6 ? 8.383   6.962   -8.471  1.00 4.25  ? 12  0DG B "C2'" 1 
HETATM 255 C "C1'" . 0DG B 1 6 ? 7.077   7.683   -8.428  1.00 3.99  ? 12  0DG B "C1'" 1 
HETATM 256 N N9    . 0DG B 1 6 ? 5.974   7.060   -9.146  1.00 3.71  ? 12  0DG B N9    1 
HETATM 257 C C8    . 0DG B 1 6 ? 5.004   7.748   -9.864  1.00 4.23  ? 12  0DG B C8    1 
HETATM 258 N N7    . 0DG B 1 6 ? 4.071   6.993   -10.357 1.00 4.18  ? 12  0DG B N7    1 
HETATM 259 C C5    . 0DG B 1 6 ? 4.433   5.719   -9.950  1.00 3.52  ? 12  0DG B C5    1 
HETATM 260 C C6    . 0DG B 1 6 ? 3.778   4.467   -10.163 1.00 3.52  ? 12  0DG B C6    1 
HETATM 261 O O6    . 0DG B 1 6 ? 2.698   4.278   -10.756 1.00 4.42  ? 12  0DG B O6    1 
HETATM 262 N N1    . 0DG B 1 6 ? 4.484   3.404   -9.622  1.00 3.18  ? 12  0DG B N1    1 
HETATM 263 C C2    . 0DG B 1 6 ? 5.613   3.538   -8.855  1.00 3.09  ? 12  0DG B C2    1 
HETATM 264 N N2    . 0DG B 1 6 ? 6.109   2.406   -8.321  1.00 3.63  ? 12  0DG B N2    1 
HETATM 265 N N3    . 0DG B 1 6 ? 6.230   4.687   -8.620  1.00 3.28  ? 12  0DG B N3    1 
HETATM 266 C C4    . 0DG B 1 6 ? 5.601   5.726   -9.204  1.00 3.25  ? 12  0DG B C4    1 
HETATM 267 C C1    . LB9 C 2 . ? 7.332   -2.285  7.992   0.53 10.21 ? 101 LB9 A C1    1 
HETATM 268 C C2    . LB9 C 2 . ? 7.465   -1.571  6.690   0.53 8.50  ? 101 LB9 A C2    1 
HETATM 269 C C3    . LB9 C 2 . ? 8.084   -2.425  5.618   0.53 8.81  ? 101 LB9 A C3    1 
HETATM 270 C C4    . LB9 C 2 . ? 8.388   -1.704  4.349   0.53 8.76  ? 101 LB9 A C4    1 
HETATM 271 N NE2   . LB9 C 2 . ? 6.954   -1.466  9.127   0.53 8.76  ? 101 LB9 A NE2   1 
HETATM 272 C C5    . LB9 C 2 . ? 9.179   -2.537  3.381   0.53 10.54 ? 101 LB9 A C5    1 
HETATM 273 N N1    . LB9 C 2 . ? 9.357   -1.843  2.084   0.53 10.79 ? 101 LB9 A N1    1 
HETATM 274 K K     . K   D 3 . ? 4.275   4.246   8.673   0.32 4.73  ? 102 K   A K     1 
HETATM 275 O O     . HOH E 4 . ? -1.875  4.737   5.067   0.47 5.60  ? 201 HOH A O     1 
HETATM 276 O O     A HOH E 4 . ? 0.406   -3.653  8.964   0.61 7.42  ? 202 HOH A O     1 
HETATM 277 O O     B HOH E 4 . ? -0.035  -4.014  9.814   0.39 8.87  ? 202 HOH A O     1 
HETATM 278 O O     . HOH E 4 . ? 8.429   -3.625  2.914   0.32 11.03 ? 203 HOH A O     1 
HETATM 279 O O     . HOH E 4 . ? 4.084   1.208   1.162   0.43 19.22 ? 204 HOH A O     1 
HETATM 280 O O     . HOH E 4 . ? 7.505   -4.896  0.657   0.74 23.11 ? 205 HOH A O     1 
HETATM 281 O O     . HOH E 4 . ? 6.989   1.542   2.883   0.34 8.31  ? 206 HOH A O     1 
HETATM 282 O O     . HOH E 4 . ? 4.350   2.448   5.320   1.00 37.42 ? 207 HOH A O     1 
HETATM 283 O O     . HOH E 4 . ? 5.596   1.858   8.205   1.00 24.51 ? 208 HOH A O     1 
HETATM 284 O O     . HOH E 4 . ? 7.649   -4.119  -1.185  0.26 8.08  ? 209 HOH A O     1 
HETATM 285 O O     . HOH E 4 . ? 8.007   -5.580  -2.221  0.42 10.46 ? 210 HOH A O     1 
HETATM 286 O O     A HOH E 4 . ? 7.248   -7.091  0.939   0.40 6.15  ? 211 HOH A O     1 
HETATM 287 O O     B HOH E 4 . ? 7.577   -7.148  0.634   0.40 15.16 ? 211 HOH A O     1 
HETATM 288 O O     A HOH E 4 . ? -2.056  1.797   2.652   0.49 4.57  ? 212 HOH A O     1 
HETATM 289 O O     B HOH E 4 . ? -2.215  2.496   3.450   0.51 4.44  ? 212 HOH A O     1 
HETATM 290 O O     . HOH E 4 . ? 4.453   4.205   8.397   0.68 8.18  ? 213 HOH A O     1 
HETATM 291 O O     A HOH E 4 . ? 1.879   -2.799  11.403  0.49 6.39  ? 214 HOH A O     1 
HETATM 292 O O     B HOH E 4 . ? 2.116   -2.952  12.260  0.51 22.14 ? 214 HOH A O     1 
HETATM 293 O O     . HOH E 4 . ? 8.694   -6.988  -4.621  1.00 28.97 ? 215 HOH A O     1 
HETATM 294 O O     A HOH E 4 . ? 7.806   -7.674  -0.300  0.60 5.80  ? 216 HOH A O     1 
HETATM 295 O O     B HOH E 4 . ? 7.423   -8.420  -0.445  0.40 12.04 ? 216 HOH A O     1 
HETATM 296 O O     . HOH E 4 . ? 4.216   5.970   5.054   0.44 24.03 ? 217 HOH A O     1 
HETATM 297 O O     . HOH E 4 . ? 6.958   -1.085  -7.341  1.00 5.26  ? 218 HOH A O     1 
HETATM 298 O O     . HOH E 4 . ? 1.408   5.554   3.397   0.38 12.90 ? 219 HOH A O     1 
HETATM 299 O O     . HOH E 4 . ? 7.498   -3.212  -5.632  1.00 5.10  ? 220 HOH A O     1 
HETATM 300 O O     . HOH E 4 . ? 3.582   -8.883  1.041   1.00 9.01  ? 221 HOH A O     1 
HETATM 301 O O     . HOH E 4 . ? 5.371   -3.229  -3.867  1.00 5.27  ? 222 HOH A O     1 
HETATM 302 O O     . HOH E 4 . ? 4.259   -6.432  -12.225 1.00 6.25  ? 223 HOH A O     1 
HETATM 303 O O     . HOH E 4 . ? 6.259   2.186   0.592   0.63 20.17 ? 224 HOH A O     1 
HETATM 304 O O     . HOH E 4 . ? -1.298  6.318   3.639   0.20 13.51 ? 225 HOH A O     1 
HETATM 305 O O     A HOH E 4 . ? 8.983   -6.409  -10.455 0.57 4.27  ? 226 HOH A O     1 
HETATM 306 O O     B HOH E 4 . ? 8.473   -6.292  -10.722 0.43 11.07 ? 226 HOH A O     1 
HETATM 307 O O     . HOH E 4 . ? 3.320   2.675   10.355  1.00 6.62  ? 227 HOH A O     1 
HETATM 308 O O     . HOH E 4 . ? -1.908  -3.683  12.261  0.43 17.12 ? 228 HOH A O     1 
HETATM 309 O O     A HOH E 4 . ? -3.795  -5.565  -7.469  0.79 5.15  ? 229 HOH A O     1 
HETATM 310 O O     B HOH E 4 . ? -3.544  -5.770  -7.045  0.21 7.61  ? 229 HOH A O     1 
HETATM 311 O O     . HOH E 4 . ? -3.437  -5.441  -4.588  0.93 7.07  ? 230 HOH A O     1 
HETATM 312 O O     A HOH E 4 . ? -0.367  -6.849  -0.969  0.62 7.19  ? 231 HOH A O     1 
HETATM 313 O O     B HOH E 4 . ? -1.161  -7.351  -0.652  0.38 13.31 ? 231 HOH A O     1 
HETATM 314 O O     . HOH E 4 . ? -2.788  6.443   13.698  1.00 9.02  ? 232 HOH A O     1 
HETATM 315 O O     . HOH E 4 . ? 7.860   -7.010  -2.536  0.53 16.89 ? 233 HOH A O     1 
HETATM 316 O O     . HOH E 4 . ? 2.129   6.641   3.847   0.52 18.77 ? 234 HOH A O     1 
HETATM 317 O O     . HOH E 4 . ? -1.511  -6.816  6.105   1.00 9.10  ? 235 HOH A O     1 
HETATM 318 O O     . HOH E 4 . ? -1.189  1.190   -12.358 0.93 9.85  ? 236 HOH A O     1 
HETATM 319 O O     . HOH E 4 . ? 5.007   -9.998  -2.004  0.75 8.74  ? 237 HOH A O     1 
HETATM 320 O O     . HOH E 4 . ? 2.018   3.326   3.148   0.64 12.90 ? 238 HOH A O     1 
HETATM 321 O O     A HOH E 4 . ? 0.787   8.041   6.661   0.48 12.46 ? 239 HOH A O     1 
HETATM 322 O O     B HOH E 4 . ? 0.700   7.686   6.125   0.52 24.62 ? 239 HOH A O     1 
HETATM 323 O O     . HOH E 4 . ? -2.167  -5.356  11.010  0.44 23.34 ? 240 HOH A O     1 
HETATM 324 O O     A HOH E 4 . ? 2.586   0.560   3.259   0.45 5.47  ? 241 HOH A O     1 
HETATM 325 O O     B HOH E 4 . ? 2.630   0.713   2.489   0.55 10.06 ? 241 HOH A O     1 
HETATM 326 O O     A HOH E 4 . ? -3.360  4.423   7.381   0.62 7.41  ? 242 HOH A O     1 
HETATM 327 O O     B HOH E 4 . ? -2.992  5.419   6.994   0.38 14.13 ? 242 HOH A O     1 
HETATM 328 O O     . HOH E 4 . ? 0.597   -1.788  14.592  0.39 10.74 ? 243 HOH A O     1 
HETATM 329 O O     . HOH E 4 . ? 5.748   -10.771 -0.097  0.32 6.58  ? 244 HOH A O     1 
HETATM 330 O O     A HOH E 4 . ? 2.149   -10.581 -2.263  0.53 7.96  ? 245 HOH A O     1 
HETATM 331 O O     B HOH E 4 . ? 1.342   -11.043 -2.069  0.47 7.43  ? 245 HOH A O     1 
HETATM 332 O O     . HOH E 4 . ? -3.153  7.129   4.473   0.35 10.60 ? 246 HOH A O     1 
HETATM 333 O O     . HOH E 4 . ? 4.858   1.897   -0.996  0.21 7.14  ? 247 HOH A O     1 
HETATM 334 O O     . HOH E 4 . ? -5.305  4.106   5.696   1.00 8.37  ? 248 HOH A O     1 
HETATM 335 O O     . HOH E 4 . ? -1.207  8.596   4.121   0.31 5.10  ? 249 HOH A O     1 
HETATM 336 O O     . HOH E 4 . ? 4.655   -11.150 0.290   0.28 5.91  ? 250 HOH A O     1 
HETATM 337 O O     . HOH E 4 . ? 5.960   -0.619  -3.185  0.65 6.38  ? 251 HOH A O     1 
HETATM 338 O O     . HOH E 4 . ? 1.104   -9.069  -0.229  0.77 7.99  ? 252 HOH A O     1 
HETATM 339 O O     . HOH E 4 . ? -3.369  8.109   5.967   0.59 23.31 ? 253 HOH A O     1 
HETATM 340 O O     . HOH E 4 . ? 9.141   -5.891  -0.713  0.23 5.11  ? 254 HOH A O     1 
HETATM 341 O O     . HOH E 4 . ? -2.003  -7.240  -3.082  1.00 12.25 ? 255 HOH A O     1 
HETATM 342 O O     . HOH E 4 . ? 7.632   2.426   8.090   0.43 11.04 ? 256 HOH A O     1 
HETATM 343 O O     . HOH E 4 . ? 3.220   8.434   4.664   0.89 37.44 ? 257 HOH A O     1 
HETATM 344 O O     . HOH E 4 . ? -3.258  -8.897  -0.090  0.71 15.78 ? 258 HOH A O     1 
HETATM 345 O O     . HOH E 4 . ? 0.529   -5.171  12.147  1.00 30.58 ? 259 HOH A O     1 
HETATM 346 O O     A HOH E 4 . ? 4.133   3.975   1.312   0.44 5.46  ? 260 HOH A O     1 
HETATM 347 O O     B HOH E 4 . ? 4.071   4.854   1.880   0.56 16.58 ? 260 HOH A O     1 
HETATM 348 O O     . HOH E 4 . ? 8.264   -10.645 -1.094  0.55 14.70 ? 261 HOH A O     1 
HETATM 349 O O     . HOH E 4 . ? 7.252   3.423   4.236   0.41 23.25 ? 262 HOH A O     1 
HETATM 350 O O     A HOH E 4 . ? 6.356   4.881   6.876   0.64 24.74 ? 263 HOH A O     1 
HETATM 351 O O     B HOH E 4 . ? 5.705   6.077   6.749   0.36 36.12 ? 263 HOH A O     1 
HETATM 352 O O     . HOH E 4 . ? -1.151  -10.241 0.413   0.51 7.65  ? 264 HOH A O     1 
HETATM 353 O O     . HOH E 4 . ? 6.320   -11.955 0.407   0.62 9.51  ? 265 HOH A O     1 
HETATM 354 O O     . HOH E 4 . ? -5.848  -4.843  -6.740  0.90 52.73 ? 266 HOH A O     1 
HETATM 355 O O     . HOH E 4 . ? 3.617   -12.538 -1.307  1.00 45.24 ? 267 HOH A O     1 
HETATM 356 O O     . HOH E 4 . ? 10.538  -7.885  -0.093  0.84 17.75 ? 268 HOH A O     1 
HETATM 357 O O     . HOH F 4 . ? -8.319  2.952   -5.412  0.89 7.97  ? 101 HOH B O     1 
HETATM 358 O O     . HOH F 4 . ? -5.734  -1.190  -5.074  0.90 40.11 ? 102 HOH B O     1 
HETATM 359 O O     . HOH F 4 . ? -9.110  -6.603  3.455   0.44 8.30  ? 103 HOH B O     1 
HETATM 360 O O     . HOH F 4 . ? 9.385   3.233   -3.975  0.99 39.92 ? 104 HOH B O     1 
HETATM 361 O O     . HOH F 4 . ? 9.672   5.477   -1.654  0.85 15.44 ? 105 HOH B O     1 
HETATM 362 O O     . HOH F 4 . ? 0.167   4.804   0.124   1.00 6.48  ? 106 HOH B O     1 
HETATM 363 O O     A HOH F 4 . ? 3.287   7.570   -1.797  0.76 6.08  ? 107 HOH B O     1 
HETATM 364 O O     B HOH F 4 . ? 3.415   8.108   -2.266  0.24 5.81  ? 107 HOH B O     1 
HETATM 365 O O     . HOH F 4 . ? -13.653 -1.945  3.910   1.00 8.95  ? 108 HOH B O     1 
HETATM 366 O O     . HOH F 4 . ? -6.476  2.300   1.895   1.00 4.80  ? 109 HOH B O     1 
HETATM 367 O O     . HOH F 4 . ? 3.389   0.639   -2.998  0.65 4.82  ? 110 HOH B O     1 
HETATM 368 O O     A HOH F 4 . ? -11.953 -3.729  5.612   0.67 10.86 ? 111 HOH B O     1 
HETATM 369 O O     B HOH F 4 . ? -12.440 -4.416  4.865   0.33 11.42 ? 111 HOH B O     1 
HETATM 370 O O     A HOH F 4 . ? -6.532  -6.807  3.488   0.67 13.80 ? 112 HOH B O     1 
HETATM 371 O O     B HOH F 4 . ? -7.483  -6.123  3.815   0.33 7.01  ? 112 HOH B O     1 
HETATM 372 O O     . HOH F 4 . ? -8.168  3.091   3.896   1.00 5.32  ? 113 HOH B O     1 
HETATM 373 O O     . HOH F 4 . ? -0.459  2.503   1.399   0.46 6.76  ? 114 HOH B O     1 
HETATM 374 O O     . HOH F 4 . ? 2.436   9.794   -7.905  1.00 9.57  ? 115 HOH B O     1 
HETATM 375 O O     A HOH F 4 . ? -7.115  2.082   6.179   0.80 4.03  ? 116 HOH B O     1 
HETATM 376 O O     B HOH F 4 . ? -6.880  1.835   6.433   0.20 8.59  ? 116 HOH B O     1 
HETATM 377 O O     . HOH F 4 . ? -11.103 3.359   -2.213  0.73 9.84  ? 117 HOH B O     1 
HETATM 378 O O     . HOH F 4 . ? -4.733  6.284   2.497   0.82 13.50 ? 118 HOH B O     1 
HETATM 379 O O     . HOH F 4 . ? 1.130   4.641   -2.319  1.00 5.27  ? 119 HOH B O     1 
HETATM 380 O O     A HOH F 4 . ? 0.650   5.697   -9.440  0.36 10.16 ? 120 HOH B O     1 
HETATM 381 O O     B HOH F 4 . ? 0.377   5.720   -10.273 0.64 15.35 ? 120 HOH B O     1 
HETATM 382 O O     . HOH F 4 . ? -13.151 0.919   6.191   0.70 10.04 ? 121 HOH B O     1 
HETATM 383 O O     A HOH F 4 . ? -4.601  9.440   0.581   0.45 5.16  ? 122 HOH B O     1 
HETATM 384 O O     B HOH F 4 . ? -3.683  9.334   0.384   0.55 13.51 ? 122 HOH B O     1 
HETATM 385 O O     A HOH F 4 . ? 3.484   7.838   -13.063 0.65 9.71  ? 123 HOH B O     1 
HETATM 386 O O     B HOH F 4 . ? 2.383   8.050   -12.469 0.35 17.76 ? 123 HOH B O     1 
HETATM 387 O O     A HOH F 4 . ? -4.103  -6.998  0.726   0.50 11.01 ? 124 HOH B O     1 
HETATM 388 O O     B HOH F 4 . ? -3.686  -7.275  1.720   0.50 9.47  ? 124 HOH B O     1 
HETATM 389 O O     . HOH F 4 . ? 3.660   4.376   -1.113  0.67 11.45 ? 125 HOH B O     1 
HETATM 390 O O     . HOH F 4 . ? 5.866   0.616   -5.462  0.21 9.60  ? 126 HOH B O     1 
HETATM 391 O O     A HOH F 4 . ? -4.890  0.584   -9.377  0.50 7.31  ? 127 HOH B O     1 
HETATM 392 O O     B HOH F 4 . ? -5.724  0.659   -8.750  0.50 10.91 ? 127 HOH B O     1 
HETATM 393 O O     A HOH F 4 . ? -11.951 3.808   5.488   0.34 5.65  ? 128 HOH B O     1 
HETATM 394 O O     B HOH F 4 . ? -12.393 4.324   4.114   0.66 28.21 ? 128 HOH B O     1 
HETATM 395 O O     . HOH F 4 . ? -1.521  -5.867  8.574   0.46 9.60  ? 129 HOH B O     1 
HETATM 396 O O     A HOH F 4 . ? 0.590   2.254   -0.075  0.32 7.50  ? 130 HOH B O     1 
HETATM 397 O O     B HOH F 4 . ? 1.183   1.422   0.174   0.68 16.07 ? 130 HOH B O     1 
HETATM 398 O O     . HOH F 4 . ? -5.437  -5.083  -2.710  1.00 17.22 ? 131 HOH B O     1 
HETATM 399 O O     . HOH F 4 . ? -2.566  -6.693  8.829   0.21 7.72  ? 132 HOH B O     1 
HETATM 400 O O     . HOH F 4 . ? 7.870   2.939   -5.571  0.65 9.05  ? 133 HOH B O     1 
HETATM 401 O O     . HOH F 4 . ? 6.680   7.514   -12.841 0.61 8.56  ? 134 HOH B O     1 
HETATM 402 O O     . HOH F 4 . ? 2.960   2.828   -1.239  0.22 4.93  ? 135 HOH B O     1 
HETATM 403 O O     . HOH F 4 . ? -2.164  4.626   -10.086 0.74 8.33  ? 136 HOH B O     1 
HETATM 404 O O     . HOH F 4 . ? -0.275  3.746   2.121   0.34 16.56 ? 137 HOH B O     1 
HETATM 405 O O     . HOH F 4 . ? -4.463  3.624   3.121   1.00 5.95  ? 138 HOH B O     1 
HETATM 406 O O     . HOH F 4 . ? -0.577  10.587  -8.283  0.86 12.38 ? 139 HOH B O     1 
HETATM 407 O O     A HOH F 4 . ? -8.818  5.761   4.621   0.62 9.17  ? 140 HOH B O     1 
HETATM 408 O O     B HOH F 4 . ? -10.131 6.439   4.876   0.38 8.34  ? 140 HOH B O     1 
HETATM 409 O O     . HOH F 4 . ? -4.069  6.732   -9.380  1.00 8.35  ? 141 HOH B O     1 
HETATM 410 O O     A HOH F 4 . ? 2.380   6.798   0.725   0.49 12.81 ? 142 HOH B O     1 
HETATM 411 O O     B HOH F 4 . ? 2.124   5.702   0.925   0.51 18.86 ? 142 HOH B O     1 
HETATM 412 O O     A HOH F 4 . ? 8.843   8.646   -11.789 0.59 10.80 ? 143 HOH B O     1 
HETATM 413 O O     B HOH F 4 . ? 7.801   8.961   -11.687 0.41 11.39 ? 143 HOH B O     1 
HETATM 414 O O     . HOH F 4 . ? -9.969  6.529   3.081   0.24 3.54  ? 144 HOH B O     1 
HETATM 415 O O     . HOH F 4 . ? -2.754  9.432   2.972   1.00 17.59 ? 145 HOH B O     1 
HETATM 416 O O     . HOH F 4 . ? -4.898  -8.815  0.563   0.26 6.26  ? 146 HOH B O     1 
HETATM 417 O O     . HOH F 4 . ? -11.307 0.521   8.220   0.66 5.02  ? 147 HOH B O     1 
HETATM 418 O O     . HOH F 4 . ? -4.684  -8.063  -1.827  0.51 12.54 ? 148 HOH B O     1 
HETATM 419 O O     . HOH F 4 . ? -13.873 0.782   8.164   0.21 4.59  ? 149 HOH B O     1 
HETATM 420 O O     . HOH F 4 . ? -1.578  6.809   -12.322 0.73 18.84 ? 150 HOH B O     1 
HETATM 421 O O     . HOH F 4 . ? -5.486  -9.943  -0.044  0.60 19.79 ? 151 HOH B O     1 
HETATM 422 O O     . HOH F 4 . ? -4.802  -8.471  -3.765  0.45 26.34 ? 152 HOH B O     1 
HETATM 423 O O     A HOH F 4 . ? -9.801  8.732   4.121   0.45 23.92 ? 153 HOH B O     1 
HETATM 424 O O     B HOH F 4 . ? -11.345 8.533   3.958   0.55 30.73 ? 153 HOH B O     1 
# 
loop_
_atom_site_anisotrop.id 
_atom_site_anisotrop.type_symbol 
_atom_site_anisotrop.pdbx_label_atom_id 
_atom_site_anisotrop.pdbx_label_alt_id 
_atom_site_anisotrop.pdbx_label_comp_id 
_atom_site_anisotrop.pdbx_label_asym_id 
_atom_site_anisotrop.pdbx_label_seq_id 
_atom_site_anisotrop.pdbx_PDB_ins_code 
_atom_site_anisotrop.U[1][1] 
_atom_site_anisotrop.U[2][2] 
_atom_site_anisotrop.U[3][3] 
_atom_site_anisotrop.U[1][2] 
_atom_site_anisotrop.U[1][3] 
_atom_site_anisotrop.U[2][3] 
_atom_site_anisotrop.pdbx_auth_seq_id 
_atom_site_anisotrop.pdbx_auth_comp_id 
_atom_site_anisotrop.pdbx_auth_asym_id 
_atom_site_anisotrop.pdbx_auth_atom_id 
1   O "O5'" . 0DC A 1 ? 0.0661 0.0633 0.0424 -0.0136 0.0061  -0.0026 1   0DC A "O5'" 
2   C "C5'" . 0DC A 1 ? 0.0552 0.0399 0.0440 -0.0151 0.0090  -0.0025 1   0DC A "C5'" 
3   C "C4'" . 0DC A 1 ? 0.0527 0.0354 0.0391 -0.0122 0.0110  -0.0013 1   0DC A "C4'" 
4   O "O4'" . 0DC A 1 ? 0.0601 0.0362 0.0557 -0.0131 0.0265  -0.0062 1   0DC A "O4'" 
5   C "C3'" . 0DC A 1 ? 0.0511 0.0404 0.0406 -0.0130 0.0075  -0.0020 1   0DC A "C3'" 
6   O "O3'" . 0DC A 1 ? 0.0526 0.0459 0.0458 -0.0124 0.0045  -0.0035 1   0DC A "O3'" 
7   C "C2'" . 0DC A 1 ? 0.0474 0.0419 0.0440 -0.0116 0.0119  -0.0011 1   0DC A "C2'" 
8   C "C1'" . 0DC A 1 ? 0.0559 0.0344 0.0402 -0.0134 0.0132  -0.0038 1   0DC A "C1'" 
9   N N1    . 0DC A 1 ? 0.0551 0.0347 0.0420 -0.0122 0.0095  -0.0049 1   0DC A N1    
10  C C2    . 0DC A 1 ? 0.0499 0.0345 0.0428 -0.0110 0.0120  -0.0051 1   0DC A C2    
11  O O2    . 0DC A 1 ? 0.0556 0.0350 0.0598 -0.0102 0.0015  -0.0012 1   0DC A O2    
12  N N3    . 0DC A 1 ? 0.0517 0.0359 0.0452 -0.0066 0.0078  -0.0076 1   0DC A N3    
13  C C4    . 0DC A 1 ? 0.0485 0.0499 0.0424 -0.0077 0.0104  -0.0139 1   0DC A C4    
14  N N4    . 0DC A 1 ? 0.0602 0.0529 0.0477 -0.0037 0.0013  -0.0104 1   0DC A N4    
15  C C5    . 0DC A 1 ? 0.0532 0.0493 0.0543 -0.0096 0.0053  -0.0139 1   0DC A C5    
16  C C6    . 0DC A 1 ? 0.0573 0.0461 0.0478 -0.0187 0.0062  -0.0111 1   0DC A C6    
17  P P     . 0DG A 2 ? 0.0486 0.0457 0.0537 -0.0063 0.0064  -0.0045 2   0DG A P     
18  O OP1   . 0DG A 2 ? 0.0558 0.0629 0.0752 -0.0041 -0.0055 -0.0114 2   0DG A OP1   
19  O OP2   . 0DG A 2 ? 0.0584 0.0568 0.0640 -0.0079 0.0202  -0.0089 2   0DG A OP2   
20  O "O5'" . 0DG A 2 ? 0.0598 0.0409 0.0457 -0.0020 0.0120  -0.0036 2   0DG A "O5'" 
21  C "C5'" . 0DG A 2 ? 0.0587 0.0439 0.0407 -0.0022 0.0048  -0.0024 2   0DG A "C5'" 
22  C "C4'" . 0DG A 2 ? 0.0698 0.0399 0.0420 -0.0009 0.0136  0.0007  2   0DG A "C4'" 
23  O "O4'" . 0DG A 2 ? 0.0621 0.0397 0.0415 -0.0102 0.0137  -0.0053 2   0DG A "O4'" 
24  C "C3'" . 0DG A 2 ? 0.0795 0.0467 0.0369 0.0037  0.0124  0.0047  2   0DG A "C3'" 
25  O "O3'" . 0DG A 2 ? 0.1027 0.0558 0.0419 0.0116  0.0092  0.0091  2   0DG A "O3'" 
26  C "C2'" . 0DG A 2 ? 0.0813 0.0536 0.0450 -0.0044 0.0227  0.0063  2   0DG A "C2'" 
27  C "C1'" . 0DG A 2 ? 0.0656 0.0344 0.0527 -0.0092 0.0165  -0.0006 2   0DG A "C1'" 
28  N N9    . 0DG A 2 ? 0.0597 0.0366 0.0506 -0.0138 0.0128  -0.0044 2   0DG A N9    
29  C C8    . 0DG A 2 ? 0.0628 0.0386 0.0633 -0.0174 0.0114  -0.0070 2   0DG A C8    
30  N N7    . 0DG A 2 ? 0.0575 0.0491 0.0640 -0.0192 0.0038  -0.0120 2   0DG A N7    
31  C C5    . 0DG A 2 ? 0.0544 0.0381 0.0499 -0.0122 0.0079  -0.0088 2   0DG A C5    
32  C C6    . 0DG A 2 ? 0.0478 0.0432 0.0480 -0.0079 0.0033  -0.0076 2   0DG A C6    
33  O O6    . 0DG A 2 ? 0.0512 0.0476 0.0714 -0.0064 -0.0081 -0.0062 2   0DG A O6    
34  N N1    . 0DG A 2 ? 0.0481 0.0349 0.0414 -0.0079 0.0066  -0.0062 2   0DG A N1    
35  C C2    . 0DG A 2 ? 0.0519 0.0350 0.0358 -0.0061 0.0090  -0.0069 2   0DG A C2    
36  N N2    . 0DG A 2 ? 0.0574 0.0349 0.0444 -0.0087 -0.0047 -0.0030 2   0DG A N2    
37  N N3    . 0DG A 2 ? 0.0532 0.0332 0.0373 -0.0067 0.0086  -0.0050 2   0DG A N3    
38  C C4    . 0DG A 2 ? 0.0555 0.0329 0.0395 -0.0092 0.0130  -0.0063 2   0DG A C4    
39  P P     . 0DC A 3 ? 0.0766 0.0695 0.0435 0.0146  0.0081  0.0061  3   0DC A P     
40  O OP1   . 0DC A 3 ? 0.0882 0.0808 0.0600 -0.0041 0.0104  0.0071  3   0DC A OP1   
41  O OP2   . 0DC A 3 ? 0.0888 0.0898 0.0608 0.0338  0.0105  0.0169  3   0DC A OP2   
42  O "O5'" . 0DC A 3 ? 0.0748 0.0853 0.0358 0.0191  -0.0032 -0.0011 3   0DC A "O5'" 
43  C "C5'" . 0DC A 3 ? 0.0677 0.0693 0.0307 0.0067  -0.0001 0.0055  3   0DC A "C5'" 
44  C "C4'" . 0DC A 3 ? 0.0618 0.0691 0.0319 -0.0011 0.0023  0.0078  3   0DC A "C4'" 
45  O "O4'" . 0DC A 3 ? 0.0641 0.0647 0.0383 0.0032  0.0144  0.0124  3   0DC A "O4'" 
46  C "C3'" . 0DC A 3 ? 0.0663 0.0712 0.0416 -0.0011 0.0030  0.0154  3   0DC A "C3'" 
47  O "O3'" A 0DC A 3 ? 0.0857 0.0454 0.0522 0.0025  -0.0025 0.0090  3   0DC A "O3'" 
48  O "O3'" B 0DC A 3 ? 0.1556 0.1875 0.0435 -0.1210 -0.0063 0.0313  3   0DC A "O3'" 
49  C "C2'" . 0DC A 3 ? 0.0621 0.0766 0.0375 -0.0005 0.0095  0.0130  3   0DC A "C2'" 
50  C "C1'" . 0DC A 3 ? 0.0648 0.0593 0.0323 0.0026  0.0073  0.0081  3   0DC A "C1'" 
51  N N1    . 0DC A 3 ? 0.0584 0.0530 0.0390 0.0035  0.0087  -0.0010 3   0DC A N1    
52  C C2    . 0DC A 3 ? 0.0557 0.0514 0.0376 0.0045  0.0086  -0.0034 3   0DC A C2    
53  O O2    . 0DC A 3 ? 0.0635 0.0528 0.0452 -0.0007 -0.0027 0.0002  3   0DC A O2    
54  N N3    . 0DC A 3 ? 0.0528 0.0497 0.0411 0.0024  0.0064  -0.0070 3   0DC A N3    
55  C C4    . 0DC A 3 ? 0.0548 0.0543 0.0461 -0.0012 0.0158  -0.0136 3   0DC A C4    
56  N N4    . 0DC A 3 ? 0.0570 0.0583 0.0586 -0.0018 0.0044  -0.0149 3   0DC A N4    
57  C C5    . 0DC A 3 ? 0.0603 0.0556 0.0514 -0.0024 0.0129  -0.0090 3   0DC A C5    
58  C C6    . 0DC A 3 ? 0.0653 0.0544 0.0499 0.0023  0.0112  -0.0024 3   0DC A C6    
59  P P     A 0DG A 4 ? 0.0883 0.0687 0.0458 -0.0283 -0.0027 0.0102  4   0DG A P     
60  P P     B 0DG A 4 ? 0.1653 0.3763 0.0713 -0.1874 -0.0284 0.0761  4   0DG A P     
61  O OP1   A 0DG A 4 ? 0.1884 0.0752 0.0563 -0.0596 0.0054  0.0042  4   0DG A OP1   
62  O OP1   B 0DG A 4 ? 0.4018 0.4028 0.0716 -0.3535 -0.0745 0.0865  4   0DG A OP1   
63  O OP2   A 0DG A 4 ? 0.0689 0.1449 0.0540 -0.0374 -0.0068 0.0242  4   0DG A OP2   
64  O OP2   B 0DG A 4 ? 0.0849 0.6568 0.0698 -0.1618 0.0073  0.0766  4   0DG A OP2   
65  O "O5'" A 0DG A 4 ? 0.0736 0.0545 0.0462 -0.0066 0.0031  0.0076  4   0DG A "O5'" 
66  O "O5'" B 0DG A 4 ? 0.0991 0.2500 0.0402 -0.0841 -0.0100 0.0230  4   0DG A "O5'" 
67  C "C5'" A 0DG A 4 ? 0.0780 0.0489 0.0363 0.0067  -0.0064 -0.0020 4   0DG A "C5'" 
68  C "C5'" B 0DG A 4 ? 0.1236 0.0960 0.0783 -0.0537 -0.0068 0.0309  4   0DG A "C5'" 
69  C "C4'" . 0DG A 4 ? 0.0744 0.0607 0.0397 0.0015  0.0030  0.0024  4   0DG A "C4'" 
70  O "O4'" . 0DG A 4 ? 0.0722 0.0569 0.0490 0.0046  0.0138  0.0069  4   0DG A "O4'" 
71  C "C3'" . 0DG A 4 ? 0.0687 0.0653 0.0441 0.0159  -0.0077 0.0025  4   0DG A "C3'" 
72  O "O3'" A 0DG A 4 ? 0.0692 0.0961 0.0424 0.0277  0.0039  -0.0034 4   0DG A "O3'" 
73  O "O3'" B 0DG A 4 ? 0.0730 0.0786 0.0432 0.0154  -0.0109 -0.0069 4   0DG A "O3'" 
74  C "C2'" . 0DG A 4 ? 0.0713 0.0771 0.0410 0.0185  0.0089  0.0165  4   0DG A "C2'" 
75  C "C1'" . 0DG A 4 ? 0.0661 0.0575 0.0499 0.0118  0.0108  0.0191  4   0DG A "C1'" 
76  N N9    . 0DG A 4 ? 0.0659 0.0497 0.0526 0.0076  0.0083  0.0161  4   0DG A N9    
77  C C8    . 0DG A 4 ? 0.0838 0.0427 0.0652 0.0096  0.0108  0.0176  4   0DG A C8    
78  N N7    . 0DG A 4 ? 0.0815 0.0423 0.0649 0.0065  0.0162  0.0132  4   0DG A N7    
79  C C5    . 0DG A 4 ? 0.0649 0.0427 0.0478 0.0060  0.0117  0.0072  4   0DG A C5    
80  C C6    . 0DG A 4 ? 0.0610 0.0450 0.0498 0.0029  0.0129  -0.0003 4   0DG A C6    
81  O O6    . 0DG A 4 ? 0.0723 0.0510 0.0641 0.0019  0.0016  -0.0022 4   0DG A O6    
82  N N1    . 0DG A 4 ? 0.0574 0.0437 0.0383 0.0075  0.0087  0.0032  4   0DG A N1    
83  C C2    . 0DG A 4 ? 0.0577 0.0426 0.0332 0.0063  0.0099  0.0036  4   0DG A C2    
84  N N2    . 0DG A 4 ? 0.0708 0.0403 0.0383 0.0119  0.0009  0.0017  4   0DG A N2    
85  N N3    . 0DG A 4 ? 0.0603 0.0439 0.0368 0.0078  0.0100  0.0076  4   0DG A N3    
86  C C4    . 0DG A 4 ? 0.0650 0.0454 0.0442 0.0097  0.0150  0.0118  4   0DG A C4    
87  P P     A 0DC A 5 ? 0.1044 0.1531 0.0369 0.0799  0.0105  0.0117  5   0DC A P     
88  P P     B 0DC A 5 ? 0.0605 0.0733 0.0393 -0.0029 0.0021  -0.0068 5   0DC A P     
89  O OP1   A 0DC A 5 ? 0.1278 0.3880 0.0658 0.1499  -0.0471 -0.1042 5   0DC A OP1   
90  O OP1   B 0DC A 5 ? 0.0821 0.0737 0.0477 0.0024  0.0067  -0.0013 5   0DC A OP1   
91  O OP2   A 0DC A 5 ? 0.2709 0.1453 0.1535 0.1371  0.1488  0.0967  5   0DC A OP2   
92  O OP2   B 0DC A 5 ? 0.0552 0.0839 0.0478 -0.0058 -0.0070 -0.0159 5   0DC A OP2   
93  O "O5'" A 0DC A 5 ? 0.0553 0.0646 0.0335 0.0034  -0.0023 0.0025  5   0DC A "O5'" 
94  O "O5'" B 0DC A 5 ? 0.0633 0.0771 0.0583 0.0076  0.0041  -0.0219 5   0DC A "O5'" 
95  C "C5'" A 0DC A 5 ? 0.0530 0.0618 0.0395 -0.0037 0.0055  -0.0119 5   0DC A "C5'" 
96  C "C5'" B 0DC A 5 ? 0.0526 0.0737 0.0389 -0.0064 -0.0033 -0.0167 5   0DC A "C5'" 
97  C "C4'" . 0DC A 5 ? 0.0607 0.0542 0.0358 -0.0017 0.0048  -0.0103 5   0DC A "C4'" 
98  O "O4'" . 0DC A 5 ? 0.0517 0.0651 0.0355 -0.0001 0.0049  -0.0028 5   0DC A "O4'" 
99  C "C3'" . 0DC A 5 ? 0.0971 0.0561 0.0366 -0.0152 0.0067  -0.0092 5   0DC A "C3'" 
100 O "O3'" A 0DC A 5 ? 0.1995 0.0402 0.0401 -0.0190 -0.0247 -0.0084 5   0DC A "O3'" 
101 O "O3'" B 0DC A 5 ? 0.1205 0.0406 0.0480 -0.0233 -0.0048 -0.0137 5   0DC A "O3'" 
102 C "C2'" . 0DC A 5 ? 0.0788 0.0484 0.0356 -0.0065 0.0066  -0.0053 5   0DC A "C2'" 
103 C "C1'" . 0DC A 5 ? 0.0633 0.0495 0.0382 0.0066  0.0014  -0.0080 5   0DC A "C1'" 
104 N N1    . 0DC A 5 ? 0.0503 0.0476 0.0461 0.0037  0.0054  -0.0062 5   0DC A N1    
105 C C2    . 0DC A 5 ? 0.0449 0.0511 0.0428 0.0011  0.0101  -0.0072 5   0DC A C2    
106 O O2    . 0DC A 5 ? 0.0538 0.0521 0.0508 0.0013  -0.0016 -0.0103 5   0DC A O2    
107 N N3    . 0DC A 5 ? 0.0463 0.0540 0.0508 -0.0041 0.0154  -0.0100 5   0DC A N3    
108 C C4    . 0DC A 5 ? 0.0479 0.0510 0.0564 -0.0038 0.0206  -0.0058 5   0DC A C4    
109 N N4    . 0DC A 5 ? 0.0596 0.0504 0.0781 -0.0055 0.0188  -0.0048 5   0DC A N4    
110 C C5    . 0DC A 5 ? 0.0535 0.0548 0.0572 0.0004  0.0148  0.0030  5   0DC A C5    
111 C C6    . 0DC A 5 ? 0.0558 0.0589 0.0497 0.0017  0.0087  0.0008  5   0DC A C6    
112 P P     A 0DG A 6 ? 0.1481 0.0537 0.0565 -0.0072 0.0275  -0.0116 6   0DG A P     
113 P P     B 0DG A 6 ? 0.0433 0.0452 0.0465 -0.0045 0.0027  -0.0075 6   0DG A P     
114 O OP1   A 0DG A 6 ? 0.2361 0.0628 0.0711 0.0314  0.0002  -0.0020 6   0DG A OP1   
115 O OP1   B 0DG A 6 ? 0.0535 0.0398 0.0596 -0.0033 -0.0027 -0.0042 6   0DG A OP1   
116 O OP2   A 0DG A 6 ? 0.1850 0.0814 0.0987 -0.0528 0.0595  -0.0379 6   0DG A OP2   
117 O OP2   B 0DG A 6 ? 0.0460 0.0580 0.0554 -0.0043 0.0020  -0.0104 6   0DG A OP2   
118 O "O5'" A 0DG A 6 ? 0.1054 0.0642 0.0620 -0.0066 0.0151  -0.0255 6   0DG A "O5'" 
119 O "O5'" B 0DG A 6 ? 0.0545 0.0707 0.0500 0.0053  -0.0057 -0.0131 6   0DG A "O5'" 
120 C "C5'" A 0DG A 6 ? 0.0879 0.0719 0.0557 0.0189  0.0010  -0.0187 6   0DG A "C5'" 
121 C "C5'" B 0DG A 6 ? 0.0500 0.0642 0.0435 0.0095  -0.0075 -0.0284 6   0DG A "C5'" 
122 C "C4'" . 0DG A 6 ? 0.0508 0.0822 0.0501 0.0065  -0.0033 -0.0249 6   0DG A "C4'" 
123 O "O4'" . 0DG A 6 ? 0.0491 0.0942 0.0564 0.0200  0.0028  -0.0069 6   0DG A "O4'" 
124 C "C3'" . 0DG A 6 ? 0.0538 0.0920 0.0620 0.0158  -0.0065 -0.0332 6   0DG A "C3'" 
125 O "O3'" . 0DG A 6 ? 0.0774 0.0936 0.0593 -0.0088 0.0050  -0.0335 6   0DG A "O3'" 
126 C "C2'" . 0DG A 6 ? 0.0494 0.0989 0.0639 -0.0013 0.0050  -0.0414 6   0DG A "C2'" 
127 C "C1'" . 0DG A 6 ? 0.0513 0.0970 0.0422 0.0010  -0.0026 -0.0179 6   0DG A "C1'" 
128 N N9    . 0DG A 6 ? 0.0525 0.0987 0.0392 0.0026  -0.0006 -0.0209 6   0DG A N9    
129 C C8    . 0DG A 6 ? 0.0666 0.1099 0.0372 0.0090  -0.0033 -0.0070 6   0DG A C8    
130 N N7    . 0DG A 6 ? 0.0668 0.0986 0.0397 0.0038  0.0023  0.0018  6   0DG A N7    
131 C C5    . 0DG A 6 ? 0.0541 0.0908 0.0394 0.0036  0.0078  -0.0051 6   0DG A C5    
132 C C6    . 0DG A 6 ? 0.0486 0.0828 0.0464 -0.0040 0.0151  -0.0054 6   0DG A C6    
133 O O6    . 0DG A 6 ? 0.0692 0.0772 0.0646 -0.0048 0.0047  0.0033  6   0DG A O6    
134 N N1    . 0DG A 6 ? 0.0414 0.0759 0.0522 0.0002  0.0094  -0.0167 6   0DG A N1    
135 C C2    . 0DG A 6 ? 0.0388 0.0776 0.0503 0.0066  0.0048  -0.0242 6   0DG A C2    
136 N N2    . 0DG A 6 ? 0.0465 0.0748 0.0718 0.0113  -0.0137 -0.0309 6   0DG A N2    
137 N N3    . 0DG A 6 ? 0.0412 0.0813 0.0491 0.0093  -0.0007 -0.0260 6   0DG A N3    
138 C C4    . 0DG A 6 ? 0.0434 0.0870 0.0375 0.0042  0.0062  -0.0167 6   0DG A C4    
139 O "O5'" . 0DC B 1 ? 0.0752 0.0854 0.0723 -0.0290 0.0078  0.0035  7   0DC B "O5'" 
140 C "C5'" . 0DC B 1 ? 0.0749 0.0696 0.0565 -0.0300 0.0028  -0.0137 7   0DC B "C5'" 
141 C "C4'" . 0DC B 1 ? 0.0556 0.0618 0.0414 -0.0165 0.0065  -0.0089 7   0DC B "C4'" 
142 O "O4'" . 0DC B 1 ? 0.0481 0.0726 0.0419 -0.0137 0.0116  -0.0172 7   0DC B "O4'" 
143 C "C3'" . 0DC B 1 ? 0.0444 0.0706 0.0418 -0.0121 0.0036  -0.0090 7   0DC B "C3'" 
144 O "O3'" . 0DC B 1 ? 0.0463 0.0727 0.0469 -0.0016 -0.0063 -0.0123 7   0DC B "O3'" 
145 C "C2'" . 0DC B 1 ? 0.0388 0.0720 0.0396 -0.0058 0.0023  -0.0119 7   0DC B "C2'" 
146 C "C1'" . 0DC B 1 ? 0.0433 0.0626 0.0435 -0.0111 0.0073  -0.0145 7   0DC B "C1'" 
147 N N1    . 0DC B 1 ? 0.0381 0.0595 0.0443 -0.0111 0.0094  -0.0081 7   0DC B N1    
148 C C2    . 0DC B 1 ? 0.0361 0.0581 0.0442 -0.0083 0.0103  -0.0099 7   0DC B C2    
149 O O2    . 0DC B 1 ? 0.0440 0.0579 0.0532 -0.0039 0.0002  -0.0100 7   0DC B O2    
150 N N3    . 0DC B 1 ? 0.0391 0.0606 0.0481 -0.0050 0.0112  -0.0047 7   0DC B N3    
151 C C4    . 0DC B 1 ? 0.0422 0.0583 0.0549 -0.0044 0.0186  -0.0037 7   0DC B C4    
152 N N4    . 0DC B 1 ? 0.0571 0.0638 0.0670 0.0012  0.0180  0.0030  7   0DC B N4    
153 C C5    . 0DC B 1 ? 0.0543 0.0576 0.0625 -0.0117 0.0186  -0.0091 7   0DC B C5    
154 C C6    . 0DC B 1 ? 0.0511 0.0580 0.0608 -0.0104 0.0167  -0.0105 7   0DC B C6    
155 P P     . 0DG B 2 ? 0.0430 0.0786 0.0580 -0.0028 -0.0065 -0.0147 8   0DG B P     
156 O OP1   . 0DG B 2 ? 0.0610 0.0767 0.0854 0.0054  -0.0184 -0.0153 8   0DG B OP1   
157 O OP2   . 0DG B 2 ? 0.0416 0.1025 0.0696 -0.0028 0.0024  -0.0212 8   0DG B OP2   
158 O "O5'" . 0DG B 2 ? 0.0402 0.0919 0.0523 -0.0109 -0.0069 -0.0096 8   0DG B "O5'" 
159 C "C5'" . 0DG B 2 ? 0.0422 0.0780 0.0512 -0.0162 -0.0074 -0.0023 8   0DG B "C5'" 
160 C "C4'" A 0DG B 2 ? 0.0529 0.0875 0.0439 -0.0227 -0.0048 0.0032  8   0DG B "C4'" 
161 C "C4'" B 0DG B 2 ? 0.0223 0.0876 0.0721 -0.0275 -0.0128 -0.0317 8   0DG B "C4'" 
162 O "O4'" . 0DG B 2 ? 0.0607 0.0804 0.0491 -0.0334 0.0102  -0.0139 8   0DG B "O4'" 
163 C "C3'" A 0DG B 2 ? 0.0640 0.0819 0.0417 -0.0363 -0.0016 0.0016  8   0DG B "C3'" 
164 C "C3'" B 0DG B 2 ? 0.0259 0.0729 0.0867 -0.0204 0.0060  -0.0151 8   0DG B "C3'" 
165 O "O3'" A 0DG B 2 ? 0.0658 0.0868 0.0443 -0.0342 -0.0087 0.0078  8   0DG B "O3'" 
166 O "O3'" B 0DG B 2 ? 0.0533 0.0840 0.1446 -0.0210 -0.0050 0.0102  8   0DG B "O3'" 
167 C "C2'" A 0DG B 2 ? 0.0829 0.0872 0.0457 -0.0309 0.0173  -0.0015 8   0DG B "C2'" 
168 C "C2'" B 0DG B 2 ? 0.0777 0.0605 0.0713 -0.0483 0.0274  -0.0203 8   0DG B "C2'" 
169 C "C1'" . 0DG B 2 ? 0.0726 0.0787 0.0411 -0.0383 0.0082  -0.0124 8   0DG B "C1'" 
170 N N9    . 0DG B 2 ? 0.0729 0.0736 0.0429 -0.0351 0.0072  -0.0146 8   0DG B N9    
171 C C8    . 0DG B 2 ? 0.0803 0.0811 0.0581 -0.0372 0.0159  -0.0278 8   0DG B C8    
172 N N7    . 0DG B 2 ? 0.0764 0.0680 0.0661 -0.0223 0.0106  -0.0274 8   0DG B N7    
173 C C5    . 0DG B 2 ? 0.0612 0.0620 0.0535 -0.0217 0.0139  -0.0184 8   0DG B C5    
174 C C6    . 0DG B 2 ? 0.0581 0.0543 0.0637 -0.0148 0.0165  -0.0184 8   0DG B C6    
175 O O6    . 0DG B 2 ? 0.0758 0.0563 0.1064 -0.0074 0.0009  -0.0256 8   0DG B O6    
176 N N1    . 0DG B 2 ? 0.0484 0.0543 0.0536 -0.0135 0.0130  -0.0149 8   0DG B N1    
177 C C2    . 0DG B 2 ? 0.0508 0.0604 0.0428 -0.0209 0.0099  -0.0078 8   0DG B C2    
178 N N2    . 0DG B 2 ? 0.0535 0.0552 0.0531 -0.0187 -0.0030 -0.0050 8   0DG B N2    
179 N N3    . 0DG B 2 ? 0.0549 0.0650 0.0415 -0.0247 0.0084  -0.0107 8   0DG B N3    
180 C C4    . 0DG B 2 ? 0.0590 0.0695 0.0436 -0.0284 0.0146  -0.0177 8   0DG B C4    
181 P P     A 0DC B 3 ? 0.0452 0.0653 0.0355 -0.0146 -0.0034 0.0110  9   0DC B P     
182 P P     B 0DC B 3 ? 0.0718 0.0668 0.0948 -0.0185 -0.0411 0.0192  9   0DC B P     
183 O OP1   A 0DC B 3 ? 0.0668 0.0805 0.0391 -0.0145 -0.0062 0.0071  9   0DC B OP1   
184 O OP1   B 0DC B 3 ? 0.1126 0.1143 0.7459 -0.0117 -0.0876 0.2387  9   0DC B OP1   
185 O OP2   A 0DC B 3 ? 0.0486 0.0755 0.0406 -0.0102 -0.0039 0.0135  9   0DC B OP2   
186 O OP2   B 0DC B 3 ? 0.3668 0.6637 0.2279 -0.4059 0.1412  -0.2954 9   0DC B OP2   
187 O "O5'" A 0DC B 3 ? 0.0481 0.0657 0.0793 -0.0088 0.0022  0.0123  9   0DC B "O5'" 
188 O "O5'" B 0DC B 3 ? 0.0604 0.1211 0.0302 -0.0373 0.0116  -0.0113 9   0DC B "O5'" 
189 C "C5'" . 0DC B 3 ? 0.0429 0.0562 0.0502 -0.0029 -0.0035 0.0067  9   0DC B "C5'" 
190 C "C4'" . 0DC B 3 ? 0.0393 0.0561 0.0424 -0.0018 0.0003  0.0080  9   0DC B "C4'" 
191 O "O4'" . 0DC B 3 ? 0.0535 0.0704 0.0371 0.0142  0.0081  0.0095  9   0DC B "O4'" 
192 C "C3'" . 0DC B 3 ? 0.0423 0.0574 0.0427 0.0018  0.0025  0.0063  9   0DC B "C3'" 
193 O "O3'" . 0DC B 3 ? 0.0510 0.0596 0.0449 -0.0012 -0.0051 0.0035  9   0DC B "O3'" 
194 C "C2'" . 0DC B 3 ? 0.0508 0.0617 0.0395 0.0101  0.0095  0.0071  9   0DC B "C2'" 
195 C "C1'" . 0DC B 3 ? 0.0455 0.0646 0.0404 0.0106  0.0068  0.0097  9   0DC B "C1'" 
196 N N1    . 0DC B 3 ? 0.0462 0.0610 0.0403 0.0092  0.0078  0.0032  9   0DC B N1    
197 C C2    . 0DC B 3 ? 0.0505 0.0571 0.0386 0.0093  0.0113  0.0059  9   0DC B C2    
198 O O2    . 0DC B 3 ? 0.0566 0.0518 0.0462 0.0041  -0.0027 0.0058  9   0DC B O2    
199 N N3    . 0DC B 3 ? 0.0519 0.0536 0.0432 0.0056  0.0133  0.0014  9   0DC B N3    
200 C C4    . 0DC B 3 ? 0.0507 0.0610 0.0478 0.0082  0.0145  -0.0040 9   0DC B C4    
201 N N4    . 0DC B 3 ? 0.0620 0.0602 0.0564 0.0039  0.0083  -0.0059 9   0DC B N4    
202 C C5    . 0DC B 3 ? 0.0527 0.0662 0.0537 0.0025  0.0012  -0.0022 9   0DC B C5    
203 C C6    . 0DC B 3 ? 0.0522 0.0681 0.0475 0.0063  0.0020  0.0020  9   0DC B C6    
204 P P     . 0DG B 4 ? 0.0668 0.0632 0.0431 -0.0032 -0.0003 -0.0027 10  0DG B P     
205 O OP1   . 0DG B 4 ? 0.0925 0.0842 0.0690 -0.0255 -0.0211 0.0022  10  0DG B OP1   
206 O OP2   . 0DG B 4 ? 0.0882 0.0713 0.0455 0.0012  0.0164  -0.0101 10  0DG B OP2   
207 O "O5'" . 0DG B 4 ? 0.0519 0.0598 0.0467 0.0086  0.0081  0.0037  10  0DG B "O5'" 
208 C "C5'" . 0DG B 4 ? 0.0422 0.0531 0.0521 0.0025  0.0038  0.0039  10  0DG B "C5'" 
209 C "C4'" . 0DG B 4 ? 0.0417 0.0475 0.0494 0.0040  0.0071  0.0040  10  0DG B "C4'" 
210 O "O4'" . 0DG B 4 ? 0.0374 0.0603 0.0528 0.0025  0.0073  -0.0019 10  0DG B "O4'" 
211 C "C3'" . 0DG B 4 ? 0.0401 0.0555 0.0510 -0.0023 0.0094  0.0011  10  0DG B "C3'" 
212 O "O3'" . 0DG B 4 ? 0.0499 0.0545 0.0635 -0.0061 0.0087  0.0126  10  0DG B "O3'" 
213 C "C2'" . 0DG B 4 ? 0.0515 0.0789 0.0496 -0.0043 0.0118  -0.0001 10  0DG B "C2'" 
214 C "C1'" . 0DG B 4 ? 0.0430 0.0626 0.0429 0.0044  -0.0003 0.0002  10  0DG B "C1'" 
215 N N9    . 0DG B 4 ? 0.0408 0.0676 0.0471 0.0022  -0.0026 -0.0021 10  0DG B N9    
216 C C8    . 0DG B 4 ? 0.0462 0.0798 0.0544 0.0079  -0.0095 -0.0115 10  0DG B C8    
217 N N7    . 0DG B 4 ? 0.0542 0.0715 0.0589 0.0007  -0.0103 -0.0109 10  0DG B N7    
218 C C5    . 0DG B 4 ? 0.0445 0.0591 0.0522 -0.0007 -0.0006 -0.0116 10  0DG B C5    
219 C C6    . 0DG B 4 ? 0.0474 0.0577 0.0558 0.0006  -0.0011 -0.0109 10  0DG B C6    
220 O O6    . 0DG B 4 ? 0.0699 0.0582 0.0775 -0.0049 -0.0119 -0.0142 10  0DG B O6    
221 N N1    . 0DG B 4 ? 0.0403 0.0530 0.0480 0.0026  0.0054  -0.0044 10  0DG B N1    
222 C C2    . 0DG B 4 ? 0.0344 0.0547 0.0426 -0.0012 0.0063  -0.0063 10  0DG B C2    
223 N N2    . 0DG B 4 ? 0.0420 0.0502 0.0536 -0.0026 -0.0001 0.0017  10  0DG B N2    
224 N N3    . 0DG B 4 ? 0.0335 0.0539 0.0413 -0.0003 0.0029  -0.0027 10  0DG B N3    
225 C C4    . 0DG B 4 ? 0.0381 0.0606 0.0422 0.0019  0.0044  -0.0060 10  0DG B C4    
226 P P     . 0DC B 5 ? 0.0490 0.0505 0.0519 -0.0100 0.0105  -0.0016 11  0DC B P     
227 O OP1   . 0DC B 5 ? 0.0619 0.0799 0.0545 -0.0197 0.0025  0.0067  11  0DC B OP1   
228 O OP2   . 0DC B 5 ? 0.0659 0.0519 0.0675 -0.0123 0.0163  -0.0086 11  0DC B OP2   
229 O "O5'" . 0DC B 5 ? 0.0481 0.0498 0.0754 -0.0139 0.0120  -0.0116 11  0DC B "O5'" 
230 C "C5'" . 0DC B 5 ? 0.0523 0.0408 0.0501 -0.0112 0.0132  -0.0010 11  0DC B "C5'" 
231 C "C4'" . 0DC B 5 ? 0.0591 0.0367 0.0433 -0.0122 0.0130  -0.0053 11  0DC B "C4'" 
232 O "O4'" . 0DC B 5 ? 0.0722 0.0355 0.0412 -0.0157 0.0185  -0.0078 11  0DC B "O4'" 
233 C "C3'" . 0DC B 5 ? 0.0610 0.0421 0.0414 -0.0088 0.0107  -0.0011 11  0DC B "C3'" 
234 O "O3'" . 0DC B 5 ? 0.0709 0.0401 0.0551 -0.0030 0.0112  0.0030  11  0DC B "O3'" 
235 C "C2'" . 0DC B 5 ? 0.0794 0.0462 0.0448 -0.0219 0.0199  -0.0058 11  0DC B "C2'" 
236 C "C1'" . 0DC B 5 ? 0.0624 0.0356 0.0487 -0.0136 0.0139  -0.0032 11  0DC B "C1'" 
237 N N1    . 0DC B 5 ? 0.0535 0.0352 0.0496 -0.0084 0.0152  -0.0066 11  0DC B N1    
238 C C2    . 0DC B 5 ? 0.0454 0.0347 0.0503 -0.0062 0.0129  -0.0069 11  0DC B C2    
239 O O2    . 0DC B 5 ? 0.0501 0.0349 0.0669 -0.0087 0.0039  -0.0009 11  0DC B O2    
240 N N3    . 0DC B 5 ? 0.0459 0.0345 0.0503 -0.0054 0.0137  -0.0074 11  0DC B N3    
241 C C4    . 0DC B 5 ? 0.0485 0.0415 0.0493 0.0017  0.0129  -0.0084 11  0DC B C4    
242 N N4    . 0DC B 5 ? 0.0521 0.0446 0.0633 0.0013  0.0047  -0.0071 11  0DC B N4    
243 C C5    . 0DC B 5 ? 0.0627 0.0419 0.0486 0.0023  0.0076  -0.0060 11  0DC B C5    
244 C C6    . 0DC B 5 ? 0.0691 0.0345 0.0495 -0.0053 0.0114  -0.0035 11  0DC B C6    
245 P P     . 0DG B 6 ? 0.0590 0.0545 0.0502 -0.0005 0.0054  0.0058  12  0DG B P     
246 O OP1   . 0DG B 6 ? 0.0630 0.0788 0.0921 0.0098  0.0066  0.0294  12  0DG B OP1   
247 O OP2   . 0DG B 6 ? 0.0609 0.0858 0.0451 -0.0012 0.0038  -0.0069 12  0DG B OP2   
248 O "O5'" . 0DG B 6 ? 0.0614 0.0434 0.0524 -0.0013 0.0095  -0.0017 12  0DG B "O5'" 
249 C "C5'" . 0DG B 6 ? 0.0562 0.0425 0.0640 -0.0033 0.0145  -0.0007 12  0DG B "C5'" 
250 C "C4'" . 0DG B 6 ? 0.0563 0.0353 0.0567 -0.0095 0.0105  -0.0097 12  0DG B "C4'" 
251 O "O4'" . 0DG B 6 ? 0.0575 0.0414 0.0496 -0.0058 0.0107  -0.0103 12  0DG B "O4'" 
252 C "C3'" . 0DG B 6 ? 0.0541 0.0408 0.0694 -0.0150 0.0150  -0.0117 12  0DG B "C3'" 
253 O "O3'" . 0DG B 6 ? 0.0704 0.0464 0.0693 -0.0263 0.0078  -0.0031 12  0DG B "O3'" 
254 C "C2'" . 0DG B 6 ? 0.0574 0.0422 0.0620 -0.0168 0.0179  -0.0129 12  0DG B "C2'" 
255 C "C1'" . 0DG B 6 ? 0.0674 0.0344 0.0498 -0.0162 0.0157  -0.0063 12  0DG B "C1'" 
256 N N9    . 0DG B 6 ? 0.0637 0.0327 0.0444 -0.0071 0.0104  -0.0008 12  0DG B N9    
257 C C8    . 0DG B 6 ? 0.0744 0.0344 0.0521 0.0000  0.0122  0.0028  12  0DG B C8    
258 N N7    . 0DG B 6 ? 0.0681 0.0413 0.0493 0.0008  0.0033  0.0041  12  0DG B N7    
259 C C5    . 0DG B 6 ? 0.0572 0.0371 0.0394 0.0002  0.0070  -0.0016 12  0DG B C5    
260 C C6    . 0DG B 6 ? 0.0530 0.0395 0.0411 0.0013  0.0018  -0.0045 12  0DG B C6    
261 O O6    . 0DG B 6 ? 0.0611 0.0475 0.0595 0.0009  -0.0130 -0.0084 12  0DG B O6    
262 N N1    . 0DG B 6 ? 0.0446 0.0327 0.0434 -0.0023 0.0042  -0.0073 12  0DG B N1    
263 C C2    . 0DG B 6 ? 0.0404 0.0333 0.0437 -0.0036 0.0113  -0.0039 12  0DG B C2    
264 N N2    . 0DG B 6 ? 0.0417 0.0333 0.0628 -0.0032 -0.0007 0.0009  12  0DG B N2    
265 N N3    . 0DG B 6 ? 0.0451 0.0350 0.0445 -0.0067 0.0085  -0.0035 12  0DG B N3    
266 C C4    . 0DG B 6 ? 0.0529 0.0324 0.0383 -0.0072 0.0101  -0.0024 12  0DG B C4    
267 C C1    . LB9 C . ? 0.1352 0.1115 0.1413 -0.0575 -0.0605 -0.0004 101 LB9 A C1    
268 C C2    . LB9 C . ? 0.0917 0.0592 0.1722 0.0046  -0.0699 -0.0150 101 LB9 A C2    
269 C C3    . LB9 C . ? 0.0879 0.1093 0.1374 0.0277  -0.0781 -0.0342 101 LB9 A C3    
270 C C4    . LB9 C . ? 0.0691 0.0678 0.1958 0.0027  -0.0440 -0.0273 101 LB9 A C4    
271 N NE2   . LB9 C . ? 0.0463 0.0780 0.2085 0.0162  -0.0078 0.0186  101 LB9 A NE2   
272 C C5    . LB9 C . ? 0.0720 0.1301 0.1984 -0.0104 0.0102  -0.0156 101 LB9 A C5    
273 N N1    . LB9 C . ? 0.0919 0.1425 0.1757 0.0209  -0.0548 0.0147  101 LB9 A N1    
274 K K     . K   D . ? 0.0674 0.0662 0.0460 -0.0057 0.0219  -0.0134 102 K   A K     
275 O O     . HOH E . ? 0.0504 0.0859 0.0765 -0.0030 0.0054  -0.0259 201 HOH A O     
276 O O     A HOH E . ? 0.0928 0.0794 0.1096 0.0267  0.0027  -0.0177 202 HOH A O     
277 O O     B HOH E . ? 0.1165 0.0965 0.1239 0.0358  0.0276  0.0362  202 HOH A O     
278 O O     . HOH E . ? 0.0977 0.1087 0.2128 0.0103  -0.0064 0.0127  203 HOH A O     
279 O O     . HOH E . ? 0.4696 0.0973 0.1631 -0.0157 0.2368  -0.0028 204 HOH A O     
280 O O     . HOH E . ? 0.2198 0.3775 0.2807 -0.0232 -0.0816 -0.0506 205 HOH A O     
281 O O     . HOH E . ? 0.1066 0.1421 0.0669 0.0242  -0.0092 -0.0062 206 HOH A O     
282 O O     . HOH E . ? 0.2582 0.5724 0.5913 0.0094  -0.0027 0.2739  207 HOH A O     
283 O O     . HOH E . ? 0.4750 0.1918 0.2646 0.1034  0.2247  0.0138  208 HOH A O     
284 O O     . HOH E . ? 0.0655 0.0990 0.1426 0.0049  -0.0214 -0.0164 209 HOH A O     
285 O O     . HOH E . ? 0.0772 0.2602 0.0601 0.0107  -0.0117 0.0136  210 HOH A O     
286 O O     A HOH E . ? 0.0672 0.1042 0.0622 0.0312  -0.0182 -0.0038 211 HOH A O     
287 O O     B HOH E . ? 0.1908 0.2642 0.1212 0.0141  -0.0045 0.0750  211 HOH A O     
288 O O     A HOH E . ? 0.0615 0.0518 0.0605 0.0011  -0.0053 0.0024  212 HOH A O     
289 O O     B HOH E . ? 0.0548 0.0562 0.0577 -0.0054 -0.0069 -0.0019 212 HOH A O     
290 O O     . HOH E . ? 0.1634 0.0850 0.0625 -0.0534 0.0714  -0.0420 213 HOH A O     
291 O O     A HOH E . ? 0.0705 0.0726 0.0997 0.0189  0.0065  0.0212  214 HOH A O     
292 O O     B HOH E . ? 0.3868 0.3198 0.1348 -0.1965 -0.0313 0.0522  214 HOH A O     
293 O O     . HOH E . ? 0.3686 0.5291 0.2031 0.2106  -0.1004 0.0801  215 HOH A O     
294 O O     A HOH E . ? 0.0482 0.1207 0.0513 0.0261  -0.0073 0.0042  216 HOH A O     
295 O O     B HOH E . ? 0.2533 0.1417 0.0623 0.1315  0.0275  0.0178  216 HOH A O     
296 O O     . HOH E . ? 0.1468 0.1731 0.5930 -0.0872 -0.1900 0.2142  217 HOH A O     
297 O O     . HOH E . ? 0.0651 0.0681 0.0667 -0.0107 0.0001  0.0048  218 HOH A O     
298 O O     . HOH E . ? 0.2041 0.2274 0.0587 -0.1388 0.0352  -0.0181 219 HOH A O     
299 O O     . HOH E . ? 0.0673 0.0642 0.0624 -0.0082 0.0004  -0.0032 220 HOH A O     
300 O O     . HOH E . ? 0.1515 0.1150 0.0760 -0.0243 -0.0346 0.0321  221 HOH A O     
301 O O     . HOH E . ? 0.0730 0.0648 0.0623 -0.0013 0.0083  -0.0005 222 HOH A O     
302 O O     . HOH E . ? 0.0806 0.0871 0.0696 0.0044  -0.0073 -0.0146 223 HOH A O     
303 O O     . HOH E . ? 0.3145 0.2764 0.1757 0.0402  0.0710  0.0834  224 HOH A O     
304 O O     . HOH E . ? 0.3695 0.0696 0.0744 0.0654  0.0886  0.0286  225 HOH A O     
305 O O     A HOH E . ? 0.0381 0.0692 0.0548 -0.0146 0.0135  -0.0012 226 HOH A O     
306 O O     B HOH E . ? 0.1400 0.0843 0.1963 0.0539  0.1302  0.0675  226 HOH A O     
307 O O     . HOH E . ? 0.0555 0.0961 0.0998 0.0118  0.0050  -0.0099 227 HOH A O     
308 O O     . HOH E . ? 0.0868 0.2624 0.3013 0.0175  0.0115  0.1724  228 HOH A O     
309 O O     A HOH E . ? 0.0801 0.0442 0.0712 0.0162  -0.0308 -0.0125 229 HOH A O     
310 O O     B HOH E . ? 0.0578 0.1221 0.1091 -0.0402 0.0368  -0.0969 229 HOH A O     
311 O O     . HOH E . ? 0.0954 0.0931 0.0801 -0.0307 0.0010  -0.0145 230 HOH A O     
312 O O     A HOH E . ? 0.1367 0.0682 0.0681 0.0048  0.0115  -0.0127 231 HOH A O     
313 O O     B HOH E . ? 0.2052 0.1019 0.1987 -0.0008 -0.0475 -0.0959 231 HOH A O     
314 O O     . HOH E . ? 0.0638 0.1737 0.1053 0.0493  -0.0301 -0.0659 232 HOH A O     
315 O O     . HOH E . ? 0.1903 0.1883 0.2633 0.1093  0.0660  0.0762  233 HOH A O     
316 O O     . HOH E . ? 0.4218 0.1201 0.1713 -0.0941 0.1505  -0.0302 234 HOH A O     
317 O O     . HOH E . ? 0.1417 0.0754 0.1287 0.0226  0.0123  0.0333  235 HOH A O     
318 O O     . HOH E . ? 0.0863 0.2001 0.0878 -0.0267 -0.0217 -0.0255 236 HOH A O     
319 O O     . HOH E . ? 0.1313 0.0741 0.1266 0.0258  -0.0080 -0.0144 237 HOH A O     
320 O O     . HOH E . ? 0.2459 0.0962 0.1479 0.0384  0.0756  0.0446  238 HOH A O     
321 O O     A HOH E . ? 0.3571 0.0473 0.0690 -0.0216 -0.0665 0.0049  239 HOH A O     
322 O O     B HOH E . ? 0.3298 0.2332 0.3725 -0.1344 0.1737  -0.0283 239 HOH A O     
323 O O     . HOH E . ? 0.1346 0.3785 0.3739 -0.0260 -0.0759 0.1686  240 HOH A O     
324 O O     A HOH E . ? 0.0965 0.0670 0.0445 -0.0113 0.0005  0.0039  241 HOH A O     
325 O O     B HOH E . ? 0.1795 0.0937 0.1092 -0.0425 0.0483  -0.0070 241 HOH A O     
326 O O     A HOH E . ? 0.0549 0.1690 0.0578 -0.0058 0.0012  0.0096  242 HOH A O     
327 O O     B HOH E . ? 0.0746 0.2958 0.1666 -0.0030 -0.0124 -0.1659 242 HOH A O     
328 O O     . HOH E . ? 0.1423 0.0846 0.1810 0.0503  0.0302  0.0295  243 HOH A O     
329 O O     . HOH E . ? 0.1157 0.1067 0.0277 -0.0078 0.0034  -0.0073 244 HOH A O     
330 O O     A HOH E . ? 0.1026 0.1137 0.0863 0.0199  -0.0186 -0.0258 245 HOH A O     
331 O O     B HOH E . ? 0.0982 0.1189 0.0653 -0.0106 -0.0156 0.0079  245 HOH A O     
332 O O     . HOH E . ? 0.2384 0.0916 0.0729 -0.0504 0.0056  0.0029  246 HOH A O     
333 O O     . HOH E . ? 0.1109 0.0815 0.0788 -0.0293 -0.0045 -0.0224 247 HOH A O     
334 O O     . HOH E . ? 0.1861 0.0793 0.0525 -0.0418 0.0070  -0.0137 248 HOH A O     
335 O O     . HOH E . ? 0.0872 0.0337 0.0729 0.0001  -0.0148 -0.0039 249 HOH A O     
336 O O     . HOH E . ? 0.0977 0.0683 0.0587 0.0497  0.0029  0.0108  250 HOH A O     
337 O O     . HOH E . ? 0.0899 0.0926 0.0601 -0.0313 0.0193  -0.0049 251 HOH A O     
338 O O     . HOH E . ? 0.1421 0.0848 0.0767 -0.0076 -0.0074 -0.0110 252 HOH A O     
339 O O     . HOH E . ? 0.3723 0.2167 0.2964 0.0976  -0.1227 0.0154  253 HOH A O     
340 O O     . HOH E . ? 0.0477 0.1085 0.0378 0.0144  -0.0099 -0.0004 254 HOH A O     
341 O O     . HOH E . ? 0.1846 0.1474 0.1334 0.0365  0.0071  -0.0518 255 HOH A O     
342 O O     . HOH E . ? 0.1147 0.1230 0.1816 -0.0102 -0.0384 -0.0546 256 HOH A O     
343 O O     . HOH E . ? 0.7462 0.2505 0.4259 -0.3550 0.1387  -0.0795 257 HOH A O     
344 O O     . HOH E . ? 0.2202 0.2281 0.1511 -0.0748 0.0399  -0.1118 258 HOH A O     
345 O O     . HOH E . ? 0.5483 0.1640 0.4496 0.1276  0.0639  -0.0240 259 HOH A O     
346 O O     A HOH E . ? 0.0600 0.0673 0.0801 0.0216  -0.0150 0.0002  260 HOH A O     
347 O O     B HOH E . ? 0.1812 0.3340 0.1146 -0.0589 0.0113  0.1297  260 HOH A O     
348 O O     . HOH E . ? 0.1842 0.3211 0.0534 0.1444  0.0102  -0.0208 261 HOH A O     
349 O O     . HOH E . ? 0.3219 0.1118 0.4497 -0.0821 -0.1924 0.0142  262 HOH A O     
350 O O     A HOH E . ? 0.1423 0.3012 0.4965 0.1086  -0.1078 -0.2307 263 HOH A O     
351 O O     B HOH E . ? 0.3039 0.6596 0.4089 -0.2590 -0.1083 0.0258  263 HOH A O     
352 O O     . HOH E . ? 0.1004 0.1398 0.0506 -0.0595 0.0083  -0.0003 264 HOH A O     
353 O O     . HOH E . ? 0.1529 0.1228 0.0856 0.0445  -0.0133 -0.0003 265 HOH A O     
354 O O     . HOH E . ? 0.6333 1.1347 0.2355 -0.1460 -0.0498 0.1228  266 HOH A O     
355 O O     . HOH E . ? 0.7349 0.7803 0.2036 0.4231  -0.1214 -0.1176 267 HOH A O     
356 O O     . HOH E . ? 0.2335 0.2627 0.1783 -0.0392 -0.0577 -0.1424 268 HOH A O     
357 O O     . HOH F . ? 0.1100 0.1365 0.0562 -0.0417 -0.0052 0.0064  101 HOH B O     
358 O O     . HOH F . ? 0.1394 0.9604 0.4242 -0.1586 -0.1114 0.3367  102 HOH B O     
359 O O     . HOH F . ? 0.1409 0.1023 0.0721 -0.0005 0.0095  0.0082  103 HOH B O     
360 O O     . HOH F . ? 0.6887 0.2244 0.6036 0.1562  0.4919  0.0965  104 HOH B O     
361 O O     . HOH F . ? 0.0921 0.3539 0.1408 0.0350  -0.0265 -0.0600 105 HOH B O     
362 O O     . HOH F . ? 0.0652 0.1200 0.0610 0.0237  0.0098  0.0163  106 HOH B O     
363 O O     A HOH F . ? 0.0794 0.0902 0.0615 0.0013  0.0050  -0.0235 107 HOH B O     
364 O O     B HOH F . ? 0.1025 0.0625 0.0557 -0.0472 -0.0128 -0.0013 107 HOH B O     
365 O O     . HOH F . ? 0.1021 0.1708 0.0672 -0.0318 -0.0112 0.0087  108 HOH B O     
366 O O     . HOH F . ? 0.0567 0.0750 0.0507 -0.0091 -0.0057 -0.0048 109 HOH B O     
367 O O     . HOH F . ? 0.0606 0.0652 0.0575 -0.0171 -0.0005 0.0029  110 HOH B O     
368 O O     A HOH F . ? 0.1021 0.2135 0.0971 -0.0545 0.0513  0.0092  111 HOH B O     
369 O O     B HOH F . ? 0.0877 0.2486 0.0976 -0.0093 -0.0157 0.0078  111 HOH B O     
370 O O     A HOH F . ? 0.1975 0.1061 0.2206 -0.0400 -0.0243 0.0465  112 HOH B O     
371 O O     B HOH F . ? 0.0893 0.0849 0.0923 -0.0235 0.0277  -0.0258 112 HOH B O     
372 O O     . HOH F . ? 0.0591 0.0812 0.0619 -0.0008 -0.0020 -0.0109 113 HOH B O     
373 O O     . HOH F . ? 0.0765 0.1034 0.0771 -0.0073 0.0001  0.0247  114 HOH B O     
374 O O     . HOH F . ? 0.2245 0.0667 0.0725 -0.0268 0.0104  0.0173  115 HOH B O     
375 O O     A HOH F . ? 0.0522 0.0580 0.0431 0.0050  -0.0055 -0.0075 116 HOH B O     
376 O O     B HOH F . ? 0.1015 0.1475 0.0772 0.0261  -0.0588 -0.0041 116 HOH B O     
377 O O     . HOH F . ? 0.0635 0.1110 0.1994 -0.0231 0.0219  -0.0467 117 HOH B O     
378 O O     . HOH F . ? 0.3650 0.0811 0.0669 0.0316  0.0802  0.0139  118 HOH B O     
379 O O     . HOH F . ? 0.0706 0.0731 0.0564 -0.0162 0.0035  0.0014  119 HOH B O     
380 O O     A HOH F . ? 0.1446 0.1890 0.0523 0.0987  0.0190  0.0258  120 HOH B O     
381 O O     B HOH F . ? 0.0808 0.1178 0.3846 0.0291  -0.0438 -0.0890 120 HOH B O     
382 O O     . HOH F . ? 0.0873 0.2241 0.0701 0.0231  0.0028  -0.0438 121 HOH B O     
383 O O     A HOH F . ? 0.0622 0.0533 0.0805 0.0046  0.0093  -0.0110 122 HOH B O     
384 O O     B HOH F . ? 0.0733 0.1164 0.3236 0.0216  0.0025  -0.1004 122 HOH B O     
385 O O     A HOH F . ? 0.1364 0.1258 0.1070 0.0298  -0.0192 0.0128  123 HOH B O     
386 O O     B HOH F . ? 0.2543 0.2273 0.1932 0.1792  0.0608  0.0861  123 HOH B O     
387 O O     A HOH F . ? 0.2024 0.1002 0.1156 0.0268  0.0046  -0.0217 124 HOH B O     
388 O O     B HOH F . ? 0.1696 0.0897 0.1006 0.0183  -0.0189 -0.0152 124 HOH B O     
389 O O     . HOH F . ? 0.0955 0.2336 0.1058 -0.0330 -0.0057 0.0851  125 HOH B O     
390 O O     . HOH F . ? 0.0582 0.1153 0.1915 -0.0173 0.0003  0.0537  126 HOH B O     
391 O O     A HOH F . ? 0.0635 0.1174 0.0968 -0.0293 -0.0048 -0.0034 127 HOH B O     
392 O O     B HOH F . ? 0.1119 0.1571 0.1455 -0.0108 -0.0450 -0.0751 127 HOH B O     
393 O O     A HOH F . ? 0.0692 0.0749 0.0706 -0.0001 0.0016  -0.0139 128 HOH B O     
394 O O     B HOH F . ? 0.4957 0.2156 0.3605 0.0899  0.1454  -0.1070 128 HOH B O     
395 O O     . HOH F . ? 0.1556 0.0937 0.1157 0.0752  0.0367  0.0419  129 HOH B O     
396 O O     A HOH F . ? 0.0958 0.0734 0.1156 -0.0091 0.0149  -0.0078 130 HOH B O     
397 O O     B HOH F . ? 0.3159 0.1583 0.1364 -0.1093 -0.0175 0.0084  130 HOH B O     
398 O O     . HOH F . ? 0.1590 0.3303 0.1648 -0.1003 0.0705  -0.1424 131 HOH B O     
399 O O     . HOH F . ? 0.1199 0.0349 0.1385 0.0003  -0.0132 0.0181  132 HOH B O     
400 O O     . HOH F . ? 0.1724 0.1023 0.0693 0.0540  0.0336  0.0112  133 HOH B O     
401 O O     . HOH F . ? 0.1619 0.0594 0.1041 -0.0165 0.0518  -0.0127 134 HOH B O     
402 O O     . HOH F . ? 0.0630 0.0571 0.0673 0.0109  0.0156  0.0090  135 HOH B O     
403 O O     . HOH F . ? 0.0960 0.1092 0.1114 0.0342  0.0029  -0.0036 136 HOH B O     
404 O O     . HOH F . ? 0.1746 0.3649 0.0897 -0.2002 -0.0405 0.1019  137 HOH B O     
405 O O     . HOH F . ? 0.0944 0.0808 0.0507 -0.0277 -0.0123 0.0012  138 HOH B O     
406 O O     . HOH F . ? 0.1074 0.2754 0.0877 0.0906  -0.0083 0.0040  139 HOH B O     
407 O O     A HOH F . ? 0.1439 0.0927 0.1120 -0.0301 0.0436  -0.0521 140 HOH B O     
408 O O     B HOH F . ? 0.1428 0.0738 0.1004 -0.0034 -0.0371 0.0104  140 HOH B O     
409 O O     . HOH F . ? 0.1232 0.1153 0.0789 0.0251  -0.0246 0.0239  141 HOH B O     
410 O O     A HOH F . ? 0.2140 0.2156 0.0570 -0.1315 0.0210  0.0031  142 HOH B O     
411 O O     B HOH F . ? 0.1981 0.2096 0.3088 -0.0410 0.1031  -0.1423 142 HOH B O     
412 O O     A HOH F . ? 0.2405 0.0713 0.0987 -0.0152 0.0005  -0.0144 143 HOH B O     
413 O O     B HOH F . ? 0.1281 0.1974 0.1073 -0.0933 -0.0506 0.1020  143 HOH B O     
414 O O     . HOH F . ? 0.0609 0.0469 0.0267 -0.0107 0.0083  -0.0009 144 HOH B O     
415 O O     . HOH F . ? 0.3445 0.0887 0.2351 -0.0219 0.0214  -0.0552 145 HOH B O     
416 O O     . HOH F . ? 0.0758 0.0405 0.1218 -0.0073 -0.0240 -0.0248 146 HOH B O     
417 O O     . HOH F . ? 0.0547 0.0768 0.0592 -0.0109 0.0037  -0.0136 147 HOH B O     
418 O O     . HOH F . ? 0.2337 0.1392 0.1036 0.0567  0.0655  0.0322  148 HOH B O     
419 O O     . HOH F . ? 0.0429 0.0652 0.0662 0.0120  -0.0071 -0.0124 149 HOH B O     
420 O O     . HOH F . ? 0.2480 0.2490 0.2187 0.0614  0.0064  0.1449  150 HOH B O     
421 O O     . HOH F . ? 0.4833 0.1729 0.0957 0.1312  -0.1096 -0.0697 151 HOH B O     
422 O O     . HOH F . ? 0.4679 0.2795 0.2533 -0.2944 0.0204  -0.0287 152 HOH B O     
423 O O     A HOH F . ? 0.3384 0.1747 0.3959 0.1353  0.2769  0.1768  153 HOH B O     
424 O O     B HOH F . ? 0.5973 0.1829 0.3875 0.2646  0.1007  0.0452  153 HOH B O     
# 
